data_8IIQ
# 
_entry.id   8IIQ 
# 
_audit_conform.dict_name       mmcif_pdbx.dic 
_audit_conform.dict_version    5.392 
_audit_conform.dict_location   http://mmcif.pdb.org/dictionaries/ascii/mmcif_pdbx.dic 
# 
loop_
_database_2.database_id 
_database_2.database_code 
_database_2.pdbx_database_accession 
_database_2.pdbx_DOI 
PDB   8IIQ         pdb_00008iiq 10.2210/pdb8iiq/pdb 
WWPDB D_1300035722 ?            ?                   
# 
loop_
_pdbx_audit_revision_history.ordinal 
_pdbx_audit_revision_history.data_content_type 
_pdbx_audit_revision_history.major_revision 
_pdbx_audit_revision_history.minor_revision 
_pdbx_audit_revision_history.revision_date 
1 'Structure model' 1 0 2023-06-21 
2 'Structure model' 1 1 2023-08-02 
3 'Structure model' 1 2 2024-05-29 
# 
_pdbx_audit_revision_details.ordinal             1 
_pdbx_audit_revision_details.revision_ordinal    1 
_pdbx_audit_revision_details.data_content_type   'Structure model' 
_pdbx_audit_revision_details.provider            repository 
_pdbx_audit_revision_details.type                'Initial release' 
_pdbx_audit_revision_details.description         ? 
_pdbx_audit_revision_details.details             ? 
# 
loop_
_pdbx_audit_revision_group.ordinal 
_pdbx_audit_revision_group.revision_ordinal 
_pdbx_audit_revision_group.data_content_type 
_pdbx_audit_revision_group.group 
1 2 'Structure model' 'Database references' 
2 3 'Structure model' 'Data collection'     
# 
loop_
_pdbx_audit_revision_category.ordinal 
_pdbx_audit_revision_category.revision_ordinal 
_pdbx_audit_revision_category.data_content_type 
_pdbx_audit_revision_category.category 
1 2 'Structure model' citation       
2 3 'Structure model' chem_comp_atom 
3 3 'Structure model' chem_comp_bond 
# 
loop_
_pdbx_audit_revision_item.ordinal 
_pdbx_audit_revision_item.revision_ordinal 
_pdbx_audit_revision_item.data_content_type 
_pdbx_audit_revision_item.item 
1 2 'Structure model' '_citation.journal_volume' 
2 2 'Structure model' '_citation.page_first'     
3 2 'Structure model' '_citation.page_last'      
# 
_pdbx_database_status.status_code                     REL 
_pdbx_database_status.status_code_sf                  REL 
_pdbx_database_status.status_code_mr                  ? 
_pdbx_database_status.entry_id                        8IIQ 
_pdbx_database_status.recvd_initial_deposition_date   2023-02-24 
_pdbx_database_status.SG_entry                        N 
_pdbx_database_status.deposit_site                    PDBJ 
_pdbx_database_status.process_site                    PDBJ 
_pdbx_database_status.status_code_cs                  ? 
_pdbx_database_status.status_code_nmr_data            ? 
_pdbx_database_status.methods_development_category    ? 
_pdbx_database_status.pdb_format_compatible           Y 
# 
loop_
_pdbx_contact_author.id 
_pdbx_contact_author.email 
_pdbx_contact_author.name_first 
_pdbx_contact_author.name_last 
_pdbx_contact_author.name_mi 
_pdbx_contact_author.role 
_pdbx_contact_author.identifier_ORCID 
2 varshney@iisc.ac.in Umesh           Varshney ? 'principal investigator/group leader' 0000-0003-3196-5908 
3 bgopal@iisc.ac.in   Balasubramanian Gopal    ? 'principal investigator/group leader' 0000-0001-9097-5052 
# 
_audit_author.name               'Aroli, S.' 
_audit_author.pdbx_ordinal       1 
_audit_author.identifier_ORCID   0000-0002-9834-2134 
# 
_citation.abstract                  ? 
_citation.abstract_id_CAS           ? 
_citation.book_id_ISBN              ? 
_citation.book_publisher            ? 
_citation.book_publisher_city       ? 
_citation.book_title                ? 
_citation.coordinate_linkage        ? 
_citation.country                   UK 
_citation.database_id_Medline       ? 
_citation.details                   ? 
_citation.id                        primary 
_citation.journal_abbrev            'Nucleic Acids Res.' 
_citation.journal_id_ASTM           NARHAD 
_citation.journal_id_CSD            0389 
_citation.journal_id_ISSN           1362-4962 
_citation.journal_full              ? 
_citation.journal_issue             ? 
_citation.journal_volume            51 
_citation.language                  ? 
_citation.page_first                6554 
_citation.page_last                 6565 
_citation.title                     
'Mutational and structural analyses of UdgX: insights into the active site pocket architecture and its evolution.' 
_citation.year                      2023 
_citation.database_id_CSD           ? 
_citation.pdbx_database_id_DOI      10.1093/nar/gkad486 
_citation.pdbx_database_id_PubMed   37283083 
_citation.pdbx_database_id_patent   ? 
_citation.unpublished_flag          ? 
# 
loop_
_citation_author.citation_id 
_citation_author.name 
_citation_author.ordinal 
_citation_author.identifier_ORCID 
primary 'Aroli, S.'    1 0000-0002-9834-2134 
primary 'Woo, E.J.'    2 0000-0001-6983-0270 
primary 'Gopal, B.'    3 0000-0001-9097-5052 
primary 'Varshney, U.' 4 0000-0003-3196-5908 
# 
loop_
_entity.id 
_entity.type 
_entity.src_method 
_entity.pdbx_description 
_entity.formula_weight 
_entity.pdbx_number_of_molecules 
_entity.pdbx_ec 
_entity.pdbx_mutation 
_entity.pdbx_fragment 
_entity.details 
1 polymer     man 'Type-4 uracil-DNA glycosylase' 22038.086 1  3.2.2.27 'H109S, E52N' ? ? 
2 non-polymer syn 'IRON/SULFUR CLUSTER'           351.640   1  ?        ?             ? ? 
3 water       nat water                           18.015    88 ?        ?             ? ? 
# 
_entity_poly.entity_id                      1 
_entity_poly.type                           'polypeptide(L)' 
_entity_poly.nstd_linkage                   no 
_entity_poly.nstd_monomer                   no 
_entity_poly.pdbx_seq_one_letter_code       
;MAGAQDFVPHTADLAELAAAAGECRGCGLYRDATQAVFGAGGRSARIMMIGNQPGDKEDLAGLPFVGPAGRLLDRALEAA
DIDRDALYVTNAVKHFKFTRAAGGKRRISKTPSRTEVVACRPWLIAEMTSVEPDVVVLLGATAAKALLGNDFRVTQHRGE
VLHVDDVPGDPALVATVHPSSLLRGPKEERESAFAGLVDDLRVAADVR
;
_entity_poly.pdbx_seq_one_letter_code_can   
;MAGAQDFVPHTADLAELAAAAGECRGCGLYRDATQAVFGAGGRSARIMMIGNQPGDKEDLAGLPFVGPAGRLLDRALEAA
DIDRDALYVTNAVKHFKFTRAAGGKRRISKTPSRTEVVACRPWLIAEMTSVEPDVVVLLGATAAKALLGNDFRVTQHRGE
VLHVDDVPGDPALVATVHPSSLLRGPKEERESAFAGLVDDLRVAADVR
;
_entity_poly.pdbx_strand_id                 A 
_entity_poly.pdbx_target_identifier         ? 
# 
loop_
_pdbx_entity_nonpoly.entity_id 
_pdbx_entity_nonpoly.name 
_pdbx_entity_nonpoly.comp_id 
2 'IRON/SULFUR CLUSTER' SF4 
3 water                 HOH 
# 
loop_
_entity_poly_seq.entity_id 
_entity_poly_seq.num 
_entity_poly_seq.mon_id 
_entity_poly_seq.hetero 
1 1   MET n 
1 2   ALA n 
1 3   GLY n 
1 4   ALA n 
1 5   GLN n 
1 6   ASP n 
1 7   PHE n 
1 8   VAL n 
1 9   PRO n 
1 10  HIS n 
1 11  THR n 
1 12  ALA n 
1 13  ASP n 
1 14  LEU n 
1 15  ALA n 
1 16  GLU n 
1 17  LEU n 
1 18  ALA n 
1 19  ALA n 
1 20  ALA n 
1 21  ALA n 
1 22  GLY n 
1 23  GLU n 
1 24  CYS n 
1 25  ARG n 
1 26  GLY n 
1 27  CYS n 
1 28  GLY n 
1 29  LEU n 
1 30  TYR n 
1 31  ARG n 
1 32  ASP n 
1 33  ALA n 
1 34  THR n 
1 35  GLN n 
1 36  ALA n 
1 37  VAL n 
1 38  PHE n 
1 39  GLY n 
1 40  ALA n 
1 41  GLY n 
1 42  GLY n 
1 43  ARG n 
1 44  SER n 
1 45  ALA n 
1 46  ARG n 
1 47  ILE n 
1 48  MET n 
1 49  MET n 
1 50  ILE n 
1 51  GLY n 
1 52  ASN n 
1 53  GLN n 
1 54  PRO n 
1 55  GLY n 
1 56  ASP n 
1 57  LYS n 
1 58  GLU n 
1 59  ASP n 
1 60  LEU n 
1 61  ALA n 
1 62  GLY n 
1 63  LEU n 
1 64  PRO n 
1 65  PHE n 
1 66  VAL n 
1 67  GLY n 
1 68  PRO n 
1 69  ALA n 
1 70  GLY n 
1 71  ARG n 
1 72  LEU n 
1 73  LEU n 
1 74  ASP n 
1 75  ARG n 
1 76  ALA n 
1 77  LEU n 
1 78  GLU n 
1 79  ALA n 
1 80  ALA n 
1 81  ASP n 
1 82  ILE n 
1 83  ASP n 
1 84  ARG n 
1 85  ASP n 
1 86  ALA n 
1 87  LEU n 
1 88  TYR n 
1 89  VAL n 
1 90  THR n 
1 91  ASN n 
1 92  ALA n 
1 93  VAL n 
1 94  LYS n 
1 95  HIS n 
1 96  PHE n 
1 97  LYS n 
1 98  PHE n 
1 99  THR n 
1 100 ARG n 
1 101 ALA n 
1 102 ALA n 
1 103 GLY n 
1 104 GLY n 
1 105 LYS n 
1 106 ARG n 
1 107 ARG n 
1 108 ILE n 
1 109 SER n 
1 110 LYS n 
1 111 THR n 
1 112 PRO n 
1 113 SER n 
1 114 ARG n 
1 115 THR n 
1 116 GLU n 
1 117 VAL n 
1 118 VAL n 
1 119 ALA n 
1 120 CYS n 
1 121 ARG n 
1 122 PRO n 
1 123 TRP n 
1 124 LEU n 
1 125 ILE n 
1 126 ALA n 
1 127 GLU n 
1 128 MET n 
1 129 THR n 
1 130 SER n 
1 131 VAL n 
1 132 GLU n 
1 133 PRO n 
1 134 ASP n 
1 135 VAL n 
1 136 VAL n 
1 137 VAL n 
1 138 LEU n 
1 139 LEU n 
1 140 GLY n 
1 141 ALA n 
1 142 THR n 
1 143 ALA n 
1 144 ALA n 
1 145 LYS n 
1 146 ALA n 
1 147 LEU n 
1 148 LEU n 
1 149 GLY n 
1 150 ASN n 
1 151 ASP n 
1 152 PHE n 
1 153 ARG n 
1 154 VAL n 
1 155 THR n 
1 156 GLN n 
1 157 HIS n 
1 158 ARG n 
1 159 GLY n 
1 160 GLU n 
1 161 VAL n 
1 162 LEU n 
1 163 HIS n 
1 164 VAL n 
1 165 ASP n 
1 166 ASP n 
1 167 VAL n 
1 168 PRO n 
1 169 GLY n 
1 170 ASP n 
1 171 PRO n 
1 172 ALA n 
1 173 LEU n 
1 174 VAL n 
1 175 ALA n 
1 176 THR n 
1 177 VAL n 
1 178 HIS n 
1 179 PRO n 
1 180 SER n 
1 181 SER n 
1 182 LEU n 
1 183 LEU n 
1 184 ARG n 
1 185 GLY n 
1 186 PRO n 
1 187 LYS n 
1 188 GLU n 
1 189 GLU n 
1 190 ARG n 
1 191 GLU n 
1 192 SER n 
1 193 ALA n 
1 194 PHE n 
1 195 ALA n 
1 196 GLY n 
1 197 LEU n 
1 198 VAL n 
1 199 ASP n 
1 200 ASP n 
1 201 LEU n 
1 202 ARG n 
1 203 VAL n 
1 204 ALA n 
1 205 ALA n 
1 206 ASP n 
1 207 VAL n 
1 208 ARG n 
# 
_entity_src_gen.entity_id                          1 
_entity_src_gen.pdbx_src_id                        1 
_entity_src_gen.pdbx_alt_source_flag               sample 
_entity_src_gen.pdbx_seq_type                      'Biological sequence' 
_entity_src_gen.pdbx_beg_seq_num                   1 
_entity_src_gen.pdbx_end_seq_num                   208 
_entity_src_gen.gene_src_common_name               ? 
_entity_src_gen.gene_src_genus                     ? 
_entity_src_gen.pdbx_gene_src_gene                 MSMEG_0265 
_entity_src_gen.gene_src_species                   ? 
_entity_src_gen.gene_src_strain                    'MC2 155' 
_entity_src_gen.gene_src_tissue                    ? 
_entity_src_gen.gene_src_tissue_fraction           ? 
_entity_src_gen.gene_src_details                   ? 
_entity_src_gen.pdbx_gene_src_fragment             ? 
_entity_src_gen.pdbx_gene_src_scientific_name      'Mycolicibacterium smegmatis MC2 155' 
_entity_src_gen.pdbx_gene_src_ncbi_taxonomy_id     246196 
_entity_src_gen.pdbx_gene_src_variant              ? 
_entity_src_gen.pdbx_gene_src_cell_line            ? 
_entity_src_gen.pdbx_gene_src_atcc                 700084 
_entity_src_gen.pdbx_gene_src_organ                ? 
_entity_src_gen.pdbx_gene_src_organelle            ? 
_entity_src_gen.pdbx_gene_src_cell                 ? 
_entity_src_gen.pdbx_gene_src_cellular_location    ? 
_entity_src_gen.host_org_common_name               ? 
_entity_src_gen.pdbx_host_org_scientific_name      'Escherichia coli BL21(DE3)' 
_entity_src_gen.pdbx_host_org_ncbi_taxonomy_id     469008 
_entity_src_gen.host_org_genus                     ? 
_entity_src_gen.pdbx_host_org_gene                 ? 
_entity_src_gen.pdbx_host_org_organ                ? 
_entity_src_gen.host_org_species                   ? 
_entity_src_gen.pdbx_host_org_tissue               ? 
_entity_src_gen.pdbx_host_org_tissue_fraction      ? 
_entity_src_gen.pdbx_host_org_strain               ? 
_entity_src_gen.pdbx_host_org_variant              Rosetta 
_entity_src_gen.pdbx_host_org_cell_line            ? 
_entity_src_gen.pdbx_host_org_atcc                 ? 
_entity_src_gen.pdbx_host_org_culture_collection   ? 
_entity_src_gen.pdbx_host_org_cell                 ? 
_entity_src_gen.pdbx_host_org_organelle            ? 
_entity_src_gen.pdbx_host_org_cellular_location    ? 
_entity_src_gen.pdbx_host_org_vector_type          Plasmid 
_entity_src_gen.pdbx_host_org_vector               ? 
_entity_src_gen.host_org_details                   ? 
_entity_src_gen.expression_system_id               ? 
_entity_src_gen.plasmid_name                       pET14b 
_entity_src_gen.plasmid_details                    ? 
_entity_src_gen.pdbx_description                   ? 
# 
loop_
_chem_comp.id 
_chem_comp.type 
_chem_comp.mon_nstd_flag 
_chem_comp.name 
_chem_comp.pdbx_synonyms 
_chem_comp.formula 
_chem_comp.formula_weight 
ALA 'L-peptide linking' y ALANINE               ? 'C3 H7 N O2'     89.093  
ARG 'L-peptide linking' y ARGININE              ? 'C6 H15 N4 O2 1' 175.209 
ASN 'L-peptide linking' y ASPARAGINE            ? 'C4 H8 N2 O3'    132.118 
ASP 'L-peptide linking' y 'ASPARTIC ACID'       ? 'C4 H7 N O4'     133.103 
CYS 'L-peptide linking' y CYSTEINE              ? 'C3 H7 N O2 S'   121.158 
GLN 'L-peptide linking' y GLUTAMINE             ? 'C5 H10 N2 O3'   146.144 
GLU 'L-peptide linking' y 'GLUTAMIC ACID'       ? 'C5 H9 N O4'     147.129 
GLY 'peptide linking'   y GLYCINE               ? 'C2 H5 N O2'     75.067  
HIS 'L-peptide linking' y HISTIDINE             ? 'C6 H10 N3 O2 1' 156.162 
HOH non-polymer         . WATER                 ? 'H2 O'           18.015  
ILE 'L-peptide linking' y ISOLEUCINE            ? 'C6 H13 N O2'    131.173 
LEU 'L-peptide linking' y LEUCINE               ? 'C6 H13 N O2'    131.173 
LYS 'L-peptide linking' y LYSINE                ? 'C6 H15 N2 O2 1' 147.195 
MET 'L-peptide linking' y METHIONINE            ? 'C5 H11 N O2 S'  149.211 
PHE 'L-peptide linking' y PHENYLALANINE         ? 'C9 H11 N O2'    165.189 
PRO 'L-peptide linking' y PROLINE               ? 'C5 H9 N O2'     115.130 
SER 'L-peptide linking' y SERINE                ? 'C3 H7 N O3'     105.093 
SF4 non-polymer         . 'IRON/SULFUR CLUSTER' ? 'Fe4 S4'         351.640 
THR 'L-peptide linking' y THREONINE             ? 'C4 H9 N O3'     119.119 
TRP 'L-peptide linking' y TRYPTOPHAN            ? 'C11 H12 N2 O2'  204.225 
TYR 'L-peptide linking' y TYROSINE              ? 'C9 H11 N O3'    181.189 
VAL 'L-peptide linking' y VALINE                ? 'C5 H11 N O2'    117.146 
# 
loop_
_pdbx_poly_seq_scheme.asym_id 
_pdbx_poly_seq_scheme.entity_id 
_pdbx_poly_seq_scheme.seq_id 
_pdbx_poly_seq_scheme.mon_id 
_pdbx_poly_seq_scheme.ndb_seq_num 
_pdbx_poly_seq_scheme.pdb_seq_num 
_pdbx_poly_seq_scheme.auth_seq_num 
_pdbx_poly_seq_scheme.pdb_mon_id 
_pdbx_poly_seq_scheme.auth_mon_id 
_pdbx_poly_seq_scheme.pdb_strand_id 
_pdbx_poly_seq_scheme.pdb_ins_code 
_pdbx_poly_seq_scheme.hetero 
A 1 1   MET 1   1   1   MET MET A . n 
A 1 2   ALA 2   2   2   ALA ALA A . n 
A 1 3   GLY 3   3   3   GLY GLY A . n 
A 1 4   ALA 4   4   4   ALA ALA A . n 
A 1 5   GLN 5   5   5   GLN GLN A . n 
A 1 6   ASP 6   6   6   ASP ASP A . n 
A 1 7   PHE 7   7   7   PHE PHE A . n 
A 1 8   VAL 8   8   8   VAL VAL A . n 
A 1 9   PRO 9   9   9   PRO PRO A . n 
A 1 10  HIS 10  10  10  HIS HIS A . n 
A 1 11  THR 11  11  11  THR THR A . n 
A 1 12  ALA 12  12  12  ALA ALA A . n 
A 1 13  ASP 13  13  13  ASP ASP A . n 
A 1 14  LEU 14  14  14  LEU LEU A . n 
A 1 15  ALA 15  15  15  ALA ALA A . n 
A 1 16  GLU 16  16  16  GLU GLU A . n 
A 1 17  LEU 17  17  17  LEU LEU A . n 
A 1 18  ALA 18  18  18  ALA ALA A . n 
A 1 19  ALA 19  19  19  ALA ALA A . n 
A 1 20  ALA 20  20  20  ALA ALA A . n 
A 1 21  ALA 21  21  21  ALA ALA A . n 
A 1 22  GLY 22  22  22  GLY GLY A . n 
A 1 23  GLU 23  23  23  GLU GLU A . n 
A 1 24  CYS 24  24  24  CYS CYS A . n 
A 1 25  ARG 25  25  25  ARG ARG A . n 
A 1 26  GLY 26  26  26  GLY GLY A . n 
A 1 27  CYS 27  27  27  CYS CYS A . n 
A 1 28  GLY 28  28  28  GLY GLY A . n 
A 1 29  LEU 29  29  29  LEU LEU A . n 
A 1 30  TYR 30  30  30  TYR TYR A . n 
A 1 31  ARG 31  31  31  ARG ARG A . n 
A 1 32  ASP 32  32  32  ASP ASP A . n 
A 1 33  ALA 33  33  33  ALA ALA A . n 
A 1 34  THR 34  34  34  THR THR A . n 
A 1 35  GLN 35  35  35  GLN GLN A . n 
A 1 36  ALA 36  36  36  ALA ALA A . n 
A 1 37  VAL 37  37  37  VAL VAL A . n 
A 1 38  PHE 38  38  38  PHE PHE A . n 
A 1 39  GLY 39  39  39  GLY GLY A . n 
A 1 40  ALA 40  40  40  ALA ALA A . n 
A 1 41  GLY 41  41  41  GLY GLY A . n 
A 1 42  GLY 42  42  42  GLY GLY A . n 
A 1 43  ARG 43  43  43  ARG ARG A . n 
A 1 44  SER 44  44  44  SER SER A . n 
A 1 45  ALA 45  45  45  ALA ALA A . n 
A 1 46  ARG 46  46  46  ARG ARG A . n 
A 1 47  ILE 47  47  47  ILE ILE A . n 
A 1 48  MET 48  48  48  MET MET A . n 
A 1 49  MET 49  49  49  MET MET A . n 
A 1 50  ILE 50  50  50  ILE ILE A . n 
A 1 51  GLY 51  51  51  GLY GLY A . n 
A 1 52  ASN 52  52  52  ASN ASN A . n 
A 1 53  GLN 53  53  53  GLN GLN A . n 
A 1 54  PRO 54  54  54  PRO PRO A . n 
A 1 55  GLY 55  55  55  GLY GLY A . n 
A 1 56  ASP 56  56  56  ASP ASP A . n 
A 1 57  LYS 57  57  57  LYS LYS A . n 
A 1 58  GLU 58  58  58  GLU GLU A . n 
A 1 59  ASP 59  59  59  ASP ASP A . n 
A 1 60  LEU 60  60  60  LEU LEU A . n 
A 1 61  ALA 61  61  61  ALA ALA A . n 
A 1 62  GLY 62  62  62  GLY GLY A . n 
A 1 63  LEU 63  63  63  LEU LEU A . n 
A 1 64  PRO 64  64  64  PRO PRO A . n 
A 1 65  PHE 65  65  65  PHE PHE A . n 
A 1 66  VAL 66  66  66  VAL VAL A . n 
A 1 67  GLY 67  67  67  GLY GLY A . n 
A 1 68  PRO 68  68  68  PRO PRO A . n 
A 1 69  ALA 69  69  69  ALA ALA A . n 
A 1 70  GLY 70  70  70  GLY GLY A . n 
A 1 71  ARG 71  71  71  ARG ARG A . n 
A 1 72  LEU 72  72  72  LEU LEU A . n 
A 1 73  LEU 73  73  73  LEU LEU A . n 
A 1 74  ASP 74  74  74  ASP ASP A . n 
A 1 75  ARG 75  75  75  ARG ARG A . n 
A 1 76  ALA 76  76  76  ALA ALA A . n 
A 1 77  LEU 77  77  77  LEU LEU A . n 
A 1 78  GLU 78  78  78  GLU GLU A . n 
A 1 79  ALA 79  79  79  ALA ALA A . n 
A 1 80  ALA 80  80  80  ALA ALA A . n 
A 1 81  ASP 81  81  81  ASP ASP A . n 
A 1 82  ILE 82  82  82  ILE ILE A . n 
A 1 83  ASP 83  83  83  ASP ASP A . n 
A 1 84  ARG 84  84  84  ARG ARG A . n 
A 1 85  ASP 85  85  85  ASP ASP A . n 
A 1 86  ALA 86  86  86  ALA ALA A . n 
A 1 87  LEU 87  87  87  LEU LEU A . n 
A 1 88  TYR 88  88  88  TYR TYR A . n 
A 1 89  VAL 89  89  89  VAL VAL A . n 
A 1 90  THR 90  90  90  THR THR A . n 
A 1 91  ASN 91  91  91  ASN ASN A . n 
A 1 92  ALA 92  92  92  ALA ALA A . n 
A 1 93  VAL 93  93  93  VAL VAL A . n 
A 1 94  LYS 94  94  94  LYS LYS A . n 
A 1 95  HIS 95  95  95  HIS HIS A . n 
A 1 96  PHE 96  96  96  PHE PHE A . n 
A 1 97  LYS 97  97  97  LYS LYS A . n 
A 1 98  PHE 98  98  98  PHE PHE A . n 
A 1 99  THR 99  99  99  THR THR A . n 
A 1 100 ARG 100 100 100 ARG ARG A . n 
A 1 101 ALA 101 101 101 ALA ALA A . n 
A 1 102 ALA 102 102 102 ALA ALA A . n 
A 1 103 GLY 103 103 ?   ?   ?   A . n 
A 1 104 GLY 104 104 ?   ?   ?   A . n 
A 1 105 LYS 105 105 ?   ?   ?   A . n 
A 1 106 ARG 106 106 ?   ?   ?   A . n 
A 1 107 ARG 107 107 107 ARG ARG A . n 
A 1 108 ILE 108 108 108 ILE ILE A . n 
A 1 109 SER 109 109 109 SER SER A . n 
A 1 110 LYS 110 110 110 LYS LYS A . n 
A 1 111 THR 111 111 111 THR THR A . n 
A 1 112 PRO 112 112 112 PRO PRO A . n 
A 1 113 SER 113 113 113 SER SER A . n 
A 1 114 ARG 114 114 114 ARG ARG A . n 
A 1 115 THR 115 115 115 THR THR A . n 
A 1 116 GLU 116 116 116 GLU GLU A . n 
A 1 117 VAL 117 117 117 VAL VAL A . n 
A 1 118 VAL 118 118 118 VAL VAL A . n 
A 1 119 ALA 119 119 119 ALA ALA A . n 
A 1 120 CYS 120 120 120 CYS CYS A . n 
A 1 121 ARG 121 121 121 ARG ARG A . n 
A 1 122 PRO 122 122 122 PRO PRO A . n 
A 1 123 TRP 123 123 123 TRP TRP A . n 
A 1 124 LEU 124 124 124 LEU LEU A . n 
A 1 125 ILE 125 125 125 ILE ILE A . n 
A 1 126 ALA 126 126 126 ALA ALA A . n 
A 1 127 GLU 127 127 127 GLU GLU A . n 
A 1 128 MET 128 128 128 MET MET A . n 
A 1 129 THR 129 129 129 THR THR A . n 
A 1 130 SER 130 130 130 SER SER A . n 
A 1 131 VAL 131 131 131 VAL VAL A . n 
A 1 132 GLU 132 132 132 GLU GLU A . n 
A 1 133 PRO 133 133 133 PRO PRO A . n 
A 1 134 ASP 134 134 134 ASP ASP A . n 
A 1 135 VAL 135 135 135 VAL VAL A . n 
A 1 136 VAL 136 136 136 VAL VAL A . n 
A 1 137 VAL 137 137 137 VAL VAL A . n 
A 1 138 LEU 138 138 138 LEU LEU A . n 
A 1 139 LEU 139 139 139 LEU LEU A . n 
A 1 140 GLY 140 140 140 GLY GLY A . n 
A 1 141 ALA 141 141 141 ALA ALA A . n 
A 1 142 THR 142 142 142 THR THR A . n 
A 1 143 ALA 143 143 143 ALA ALA A . n 
A 1 144 ALA 144 144 144 ALA ALA A . n 
A 1 145 LYS 145 145 145 LYS LYS A . n 
A 1 146 ALA 146 146 146 ALA ALA A . n 
A 1 147 LEU 147 147 147 LEU LEU A . n 
A 1 148 LEU 148 148 148 LEU LEU A . n 
A 1 149 GLY 149 149 149 GLY GLY A . n 
A 1 150 ASN 150 150 150 ASN ASN A . n 
A 1 151 ASP 151 151 151 ASP ASP A . n 
A 1 152 PHE 152 152 152 PHE PHE A . n 
A 1 153 ARG 153 153 153 ARG ARG A . n 
A 1 154 VAL 154 154 154 VAL VAL A . n 
A 1 155 THR 155 155 155 THR THR A . n 
A 1 156 GLN 156 156 156 GLN GLN A . n 
A 1 157 HIS 157 157 157 HIS HIS A . n 
A 1 158 ARG 158 158 158 ARG ARG A . n 
A 1 159 GLY 159 159 159 GLY GLY A . n 
A 1 160 GLU 160 160 160 GLU GLU A . n 
A 1 161 VAL 161 161 161 VAL VAL A . n 
A 1 162 LEU 162 162 162 LEU LEU A . n 
A 1 163 HIS 163 163 163 HIS HIS A . n 
A 1 164 VAL 164 164 164 VAL VAL A . n 
A 1 165 ASP 165 165 165 ASP ASP A . n 
A 1 166 ASP 166 166 166 ASP ASP A . n 
A 1 167 VAL 167 167 167 VAL VAL A . n 
A 1 168 PRO 168 168 168 PRO PRO A . n 
A 1 169 GLY 169 169 169 GLY GLY A . n 
A 1 170 ASP 170 170 170 ASP ASP A . n 
A 1 171 PRO 171 171 171 PRO PRO A . n 
A 1 172 ALA 172 172 172 ALA ALA A . n 
A 1 173 LEU 173 173 173 LEU LEU A . n 
A 1 174 VAL 174 174 174 VAL VAL A . n 
A 1 175 ALA 175 175 175 ALA ALA A . n 
A 1 176 THR 176 176 176 THR THR A . n 
A 1 177 VAL 177 177 177 VAL VAL A . n 
A 1 178 HIS 178 178 178 HIS HIS A . n 
A 1 179 PRO 179 179 179 PRO PRO A . n 
A 1 180 SER 180 180 180 SER SER A . n 
A 1 181 SER 181 181 181 SER SER A . n 
A 1 182 LEU 182 182 182 LEU LEU A . n 
A 1 183 LEU 183 183 183 LEU LEU A . n 
A 1 184 ARG 184 184 184 ARG ARG A . n 
A 1 185 GLY 185 185 185 GLY GLY A . n 
A 1 186 PRO 186 186 186 PRO PRO A . n 
A 1 187 LYS 187 187 187 LYS LYS A . n 
A 1 188 GLU 188 188 188 GLU GLU A . n 
A 1 189 GLU 189 189 189 GLU GLU A . n 
A 1 190 ARG 190 190 190 ARG ARG A . n 
A 1 191 GLU 191 191 191 GLU GLU A . n 
A 1 192 SER 192 192 192 SER SER A . n 
A 1 193 ALA 193 193 193 ALA ALA A . n 
A 1 194 PHE 194 194 194 PHE PHE A . n 
A 1 195 ALA 195 195 195 ALA ALA A . n 
A 1 196 GLY 196 196 196 GLY GLY A . n 
A 1 197 LEU 197 197 197 LEU LEU A . n 
A 1 198 VAL 198 198 198 VAL VAL A . n 
A 1 199 ASP 199 199 199 ASP ASP A . n 
A 1 200 ASP 200 200 200 ASP ASP A . n 
A 1 201 LEU 201 201 201 LEU LEU A . n 
A 1 202 ARG 202 202 202 ARG ARG A . n 
A 1 203 VAL 203 203 203 VAL VAL A . n 
A 1 204 ALA 204 204 204 ALA ALA A . n 
A 1 205 ALA 205 205 205 ALA ALA A . n 
A 1 206 ASP 206 206 206 ASP ASP A . n 
A 1 207 VAL 207 207 207 VAL VAL A . n 
A 1 208 ARG 208 208 208 ARG ARG A . n 
# 
loop_
_pdbx_nonpoly_scheme.asym_id 
_pdbx_nonpoly_scheme.entity_id 
_pdbx_nonpoly_scheme.mon_id 
_pdbx_nonpoly_scheme.ndb_seq_num 
_pdbx_nonpoly_scheme.pdb_seq_num 
_pdbx_nonpoly_scheme.auth_seq_num 
_pdbx_nonpoly_scheme.pdb_mon_id 
_pdbx_nonpoly_scheme.auth_mon_id 
_pdbx_nonpoly_scheme.pdb_strand_id 
_pdbx_nonpoly_scheme.pdb_ins_code 
B 2 SF4 1  301 301 SF4 SF4 A . 
C 3 HOH 1  401 80  HOH HOH A . 
C 3 HOH 2  402 107 HOH HOH A . 
C 3 HOH 3  403 3   HOH HOH A . 
C 3 HOH 4  404 14  HOH HOH A . 
C 3 HOH 5  405 19  HOH HOH A . 
C 3 HOH 6  406 59  HOH HOH A . 
C 3 HOH 7  407 108 HOH HOH A . 
C 3 HOH 8  408 52  HOH HOH A . 
C 3 HOH 9  409 73  HOH HOH A . 
C 3 HOH 10 410 60  HOH HOH A . 
C 3 HOH 11 411 72  HOH HOH A . 
C 3 HOH 12 412 28  HOH HOH A . 
C 3 HOH 13 413 46  HOH HOH A . 
C 3 HOH 14 414 16  HOH HOH A . 
C 3 HOH 15 415 50  HOH HOH A . 
C 3 HOH 16 416 58  HOH HOH A . 
C 3 HOH 17 417 31  HOH HOH A . 
C 3 HOH 18 418 42  HOH HOH A . 
C 3 HOH 19 419 15  HOH HOH A . 
C 3 HOH 20 420 13  HOH HOH A . 
C 3 HOH 21 421 55  HOH HOH A . 
C 3 HOH 22 422 18  HOH HOH A . 
C 3 HOH 23 423 7   HOH HOH A . 
C 3 HOH 24 424 69  HOH HOH A . 
C 3 HOH 25 425 6   HOH HOH A . 
C 3 HOH 26 426 22  HOH HOH A . 
C 3 HOH 27 427 43  HOH HOH A . 
C 3 HOH 28 428 41  HOH HOH A . 
C 3 HOH 29 429 17  HOH HOH A . 
C 3 HOH 30 430 26  HOH HOH A . 
C 3 HOH 31 431 86  HOH HOH A . 
C 3 HOH 32 432 21  HOH HOH A . 
C 3 HOH 33 433 32  HOH HOH A . 
C 3 HOH 34 434 44  HOH HOH A . 
C 3 HOH 35 435 68  HOH HOH A . 
C 3 HOH 36 436 62  HOH HOH A . 
C 3 HOH 37 437 11  HOH HOH A . 
C 3 HOH 38 438 39  HOH HOH A . 
C 3 HOH 39 439 48  HOH HOH A . 
C 3 HOH 40 440 38  HOH HOH A . 
C 3 HOH 41 441 1   HOH HOH A . 
C 3 HOH 42 442 47  HOH HOH A . 
C 3 HOH 43 443 12  HOH HOH A . 
C 3 HOH 44 444 5   HOH HOH A . 
C 3 HOH 45 445 35  HOH HOH A . 
C 3 HOH 46 446 51  HOH HOH A . 
C 3 HOH 47 447 10  HOH HOH A . 
C 3 HOH 48 448 75  HOH HOH A . 
C 3 HOH 49 449 61  HOH HOH A . 
C 3 HOH 50 450 45  HOH HOH A . 
C 3 HOH 51 451 30  HOH HOH A . 
C 3 HOH 52 452 34  HOH HOH A . 
C 3 HOH 53 453 57  HOH HOH A . 
C 3 HOH 54 454 27  HOH HOH A . 
C 3 HOH 55 455 37  HOH HOH A . 
C 3 HOH 56 456 4   HOH HOH A . 
C 3 HOH 57 457 23  HOH HOH A . 
C 3 HOH 58 458 33  HOH HOH A . 
C 3 HOH 59 459 66  HOH HOH A . 
C 3 HOH 60 460 20  HOH HOH A . 
C 3 HOH 61 461 105 HOH HOH A . 
C 3 HOH 62 462 25  HOH HOH A . 
C 3 HOH 63 463 8   HOH HOH A . 
C 3 HOH 64 464 88  HOH HOH A . 
C 3 HOH 65 465 2   HOH HOH A . 
C 3 HOH 66 466 29  HOH HOH A . 
C 3 HOH 67 467 74  HOH HOH A . 
C 3 HOH 68 468 9   HOH HOH A . 
C 3 HOH 69 469 91  HOH HOH A . 
C 3 HOH 70 470 24  HOH HOH A . 
C 3 HOH 71 471 104 HOH HOH A . 
C 3 HOH 72 472 65  HOH HOH A . 
C 3 HOH 73 473 53  HOH HOH A . 
C 3 HOH 74 474 92  HOH HOH A . 
C 3 HOH 75 475 63  HOH HOH A . 
C 3 HOH 76 476 82  HOH HOH A . 
C 3 HOH 77 477 85  HOH HOH A . 
C 3 HOH 78 478 89  HOH HOH A . 
C 3 HOH 79 479 67  HOH HOH A . 
C 3 HOH 80 480 103 HOH HOH A . 
C 3 HOH 81 481 64  HOH HOH A . 
C 3 HOH 82 482 40  HOH HOH A . 
C 3 HOH 83 483 36  HOH HOH A . 
C 3 HOH 84 484 49  HOH HOH A . 
C 3 HOH 85 485 70  HOH HOH A . 
C 3 HOH 86 486 84  HOH HOH A . 
C 3 HOH 87 487 71  HOH HOH A . 
C 3 HOH 88 488 87  HOH HOH A . 
# 
loop_
_pdbx_unobs_or_zero_occ_atoms.id 
_pdbx_unobs_or_zero_occ_atoms.PDB_model_num 
_pdbx_unobs_or_zero_occ_atoms.polymer_flag 
_pdbx_unobs_or_zero_occ_atoms.occupancy_flag 
_pdbx_unobs_or_zero_occ_atoms.auth_asym_id 
_pdbx_unobs_or_zero_occ_atoms.auth_comp_id 
_pdbx_unobs_or_zero_occ_atoms.auth_seq_id 
_pdbx_unobs_or_zero_occ_atoms.PDB_ins_code 
_pdbx_unobs_or_zero_occ_atoms.auth_atom_id 
_pdbx_unobs_or_zero_occ_atoms.label_alt_id 
_pdbx_unobs_or_zero_occ_atoms.label_asym_id 
_pdbx_unobs_or_zero_occ_atoms.label_comp_id 
_pdbx_unobs_or_zero_occ_atoms.label_seq_id 
_pdbx_unobs_or_zero_occ_atoms.label_atom_id 
1  1 Y 1 A ARG 31  ? CG  ? A ARG 31  CG  
2  1 Y 1 A ARG 31  ? CD  ? A ARG 31  CD  
3  1 Y 1 A ARG 31  ? NE  ? A ARG 31  NE  
4  1 Y 1 A ARG 31  ? CZ  ? A ARG 31  CZ  
5  1 Y 1 A ARG 31  ? NH1 ? A ARG 31  NH1 
6  1 Y 1 A ARG 31  ? NH2 ? A ARG 31  NH2 
7  1 Y 1 A LEU 182 ? CD1 ? A LEU 182 CD1 
8  1 Y 1 A LEU 182 ? CD2 ? A LEU 182 CD2 
9  1 Y 1 A LYS 187 ? CG  ? A LYS 187 CG  
10 1 Y 1 A LYS 187 ? CD  ? A LYS 187 CD  
11 1 Y 1 A LYS 187 ? CE  ? A LYS 187 CE  
12 1 Y 1 A LYS 187 ? NZ  ? A LYS 187 NZ  
13 1 Y 1 A GLU 188 ? CG  ? A GLU 188 CG  
14 1 Y 1 A GLU 188 ? CD  ? A GLU 188 CD  
15 1 Y 1 A GLU 188 ? OE1 ? A GLU 188 OE1 
16 1 Y 1 A GLU 188 ? OE2 ? A GLU 188 OE2 
17 1 Y 1 A GLU 189 ? CG  ? A GLU 189 CG  
18 1 Y 1 A GLU 189 ? CD  ? A GLU 189 CD  
19 1 Y 1 A GLU 189 ? OE1 ? A GLU 189 OE1 
20 1 Y 1 A GLU 189 ? OE2 ? A GLU 189 OE2 
# 
loop_
_software.citation_id 
_software.classification 
_software.compiler_name 
_software.compiler_version 
_software.contact_author 
_software.contact_author_email 
_software.date 
_software.description 
_software.dependencies 
_software.hardware 
_software.language 
_software.location 
_software.mods 
_software.name 
_software.os 
_software.os_version 
_software.type 
_software.version 
_software.pdbx_ordinal 
? refinement       ? ? ? ? ? ? ? ? ? ? ? PHENIX  ? ? ? 1.2 1 
? 'data scaling'   ? ? ? ? ? ? ? ? ? ? ? Aimless ? ? ? .   2 
? 'data reduction' ? ? ? ? ? ? ? ? ? ? ? iMOSFLM ? ? ? .   3 
? phasing          ? ? ? ? ? ? ? ? ? ? ? PHASER  ? ? ? .   4 
# 
_cell.angle_alpha                  90.00 
_cell.angle_alpha_esd              ? 
_cell.angle_beta                   104.92 
_cell.angle_beta_esd               ? 
_cell.angle_gamma                  90.00 
_cell.angle_gamma_esd              ? 
_cell.entry_id                     8IIQ 
_cell.details                      ? 
_cell.formula_units_Z              ? 
_cell.length_a                     36.550 
_cell.length_a_esd                 ? 
_cell.length_b                     51.460 
_cell.length_b_esd                 ? 
_cell.length_c                     54.690 
_cell.length_c_esd                 ? 
_cell.volume                       ? 
_cell.volume_esd                   ? 
_cell.Z_PDB                        2 
_cell.reciprocal_angle_alpha       ? 
_cell.reciprocal_angle_beta        ? 
_cell.reciprocal_angle_gamma       ? 
_cell.reciprocal_angle_alpha_esd   ? 
_cell.reciprocal_angle_beta_esd    ? 
_cell.reciprocal_angle_gamma_esd   ? 
_cell.reciprocal_length_a          ? 
_cell.reciprocal_length_b          ? 
_cell.reciprocal_length_c          ? 
_cell.reciprocal_length_a_esd      ? 
_cell.reciprocal_length_b_esd      ? 
_cell.reciprocal_length_c_esd      ? 
_cell.pdbx_unique_axis             ? 
_cell.pdbx_esd_method              ? 
# 
_symmetry.entry_id                         8IIQ 
_symmetry.cell_setting                     ? 
_symmetry.Int_Tables_number                4 
_symmetry.space_group_name_Hall            ? 
_symmetry.space_group_name_H-M             'P 1 21 1' 
_symmetry.pdbx_full_space_group_name_H-M   ? 
# 
_exptl.absorpt_coefficient_mu     ? 
_exptl.absorpt_correction_T_max   ? 
_exptl.absorpt_correction_T_min   ? 
_exptl.absorpt_correction_type    ? 
_exptl.absorpt_process_details    ? 
_exptl.entry_id                   8IIQ 
_exptl.crystals_number            1 
_exptl.details                    ? 
_exptl.method                     'X-RAY DIFFRACTION' 
_exptl.method_details             ? 
# 
_exptl_crystal.colour                       ? 
_exptl_crystal.density_diffrn               ? 
_exptl_crystal.density_Matthews             2.26 
_exptl_crystal.density_method               ? 
_exptl_crystal.density_percent_sol          45.46 
_exptl_crystal.description                  ? 
_exptl_crystal.F_000                        ? 
_exptl_crystal.id                           1 
_exptl_crystal.preparation                  ? 
_exptl_crystal.size_max                     ? 
_exptl_crystal.size_mid                     ? 
_exptl_crystal.size_min                     ? 
_exptl_crystal.size_rad                     ? 
_exptl_crystal.colour_lustre                ? 
_exptl_crystal.colour_modifier              ? 
_exptl_crystal.colour_primary               ? 
_exptl_crystal.density_meas                 ? 
_exptl_crystal.density_meas_esd             ? 
_exptl_crystal.density_meas_gt              ? 
_exptl_crystal.density_meas_lt              ? 
_exptl_crystal.density_meas_temp            ? 
_exptl_crystal.density_meas_temp_esd        ? 
_exptl_crystal.density_meas_temp_gt         ? 
_exptl_crystal.density_meas_temp_lt         ? 
_exptl_crystal.pdbx_crystal_image_url       ? 
_exptl_crystal.pdbx_crystal_image_format    ? 
_exptl_crystal.pdbx_mosaicity               ? 
_exptl_crystal.pdbx_mosaicity_esd           ? 
_exptl_crystal.pdbx_mosaic_method           ? 
_exptl_crystal.pdbx_mosaic_block_size       ? 
_exptl_crystal.pdbx_mosaic_block_size_esd   ? 
# 
_exptl_crystal_grow.apparatus       ? 
_exptl_crystal_grow.atmosphere      ? 
_exptl_crystal_grow.crystal_id      1 
_exptl_crystal_grow.details         ? 
_exptl_crystal_grow.method          MICROBATCH 
_exptl_crystal_grow.method_ref      ? 
_exptl_crystal_grow.pH              7.0 
_exptl_crystal_grow.pressure        ? 
_exptl_crystal_grow.pressure_esd    ? 
_exptl_crystal_grow.seeding         ? 
_exptl_crystal_grow.seeding_ref     ? 
_exptl_crystal_grow.temp_details    ? 
_exptl_crystal_grow.temp_esd        ? 
_exptl_crystal_grow.time            ? 
_exptl_crystal_grow.pdbx_details    '2.0M Ammonium citrate tribasic pH7.0, 0.1M BIS-TRIS propane pH7.0' 
_exptl_crystal_grow.pdbx_pH_range   6.8-7.2 
_exptl_crystal_grow.temp            295 
# 
_diffrn.ambient_environment              ? 
_diffrn.ambient_temp                     100 
_diffrn.ambient_temp_details             ? 
_diffrn.ambient_temp_esd                 ? 
_diffrn.crystal_id                       1 
_diffrn.crystal_support                  ? 
_diffrn.crystal_treatment                ? 
_diffrn.details                          ? 
_diffrn.id                               1 
_diffrn.ambient_pressure                 ? 
_diffrn.ambient_pressure_esd             ? 
_diffrn.ambient_pressure_gt              ? 
_diffrn.ambient_pressure_lt              ? 
_diffrn.ambient_temp_gt                  ? 
_diffrn.ambient_temp_lt                  ? 
_diffrn.pdbx_serial_crystal_experiment   N 
# 
_diffrn_detector.details                      ? 
_diffrn_detector.detector                     'IMAGE PLATE' 
_diffrn_detector.diffrn_id                    1 
_diffrn_detector.type                         'MAR scanner 345 mm plate' 
_diffrn_detector.area_resol_mean              ? 
_diffrn_detector.dtime                        ? 
_diffrn_detector.pdbx_frames_total            ? 
_diffrn_detector.pdbx_collection_time_total   ? 
_diffrn_detector.pdbx_collection_date         2022-02-24 
_diffrn_detector.pdbx_frequency               ? 
_diffrn_detector.id                           ? 
_diffrn_detector.number_of_axes               ? 
# 
_diffrn_radiation.collimation                      ? 
_diffrn_radiation.diffrn_id                        1 
_diffrn_radiation.filter_edge                      ? 
_diffrn_radiation.inhomogeneity                    ? 
_diffrn_radiation.monochromator                    M 
_diffrn_radiation.polarisn_norm                    ? 
_diffrn_radiation.polarisn_ratio                   ? 
_diffrn_radiation.probe                            ? 
_diffrn_radiation.type                             ? 
_diffrn_radiation.xray_symbol                      ? 
_diffrn_radiation.wavelength_id                    1 
_diffrn_radiation.pdbx_monochromatic_or_laue_m_l   M 
_diffrn_radiation.pdbx_wavelength_list             ? 
_diffrn_radiation.pdbx_wavelength                  ? 
_diffrn_radiation.pdbx_diffrn_protocol             'SINGLE WAVELENGTH' 
_diffrn_radiation.pdbx_analyzer                    ? 
_diffrn_radiation.pdbx_scattering_type             x-ray 
# 
_diffrn_radiation_wavelength.id           1 
_diffrn_radiation_wavelength.wavelength   1.54179 
_diffrn_radiation_wavelength.wt           1.0 
# 
_diffrn_source.current                     ? 
_diffrn_source.details                     ? 
_diffrn_source.diffrn_id                   1 
_diffrn_source.power                       ? 
_diffrn_source.size                        ? 
_diffrn_source.source                      'ROTATING ANODE' 
_diffrn_source.target                      ? 
_diffrn_source.type                        'BRUKER AXS MICROSTAR' 
_diffrn_source.voltage                     ? 
_diffrn_source.take-off_angle              ? 
_diffrn_source.pdbx_wavelength_list        1.54179 
_diffrn_source.pdbx_wavelength             ? 
_diffrn_source.pdbx_synchrotron_beamline   ? 
_diffrn_source.pdbx_synchrotron_site       ? 
# 
_reflns.B_iso_Wilson_estimate                          ? 
_reflns.entry_id                                       8IIQ 
_reflns.data_reduction_details                         ? 
_reflns.data_reduction_method                          ? 
_reflns.d_resolution_high                              2.10 
_reflns.d_resolution_low                               36.87 
_reflns.details                                        ? 
_reflns.limit_h_max                                    ? 
_reflns.limit_h_min                                    ? 
_reflns.limit_k_max                                    ? 
_reflns.limit_k_min                                    ? 
_reflns.limit_l_max                                    ? 
_reflns.limit_l_min                                    ? 
_reflns.number_all                                     ? 
_reflns.number_obs                                     10962 
_reflns.observed_criterion                             ? 
_reflns.observed_criterion_F_max                       ? 
_reflns.observed_criterion_F_min                       ? 
_reflns.observed_criterion_I_max                       ? 
_reflns.observed_criterion_I_min                       ? 
_reflns.observed_criterion_sigma_F                     ? 
_reflns.observed_criterion_sigma_I                     ? 
_reflns.percent_possible_obs                           94.6 
_reflns.R_free_details                                 ? 
_reflns.Rmerge_F_all                                   ? 
_reflns.Rmerge_F_obs                                   ? 
_reflns.Friedel_coverage                               ? 
_reflns.number_gt                                      ? 
_reflns.threshold_expression                           ? 
_reflns.pdbx_redundancy                                3.7 
_reflns.pdbx_netI_over_av_sigmaI                       ? 
_reflns.pdbx_netI_over_sigmaI                          5.5 
_reflns.pdbx_res_netI_over_av_sigmaI_2                 ? 
_reflns.pdbx_res_netI_over_sigmaI_2                    ? 
_reflns.pdbx_chi_squared                               ? 
_reflns.pdbx_scaling_rejects                           ? 
_reflns.pdbx_d_res_high_opt                            ? 
_reflns.pdbx_d_res_low_opt                             ? 
_reflns.pdbx_d_res_opt_method                          ? 
_reflns.phase_calculation_details                      ? 
_reflns.pdbx_Rrim_I_all                                0.177 
_reflns.pdbx_Rpim_I_all                                0.117 
_reflns.pdbx_d_opt                                     ? 
_reflns.pdbx_number_measured_all                       ? 
_reflns.pdbx_diffrn_id                                 1 
_reflns.pdbx_ordinal                                   1 
_reflns.pdbx_CC_half                                   0.979 
_reflns.pdbx_CC_star                                   ? 
_reflns.pdbx_R_split                                   ? 
_reflns.pdbx_Rmerge_I_obs                              0.132 
_reflns.pdbx_Rmerge_I_all                              ? 
_reflns.pdbx_Rsym_value                                ? 
_reflns.pdbx_CC_split_method                           ? 
_reflns.pdbx_aniso_diffraction_limit_axis_1_ortho[1]   ? 
_reflns.pdbx_aniso_diffraction_limit_axis_1_ortho[2]   ? 
_reflns.pdbx_aniso_diffraction_limit_axis_1_ortho[3]   ? 
_reflns.pdbx_aniso_diffraction_limit_axis_2_ortho[1]   ? 
_reflns.pdbx_aniso_diffraction_limit_axis_2_ortho[2]   ? 
_reflns.pdbx_aniso_diffraction_limit_axis_2_ortho[3]   ? 
_reflns.pdbx_aniso_diffraction_limit_axis_3_ortho[1]   ? 
_reflns.pdbx_aniso_diffraction_limit_axis_3_ortho[2]   ? 
_reflns.pdbx_aniso_diffraction_limit_axis_3_ortho[3]   ? 
_reflns.pdbx_aniso_diffraction_limit_1                 ? 
_reflns.pdbx_aniso_diffraction_limit_2                 ? 
_reflns.pdbx_aniso_diffraction_limit_3                 ? 
_reflns.pdbx_aniso_B_tensor_eigenvector_1_ortho[1]     ? 
_reflns.pdbx_aniso_B_tensor_eigenvector_1_ortho[2]     ? 
_reflns.pdbx_aniso_B_tensor_eigenvector_1_ortho[3]     ? 
_reflns.pdbx_aniso_B_tensor_eigenvector_2_ortho[1]     ? 
_reflns.pdbx_aniso_B_tensor_eigenvector_2_ortho[2]     ? 
_reflns.pdbx_aniso_B_tensor_eigenvector_2_ortho[3]     ? 
_reflns.pdbx_aniso_B_tensor_eigenvector_3_ortho[1]     ? 
_reflns.pdbx_aniso_B_tensor_eigenvector_3_ortho[2]     ? 
_reflns.pdbx_aniso_B_tensor_eigenvector_3_ortho[3]     ? 
_reflns.pdbx_aniso_B_tensor_eigenvalue_1               ? 
_reflns.pdbx_aniso_B_tensor_eigenvalue_2               ? 
_reflns.pdbx_aniso_B_tensor_eigenvalue_3               ? 
_reflns.pdbx_orthogonalization_convention              ? 
_reflns.pdbx_percent_possible_ellipsoidal              ? 
_reflns.pdbx_percent_possible_spherical                ? 
_reflns.pdbx_percent_possible_ellipsoidal_anomalous    ? 
_reflns.pdbx_percent_possible_spherical_anomalous      ? 
_reflns.pdbx_redundancy_anomalous                      ? 
_reflns.pdbx_CC_half_anomalous                         ? 
_reflns.pdbx_absDiff_over_sigma_anomalous              ? 
_reflns.pdbx_percent_possible_anomalous                ? 
_reflns.pdbx_observed_signal_threshold                 ? 
_reflns.pdbx_signal_type                               ? 
_reflns.pdbx_signal_details                            ? 
_reflns.pdbx_signal_software_id                        ? 
# 
_reflns_shell.d_res_high                                    2.10 
_reflns_shell.d_res_low                                     2.16 
_reflns_shell.meanI_over_sigI_all                           ? 
_reflns_shell.meanI_over_sigI_obs                           2.6 
_reflns_shell.number_measured_all                           ? 
_reflns_shell.number_measured_obs                           ? 
_reflns_shell.number_possible                               ? 
_reflns_shell.number_unique_all                             ? 
_reflns_shell.number_unique_obs                             936 
_reflns_shell.percent_possible_obs                          ? 
_reflns_shell.Rmerge_F_all                                  ? 
_reflns_shell.Rmerge_F_obs                                  ? 
_reflns_shell.meanI_over_sigI_gt                            ? 
_reflns_shell.meanI_over_uI_all                             ? 
_reflns_shell.meanI_over_uI_gt                              ? 
_reflns_shell.number_measured_gt                            ? 
_reflns_shell.number_unique_gt                              ? 
_reflns_shell.percent_possible_gt                           ? 
_reflns_shell.Rmerge_F_gt                                   ? 
_reflns_shell.Rmerge_I_gt                                   ? 
_reflns_shell.pdbx_redundancy                               3.6 
_reflns_shell.pdbx_chi_squared                              ? 
_reflns_shell.pdbx_netI_over_sigmaI_all                     ? 
_reflns_shell.pdbx_netI_over_sigmaI_obs                     ? 
_reflns_shell.pdbx_Rrim_I_all                               0.492 
_reflns_shell.pdbx_Rpim_I_all                               0.320 
_reflns_shell.pdbx_rejects                                  ? 
_reflns_shell.pdbx_ordinal                                  1 
_reflns_shell.pdbx_diffrn_id                                1 
_reflns_shell.pdbx_CC_half                                  0.811 
_reflns_shell.pdbx_CC_star                                  ? 
_reflns_shell.pdbx_R_split                                  ? 
_reflns_shell.percent_possible_all                          100.0 
_reflns_shell.Rmerge_I_all                                  ? 
_reflns_shell.Rmerge_I_obs                                  0.371 
_reflns_shell.pdbx_Rsym_value                               ? 
_reflns_shell.pdbx_percent_possible_ellipsoidal             ? 
_reflns_shell.pdbx_percent_possible_spherical               ? 
_reflns_shell.pdbx_percent_possible_ellipsoidal_anomalous   ? 
_reflns_shell.pdbx_percent_possible_spherical_anomalous     ? 
_reflns_shell.pdbx_redundancy_anomalous                     ? 
_reflns_shell.pdbx_CC_half_anomalous                        ? 
_reflns_shell.pdbx_absDiff_over_sigma_anomalous             ? 
_reflns_shell.pdbx_percent_possible_anomalous               ? 
# 
_refine.aniso_B[1][1]                            ? 
_refine.aniso_B[1][2]                            ? 
_refine.aniso_B[1][3]                            ? 
_refine.aniso_B[2][2]                            ? 
_refine.aniso_B[2][3]                            ? 
_refine.aniso_B[3][3]                            ? 
_refine.B_iso_max                                ? 
_refine.B_iso_mean                               ? 
_refine.B_iso_min                                ? 
_refine.correlation_coeff_Fo_to_Fc               ? 
_refine.correlation_coeff_Fo_to_Fc_free          ? 
_refine.details                                  ? 
_refine.diff_density_max                         ? 
_refine.diff_density_max_esd                     ? 
_refine.diff_density_min                         ? 
_refine.diff_density_min_esd                     ? 
_refine.diff_density_rms                         ? 
_refine.diff_density_rms_esd                     ? 
_refine.entry_id                                 8IIQ 
_refine.pdbx_refine_id                           'X-RAY DIFFRACTION' 
_refine.ls_abs_structure_details                 ? 
_refine.ls_abs_structure_Flack                   ? 
_refine.ls_abs_structure_Flack_esd               ? 
_refine.ls_abs_structure_Rogers                  ? 
_refine.ls_abs_structure_Rogers_esd              ? 
_refine.ls_d_res_high                            2.10 
_refine.ls_d_res_low                             29.12 
_refine.ls_extinction_coef                       ? 
_refine.ls_extinction_coef_esd                   ? 
_refine.ls_extinction_expression                 ? 
_refine.ls_extinction_method                     ? 
_refine.ls_goodness_of_fit_all                   ? 
_refine.ls_goodness_of_fit_all_esd               ? 
_refine.ls_goodness_of_fit_obs                   ? 
_refine.ls_goodness_of_fit_obs_esd               ? 
_refine.ls_hydrogen_treatment                    ? 
_refine.ls_matrix_type                           ? 
_refine.ls_number_constraints                    ? 
_refine.ls_number_parameters                     ? 
_refine.ls_number_reflns_all                     ? 
_refine.ls_number_reflns_obs                     10947 
_refine.ls_number_reflns_R_free                  523 
_refine.ls_number_reflns_R_work                  ? 
_refine.ls_number_restraints                     ? 
_refine.ls_percent_reflns_obs                    94.57 
_refine.ls_percent_reflns_R_free                 4.78 
_refine.ls_R_factor_all                          ? 
_refine.ls_R_factor_obs                          0.1887 
_refine.ls_R_factor_R_free                       0.2417 
_refine.ls_R_factor_R_free_error                 ? 
_refine.ls_R_factor_R_free_error_details         ? 
_refine.ls_R_factor_R_work                       0.1860 
_refine.ls_R_Fsqd_factor_obs                     ? 
_refine.ls_R_I_factor_obs                        ? 
_refine.ls_redundancy_reflns_all                 ? 
_refine.ls_redundancy_reflns_obs                 ? 
_refine.ls_restrained_S_all                      ? 
_refine.ls_restrained_S_obs                      ? 
_refine.ls_shift_over_esd_max                    ? 
_refine.ls_shift_over_esd_mean                   ? 
_refine.ls_structure_factor_coef                 ? 
_refine.ls_weighting_details                     ? 
_refine.ls_weighting_scheme                      ? 
_refine.ls_wR_factor_all                         ? 
_refine.ls_wR_factor_obs                         ? 
_refine.ls_wR_factor_R_free                      ? 
_refine.ls_wR_factor_R_work                      ? 
_refine.occupancy_max                            ? 
_refine.occupancy_min                            ? 
_refine.solvent_model_details                    'FLAT BULK SOLVENT MODEL' 
_refine.solvent_model_param_bsol                 ? 
_refine.solvent_model_param_ksol                 ? 
_refine.pdbx_R_complete                          ? 
_refine.ls_R_factor_gt                           ? 
_refine.ls_goodness_of_fit_gt                    ? 
_refine.ls_goodness_of_fit_ref                   ? 
_refine.ls_shift_over_su_max                     ? 
_refine.ls_shift_over_su_max_lt                  ? 
_refine.ls_shift_over_su_mean                    ? 
_refine.ls_shift_over_su_mean_lt                 ? 
_refine.pdbx_ls_sigma_I                          ? 
_refine.pdbx_ls_sigma_F                          1.91 
_refine.pdbx_ls_sigma_Fsqd                       ? 
_refine.pdbx_data_cutoff_high_absF               ? 
_refine.pdbx_data_cutoff_high_rms_absF           ? 
_refine.pdbx_data_cutoff_low_absF                ? 
_refine.pdbx_isotropic_thermal_model             ? 
_refine.pdbx_ls_cross_valid_method               THROUGHOUT 
_refine.pdbx_method_to_determine_struct          'MOLECULAR REPLACEMENT' 
_refine.pdbx_starting_model                      ? 
_refine.pdbx_stereochemistry_target_values       MLHL 
_refine.pdbx_R_Free_selection_details            ? 
_refine.pdbx_stereochem_target_val_spec_case     ? 
_refine.pdbx_overall_ESU_R                       ? 
_refine.pdbx_overall_ESU_R_Free                  ? 
_refine.pdbx_solvent_vdw_probe_radii             1.11 
_refine.pdbx_solvent_ion_probe_radii             ? 
_refine.pdbx_solvent_shrinkage_radii             0.90 
_refine.pdbx_real_space_R                        ? 
_refine.pdbx_density_correlation                 ? 
_refine.pdbx_pd_number_of_powder_patterns        ? 
_refine.pdbx_pd_number_of_points                 ? 
_refine.pdbx_pd_meas_number_of_points            ? 
_refine.pdbx_pd_proc_ls_prof_R_factor            ? 
_refine.pdbx_pd_proc_ls_prof_wR_factor           ? 
_refine.pdbx_pd_Marquardt_correlation_coeff      ? 
_refine.pdbx_pd_Fsqrd_R_factor                   ? 
_refine.pdbx_pd_ls_matrix_band_width             ? 
_refine.pdbx_overall_phase_error                 22.04 
_refine.pdbx_overall_SU_R_free_Cruickshank_DPI   ? 
_refine.pdbx_overall_SU_R_free_Blow_DPI          ? 
_refine.pdbx_overall_SU_R_Blow_DPI               ? 
_refine.pdbx_TLS_residual_ADP_flag               ? 
_refine.pdbx_diffrn_id                           1 
_refine.overall_SU_B                             ? 
_refine.overall_SU_ML                            0.22 
_refine.overall_SU_R_Cruickshank_DPI             ? 
_refine.overall_SU_R_free                        ? 
_refine.overall_FOM_free_R_set                   ? 
_refine.overall_FOM_work_R_set                   ? 
_refine.pdbx_average_fsc_overall                 ? 
_refine.pdbx_average_fsc_work                    ? 
_refine.pdbx_average_fsc_free                    ? 
# 
_refine_hist.pdbx_refine_id                   'X-RAY DIFFRACTION' 
_refine_hist.cycle_id                         LAST 
_refine_hist.pdbx_number_atoms_protein        1497 
_refine_hist.pdbx_number_atoms_nucleic_acid   0 
_refine_hist.pdbx_number_atoms_ligand         8 
_refine_hist.number_atoms_solvent             88 
_refine_hist.number_atoms_total               1593 
_refine_hist.d_res_high                       2.10 
_refine_hist.d_res_low                        29.12 
# 
loop_
_refine_ls_restr.pdbx_refine_id 
_refine_ls_restr.criterion 
_refine_ls_restr.dev_ideal 
_refine_ls_restr.dev_ideal_target 
_refine_ls_restr.number 
_refine_ls_restr.rejects 
_refine_ls_restr.type 
_refine_ls_restr.weight 
_refine_ls_restr.pdbx_restraint_function 
'X-RAY DIFFRACTION' ? 0.009 ? 1557 ? f_bond_d           ? ? 
'X-RAY DIFFRACTION' ? 0.967 ? 2118 ? f_angle_d          ? ? 
'X-RAY DIFFRACTION' ? 6.328 ? 222  ? f_dihedral_angle_d ? ? 
'X-RAY DIFFRACTION' ? 0.057 ? 245  ? f_chiral_restr     ? ? 
'X-RAY DIFFRACTION' ? 0.008 ? 280  ? f_plane_restr      ? ? 
# 
loop_
_refine_ls_shell.pdbx_refine_id 
_refine_ls_shell.d_res_high 
_refine_ls_shell.d_res_low 
_refine_ls_shell.number_reflns_all 
_refine_ls_shell.number_reflns_obs 
_refine_ls_shell.number_reflns_R_free 
_refine_ls_shell.number_reflns_R_work 
_refine_ls_shell.percent_reflns_obs 
_refine_ls_shell.percent_reflns_R_free 
_refine_ls_shell.R_factor_all 
_refine_ls_shell.R_factor_obs 
_refine_ls_shell.R_factor_R_free_error 
_refine_ls_shell.R_factor_R_work 
_refine_ls_shell.redundancy_reflns_all 
_refine_ls_shell.redundancy_reflns_obs 
_refine_ls_shell.wR_factor_all 
_refine_ls_shell.wR_factor_obs 
_refine_ls_shell.wR_factor_R_free 
_refine_ls_shell.wR_factor_R_work 
_refine_ls_shell.pdbx_R_complete 
_refine_ls_shell.pdbx_total_number_of_bins_used 
_refine_ls_shell.pdbx_phase_error 
_refine_ls_shell.pdbx_fsc_work 
_refine_ls_shell.pdbx_fsc_free 
_refine_ls_shell.R_factor_R_free 
'X-RAY DIFFRACTION' 2.10 2.31  . . 128 2460 90.00  . . . . 0.1825 . . . . . . . . . . . 0.2498 
'X-RAY DIFFRACTION' 2.31 2.64  . . 130 2740 100.00 . . . . 0.1918 . . . . . . . . . . . 0.2569 
'X-RAY DIFFRACTION' 2.65 3.33  . . 134 2625 95.00  . . . . 0.1904 . . . . . . . . . . . 0.2421 
'X-RAY DIFFRACTION' 3.33 29.12 . . 131 2599 93.00  . . . . 0.1816 . . . . . . . . . . . 0.2308 
# 
_struct.entry_id                     8IIQ 
_struct.title                        'MsmUdgX H109S/E52N double mutant' 
_struct.pdbx_model_details           ? 
_struct.pdbx_formula_weight          ? 
_struct.pdbx_formula_weight_method   ? 
_struct.pdbx_model_type_details      ? 
_struct.pdbx_CASP_flag               N 
# 
_struct_keywords.entry_id        8IIQ 
_struct_keywords.text            'UdgX, H109S, E52N, mutant, protein, DNA BINDING PROTEIN' 
_struct_keywords.pdbx_keywords   'DNA BINDING PROTEIN' 
# 
loop_
_struct_asym.id 
_struct_asym.pdbx_blank_PDB_chainid_flag 
_struct_asym.pdbx_modified 
_struct_asym.entity_id 
_struct_asym.details 
A N N 1 ? 
B N N 2 ? 
C N N 3 ? 
# 
_struct_ref.id                         1 
_struct_ref.db_name                    UNP 
_struct_ref.db_code                    A0QP43_MYCS2 
_struct_ref.pdbx_db_accession          A0QP43 
_struct_ref.pdbx_db_isoform            ? 
_struct_ref.entity_id                  1 
_struct_ref.pdbx_seq_one_letter_code   
;MAGAQDFVPHTADLAELAAAAGECRGCGLYRDATQAVFGAGGRSARIMMIGEQPGDKEDLAGLPFVGPAGRLLDRALEAA
DIDRDALYVTNAVKHFKFTRAAGGKRRIHKTPSRTEVVACRPWLIAEMTSVEPDVVVLLGATAAKALLGNDFRVTQHRGE
VLHVDDVPGDPALVATVHPSSLLRGPKEERESAFAGLVDDLRVAADVR
;
_struct_ref.pdbx_align_begin           1 
# 
_struct_ref_seq.align_id                      1 
_struct_ref_seq.ref_id                        1 
_struct_ref_seq.pdbx_PDB_id_code              8IIQ 
_struct_ref_seq.pdbx_strand_id                A 
_struct_ref_seq.seq_align_beg                 1 
_struct_ref_seq.pdbx_seq_align_beg_ins_code   ? 
_struct_ref_seq.seq_align_end                 208 
_struct_ref_seq.pdbx_seq_align_end_ins_code   ? 
_struct_ref_seq.pdbx_db_accession             A0QP43 
_struct_ref_seq.db_align_beg                  1 
_struct_ref_seq.pdbx_db_align_beg_ins_code    ? 
_struct_ref_seq.db_align_end                  208 
_struct_ref_seq.pdbx_db_align_end_ins_code    ? 
_struct_ref_seq.pdbx_auth_seq_align_beg       1 
_struct_ref_seq.pdbx_auth_seq_align_end       208 
# 
loop_
_struct_ref_seq_dif.align_id 
_struct_ref_seq_dif.pdbx_pdb_id_code 
_struct_ref_seq_dif.mon_id 
_struct_ref_seq_dif.pdbx_pdb_strand_id 
_struct_ref_seq_dif.seq_num 
_struct_ref_seq_dif.pdbx_pdb_ins_code 
_struct_ref_seq_dif.pdbx_seq_db_name 
_struct_ref_seq_dif.pdbx_seq_db_accession_code 
_struct_ref_seq_dif.db_mon_id 
_struct_ref_seq_dif.pdbx_seq_db_seq_num 
_struct_ref_seq_dif.details 
_struct_ref_seq_dif.pdbx_auth_seq_num 
_struct_ref_seq_dif.pdbx_ordinal 
1 8IIQ ASN A 52  ? UNP A0QP43 GLU 52  'engineered mutation' 52  1 
1 8IIQ SER A 109 ? UNP A0QP43 HIS 109 'engineered mutation' 109 2 
# 
_pdbx_struct_assembly.id                   1 
_pdbx_struct_assembly.details              author_and_software_defined_assembly 
_pdbx_struct_assembly.method_details       PISA 
_pdbx_struct_assembly.oligomeric_details   monomeric 
_pdbx_struct_assembly.oligomeric_count     1 
# 
loop_
_pdbx_struct_assembly_prop.biol_id 
_pdbx_struct_assembly_prop.type 
_pdbx_struct_assembly_prop.value 
_pdbx_struct_assembly_prop.details 
1 'ABSA (A^2)' 380  ? 
1 MORE         -20  ? 
1 'SSA (A^2)'  9940 ? 
# 
_pdbx_struct_assembly_gen.assembly_id       1 
_pdbx_struct_assembly_gen.oper_expression   1 
_pdbx_struct_assembly_gen.asym_id_list      A,B,C 
# 
_pdbx_struct_assembly_auth_evidence.id                     1 
_pdbx_struct_assembly_auth_evidence.assembly_id            1 
_pdbx_struct_assembly_auth_evidence.experimental_support   'gel filtration' 
_pdbx_struct_assembly_auth_evidence.details                ? 
# 
_pdbx_struct_oper_list.id                   1 
_pdbx_struct_oper_list.type                 'identity operation' 
_pdbx_struct_oper_list.name                 1_555 
_pdbx_struct_oper_list.symmetry_operation   x,y,z 
_pdbx_struct_oper_list.matrix[1][1]         1.0000000000 
_pdbx_struct_oper_list.matrix[1][2]         0.0000000000 
_pdbx_struct_oper_list.matrix[1][3]         0.0000000000 
_pdbx_struct_oper_list.vector[1]            0.0000000000 
_pdbx_struct_oper_list.matrix[2][1]         0.0000000000 
_pdbx_struct_oper_list.matrix[2][2]         1.0000000000 
_pdbx_struct_oper_list.matrix[2][3]         0.0000000000 
_pdbx_struct_oper_list.vector[2]            0.0000000000 
_pdbx_struct_oper_list.matrix[3][1]         0.0000000000 
_pdbx_struct_oper_list.matrix[3][2]         0.0000000000 
_pdbx_struct_oper_list.matrix[3][3]         1.0000000000 
_pdbx_struct_oper_list.vector[3]            0.0000000000 
# 
loop_
_struct_conf.conf_type_id 
_struct_conf.id 
_struct_conf.pdbx_PDB_helix_id 
_struct_conf.beg_label_comp_id 
_struct_conf.beg_label_asym_id 
_struct_conf.beg_label_seq_id 
_struct_conf.pdbx_beg_PDB_ins_code 
_struct_conf.end_label_comp_id 
_struct_conf.end_label_asym_id 
_struct_conf.end_label_seq_id 
_struct_conf.pdbx_end_PDB_ins_code 
_struct_conf.beg_auth_comp_id 
_struct_conf.beg_auth_asym_id 
_struct_conf.beg_auth_seq_id 
_struct_conf.end_auth_comp_id 
_struct_conf.end_auth_asym_id 
_struct_conf.end_auth_seq_id 
_struct_conf.pdbx_PDB_helix_class 
_struct_conf.details 
_struct_conf.pdbx_PDB_helix_length 
HELX_P HELX_P1  AA1 ALA A 4   ? VAL A 8   ? ALA A 4   VAL A 8   5 ? 5  
HELX_P HELX_P2  AA2 ASP A 13  ? GLY A 22  ? ASP A 13  GLY A 22  1 ? 10 
HELX_P HELX_P3  AA3 CYS A 27  ? ARG A 31  ? CYS A 27  ARG A 31  5 ? 5  
HELX_P HELX_P4  AA4 GLY A 55  ? GLY A 62  ? GLY A 55  GLY A 62  1 ? 8  
HELX_P HELX_P5  AA5 GLY A 67  ? ALA A 80  ? GLY A 67  ALA A 80  1 ? 14 
HELX_P HELX_P6  AA6 ASP A 83  ? ASP A 85  ? ASP A 83  ASP A 85  5 ? 3  
HELX_P HELX_P7  AA7 SER A 113 ? GLU A 132 ? SER A 113 GLU A 132 1 ? 20 
HELX_P HELX_P8  AA8 GLY A 140 ? GLY A 149 ? GLY A 140 GLY A 149 1 ? 10 
HELX_P HELX_P9  AA9 ARG A 153 ? ARG A 158 ? ARG A 153 ARG A 158 1 ? 6  
HELX_P HELX_P10 AB1 HIS A 178 ? LEU A 183 ? HIS A 178 LEU A 183 5 ? 6  
HELX_P HELX_P11 AB2 PRO A 186 ? VAL A 207 ? PRO A 186 VAL A 207 1 ? 22 
# 
_struct_conf_type.id          HELX_P 
_struct_conf_type.criteria    ? 
_struct_conf_type.reference   ? 
# 
loop_
_struct_conn.id 
_struct_conn.conn_type_id 
_struct_conn.pdbx_leaving_atom_flag 
_struct_conn.pdbx_PDB_id 
_struct_conn.ptnr1_label_asym_id 
_struct_conn.ptnr1_label_comp_id 
_struct_conn.ptnr1_label_seq_id 
_struct_conn.ptnr1_label_atom_id 
_struct_conn.pdbx_ptnr1_label_alt_id 
_struct_conn.pdbx_ptnr1_PDB_ins_code 
_struct_conn.pdbx_ptnr1_standard_comp_id 
_struct_conn.ptnr1_symmetry 
_struct_conn.ptnr2_label_asym_id 
_struct_conn.ptnr2_label_comp_id 
_struct_conn.ptnr2_label_seq_id 
_struct_conn.ptnr2_label_atom_id 
_struct_conn.pdbx_ptnr2_label_alt_id 
_struct_conn.pdbx_ptnr2_PDB_ins_code 
_struct_conn.ptnr1_auth_asym_id 
_struct_conn.ptnr1_auth_comp_id 
_struct_conn.ptnr1_auth_seq_id 
_struct_conn.ptnr2_auth_asym_id 
_struct_conn.ptnr2_auth_comp_id 
_struct_conn.ptnr2_auth_seq_id 
_struct_conn.ptnr2_symmetry 
_struct_conn.pdbx_ptnr3_label_atom_id 
_struct_conn.pdbx_ptnr3_label_seq_id 
_struct_conn.pdbx_ptnr3_label_comp_id 
_struct_conn.pdbx_ptnr3_label_asym_id 
_struct_conn.pdbx_ptnr3_label_alt_id 
_struct_conn.pdbx_ptnr3_PDB_ins_code 
_struct_conn.details 
_struct_conn.pdbx_dist_value 
_struct_conn.pdbx_value_order 
_struct_conn.pdbx_role 
metalc1 metalc ? ? A CYS 24  SG  ? ? ? 1_555 B SF4 . FE3 ? ? A CYS 24  A SF4 301 1_555 ? ? ? ? ? ? ? 2.309 ? ? 
metalc2 metalc ? ? A CYS 27  SG  ? ? ? 1_555 B SF4 . FE2 ? ? A CYS 27  A SF4 301 1_555 ? ? ? ? ? ? ? 2.279 ? ? 
metalc3 metalc ? ? A HIS 95  ND1 ? ? ? 1_555 B SF4 . FE4 ? ? A HIS 95  A SF4 301 1_555 ? ? ? ? ? ? ? 2.313 ? ? 
metalc4 metalc ? ? A CYS 120 SG  ? ? ? 1_555 B SF4 . FE1 ? ? A CYS 120 A SF4 301 1_555 ? ? ? ? ? ? ? 2.271 ? ? 
# 
_struct_conn_type.id          metalc 
_struct_conn_type.criteria    ? 
_struct_conn_type.reference   ? 
# 
loop_
_pdbx_struct_conn_angle.id 
_pdbx_struct_conn_angle.ptnr1_label_atom_id 
_pdbx_struct_conn_angle.ptnr1_label_alt_id 
_pdbx_struct_conn_angle.ptnr1_label_asym_id 
_pdbx_struct_conn_angle.ptnr1_label_comp_id 
_pdbx_struct_conn_angle.ptnr1_label_seq_id 
_pdbx_struct_conn_angle.ptnr1_auth_atom_id 
_pdbx_struct_conn_angle.ptnr1_auth_asym_id 
_pdbx_struct_conn_angle.ptnr1_auth_comp_id 
_pdbx_struct_conn_angle.ptnr1_auth_seq_id 
_pdbx_struct_conn_angle.ptnr1_PDB_ins_code 
_pdbx_struct_conn_angle.ptnr1_symmetry 
_pdbx_struct_conn_angle.ptnr2_label_atom_id 
_pdbx_struct_conn_angle.ptnr2_label_alt_id 
_pdbx_struct_conn_angle.ptnr2_label_asym_id 
_pdbx_struct_conn_angle.ptnr2_label_comp_id 
_pdbx_struct_conn_angle.ptnr2_label_seq_id 
_pdbx_struct_conn_angle.ptnr2_auth_atom_id 
_pdbx_struct_conn_angle.ptnr2_auth_asym_id 
_pdbx_struct_conn_angle.ptnr2_auth_comp_id 
_pdbx_struct_conn_angle.ptnr2_auth_seq_id 
_pdbx_struct_conn_angle.ptnr2_PDB_ins_code 
_pdbx_struct_conn_angle.ptnr2_symmetry 
_pdbx_struct_conn_angle.ptnr3_label_atom_id 
_pdbx_struct_conn_angle.ptnr3_label_alt_id 
_pdbx_struct_conn_angle.ptnr3_label_asym_id 
_pdbx_struct_conn_angle.ptnr3_label_comp_id 
_pdbx_struct_conn_angle.ptnr3_label_seq_id 
_pdbx_struct_conn_angle.ptnr3_auth_atom_id 
_pdbx_struct_conn_angle.ptnr3_auth_asym_id 
_pdbx_struct_conn_angle.ptnr3_auth_comp_id 
_pdbx_struct_conn_angle.ptnr3_auth_seq_id 
_pdbx_struct_conn_angle.ptnr3_PDB_ins_code 
_pdbx_struct_conn_angle.ptnr3_symmetry 
_pdbx_struct_conn_angle.value 
_pdbx_struct_conn_angle.value_esd 
1  SG  ? A CYS 24  ? A CYS 24  ? 1_555 FE3 ? B SF4 . ? A SF4 301 ? 1_555 S1 ? B SF4 . ? A SF4 301 ? 1_555 124.2 ? 
2  SG  ? A CYS 24  ? A CYS 24  ? 1_555 FE3 ? B SF4 . ? A SF4 301 ? 1_555 S2 ? B SF4 . ? A SF4 301 ? 1_555 106.3 ? 
3  S1  ? B SF4 .   ? A SF4 301 ? 1_555 FE3 ? B SF4 . ? A SF4 301 ? 1_555 S2 ? B SF4 . ? A SF4 301 ? 1_555 104.1 ? 
4  SG  ? A CYS 24  ? A CYS 24  ? 1_555 FE3 ? B SF4 . ? A SF4 301 ? 1_555 S4 ? B SF4 . ? A SF4 301 ? 1_555 113.1 ? 
5  S1  ? B SF4 .   ? A SF4 301 ? 1_555 FE3 ? B SF4 . ? A SF4 301 ? 1_555 S4 ? B SF4 . ? A SF4 301 ? 1_555 102.8 ? 
6  S2  ? B SF4 .   ? A SF4 301 ? 1_555 FE3 ? B SF4 . ? A SF4 301 ? 1_555 S4 ? B SF4 . ? A SF4 301 ? 1_555 104.5 ? 
7  SG  ? A CYS 27  ? A CYS 27  ? 1_555 FE2 ? B SF4 . ? A SF4 301 ? 1_555 S1 ? B SF4 . ? A SF4 301 ? 1_555 116.8 ? 
8  SG  ? A CYS 27  ? A CYS 27  ? 1_555 FE2 ? B SF4 . ? A SF4 301 ? 1_555 S3 ? B SF4 . ? A SF4 301 ? 1_555 102.8 ? 
9  S1  ? B SF4 .   ? A SF4 301 ? 1_555 FE2 ? B SF4 . ? A SF4 301 ? 1_555 S3 ? B SF4 . ? A SF4 301 ? 1_555 104.4 ? 
10 SG  ? A CYS 27  ? A CYS 27  ? 1_555 FE2 ? B SF4 . ? A SF4 301 ? 1_555 S4 ? B SF4 . ? A SF4 301 ? 1_555 122.5 ? 
11 S1  ? B SF4 .   ? A SF4 301 ? 1_555 FE2 ? B SF4 . ? A SF4 301 ? 1_555 S4 ? B SF4 . ? A SF4 301 ? 1_555 104.0 ? 
12 S3  ? B SF4 .   ? A SF4 301 ? 1_555 FE2 ? B SF4 . ? A SF4 301 ? 1_555 S4 ? B SF4 . ? A SF4 301 ? 1_555 104.2 ? 
13 ND1 ? A HIS 95  ? A HIS 95  ? 1_555 FE4 ? B SF4 . ? A SF4 301 ? 1_555 S1 ? B SF4 . ? A SF4 301 ? 1_555 104.4 ? 
14 ND1 ? A HIS 95  ? A HIS 95  ? 1_555 FE4 ? B SF4 . ? A SF4 301 ? 1_555 S2 ? B SF4 . ? A SF4 301 ? 1_555 108.1 ? 
15 S1  ? B SF4 .   ? A SF4 301 ? 1_555 FE4 ? B SF4 . ? A SF4 301 ? 1_555 S2 ? B SF4 . ? A SF4 301 ? 1_555 104.8 ? 
16 ND1 ? A HIS 95  ? A HIS 95  ? 1_555 FE4 ? B SF4 . ? A SF4 301 ? 1_555 S3 ? B SF4 . ? A SF4 301 ? 1_555 128.7 ? 
17 S1  ? B SF4 .   ? A SF4 301 ? 1_555 FE4 ? B SF4 . ? A SF4 301 ? 1_555 S3 ? B SF4 . ? A SF4 301 ? 1_555 104.4 ? 
18 S2  ? B SF4 .   ? A SF4 301 ? 1_555 FE4 ? B SF4 . ? A SF4 301 ? 1_555 S3 ? B SF4 . ? A SF4 301 ? 1_555 104.2 ? 
19 SG  ? A CYS 120 ? A CYS 120 ? 1_555 FE1 ? B SF4 . ? A SF4 301 ? 1_555 S2 ? B SF4 . ? A SF4 301 ? 1_555 114.6 ? 
20 SG  ? A CYS 120 ? A CYS 120 ? 1_555 FE1 ? B SF4 . ? A SF4 301 ? 1_555 S3 ? B SF4 . ? A SF4 301 ? 1_555 114.0 ? 
21 S2  ? B SF4 .   ? A SF4 301 ? 1_555 FE1 ? B SF4 . ? A SF4 301 ? 1_555 S3 ? B SF4 . ? A SF4 301 ? 1_555 104.8 ? 
22 SG  ? A CYS 120 ? A CYS 120 ? 1_555 FE1 ? B SF4 . ? A SF4 301 ? 1_555 S4 ? B SF4 . ? A SF4 301 ? 1_555 114.2 ? 
23 S2  ? B SF4 .   ? A SF4 301 ? 1_555 FE1 ? B SF4 . ? A SF4 301 ? 1_555 S4 ? B SF4 . ? A SF4 301 ? 1_555 104.2 ? 
24 S3  ? B SF4 .   ? A SF4 301 ? 1_555 FE1 ? B SF4 . ? A SF4 301 ? 1_555 S4 ? B SF4 . ? A SF4 301 ? 1_555 103.9 ? 
# 
loop_
_struct_sheet.id 
_struct_sheet.type 
_struct_sheet.number_strands 
_struct_sheet.details 
AA1 ? 4 ? 
AA2 ? 2 ? 
# 
loop_
_struct_sheet_order.sheet_id 
_struct_sheet_order.range_id_1 
_struct_sheet_order.range_id_2 
_struct_sheet_order.offset 
_struct_sheet_order.sense 
AA1 1 2 ? parallel      
AA1 2 3 ? parallel      
AA1 3 4 ? parallel      
AA2 1 2 ? anti-parallel 
# 
loop_
_struct_sheet_range.sheet_id 
_struct_sheet_range.id 
_struct_sheet_range.beg_label_comp_id 
_struct_sheet_range.beg_label_asym_id 
_struct_sheet_range.beg_label_seq_id 
_struct_sheet_range.pdbx_beg_PDB_ins_code 
_struct_sheet_range.end_label_comp_id 
_struct_sheet_range.end_label_asym_id 
_struct_sheet_range.end_label_seq_id 
_struct_sheet_range.pdbx_end_PDB_ins_code 
_struct_sheet_range.beg_auth_comp_id 
_struct_sheet_range.beg_auth_asym_id 
_struct_sheet_range.beg_auth_seq_id 
_struct_sheet_range.end_auth_comp_id 
_struct_sheet_range.end_auth_asym_id 
_struct_sheet_range.end_auth_seq_id 
AA1 1 LEU A 87  ? ASN A 91  ? LEU A 87  ASN A 91  
AA1 2 ILE A 47  ? GLY A 51  ? ILE A 47  GLY A 51  
AA1 3 VAL A 135 ? LEU A 139 ? VAL A 135 LEU A 139 
AA1 4 ALA A 172 ? THR A 176 ? ALA A 172 THR A 176 
AA2 1 PHE A 98  ? THR A 99  ? PHE A 98  THR A 99  
AA2 2 ILE A 108 ? SER A 109 ? ILE A 108 SER A 109 
# 
loop_
_pdbx_struct_sheet_hbond.sheet_id 
_pdbx_struct_sheet_hbond.range_id_1 
_pdbx_struct_sheet_hbond.range_id_2 
_pdbx_struct_sheet_hbond.range_1_label_atom_id 
_pdbx_struct_sheet_hbond.range_1_label_comp_id 
_pdbx_struct_sheet_hbond.range_1_label_asym_id 
_pdbx_struct_sheet_hbond.range_1_label_seq_id 
_pdbx_struct_sheet_hbond.range_1_PDB_ins_code 
_pdbx_struct_sheet_hbond.range_1_auth_atom_id 
_pdbx_struct_sheet_hbond.range_1_auth_comp_id 
_pdbx_struct_sheet_hbond.range_1_auth_asym_id 
_pdbx_struct_sheet_hbond.range_1_auth_seq_id 
_pdbx_struct_sheet_hbond.range_2_label_atom_id 
_pdbx_struct_sheet_hbond.range_2_label_comp_id 
_pdbx_struct_sheet_hbond.range_2_label_asym_id 
_pdbx_struct_sheet_hbond.range_2_label_seq_id 
_pdbx_struct_sheet_hbond.range_2_PDB_ins_code 
_pdbx_struct_sheet_hbond.range_2_auth_atom_id 
_pdbx_struct_sheet_hbond.range_2_auth_comp_id 
_pdbx_struct_sheet_hbond.range_2_auth_asym_id 
_pdbx_struct_sheet_hbond.range_2_auth_seq_id 
AA1 1 2 O THR A 90  ? O THR A 90  N MET A 49  ? N MET A 49  
AA1 2 3 N MET A 48  ? N MET A 48  O VAL A 137 ? O VAL A 137 
AA1 3 4 N LEU A 138 ? N LEU A 138 O THR A 176 ? O THR A 176 
AA2 1 2 N THR A 99  ? N THR A 99  O ILE A 108 ? O ILE A 108 
# 
_pdbx_entry_details.entry_id                 8IIQ 
_pdbx_entry_details.has_ligand_of_interest   Y 
_pdbx_entry_details.compound_details         ? 
_pdbx_entry_details.source_details           ? 
_pdbx_entry_details.nonpolymer_details       ? 
_pdbx_entry_details.sequence_details         ? 
# 
loop_
_pdbx_unobs_or_zero_occ_residues.id 
_pdbx_unobs_or_zero_occ_residues.PDB_model_num 
_pdbx_unobs_or_zero_occ_residues.polymer_flag 
_pdbx_unobs_or_zero_occ_residues.occupancy_flag 
_pdbx_unobs_or_zero_occ_residues.auth_asym_id 
_pdbx_unobs_or_zero_occ_residues.auth_comp_id 
_pdbx_unobs_or_zero_occ_residues.auth_seq_id 
_pdbx_unobs_or_zero_occ_residues.PDB_ins_code 
_pdbx_unobs_or_zero_occ_residues.label_asym_id 
_pdbx_unobs_or_zero_occ_residues.label_comp_id 
_pdbx_unobs_or_zero_occ_residues.label_seq_id 
1 1 Y 1 A GLY 103 ? A GLY 103 
2 1 Y 1 A GLY 104 ? A GLY 104 
3 1 Y 1 A LYS 105 ? A LYS 105 
4 1 Y 1 A ARG 106 ? A ARG 106 
# 
loop_
_chem_comp_atom.comp_id 
_chem_comp_atom.atom_id 
_chem_comp_atom.type_symbol 
_chem_comp_atom.pdbx_aromatic_flag 
_chem_comp_atom.pdbx_stereo_config 
_chem_comp_atom.pdbx_ordinal 
ALA N    N  N N 1   
ALA CA   C  N S 2   
ALA C    C  N N 3   
ALA O    O  N N 4   
ALA CB   C  N N 5   
ALA OXT  O  N N 6   
ALA H    H  N N 7   
ALA H2   H  N N 8   
ALA HA   H  N N 9   
ALA HB1  H  N N 10  
ALA HB2  H  N N 11  
ALA HB3  H  N N 12  
ALA HXT  H  N N 13  
ARG N    N  N N 14  
ARG CA   C  N S 15  
ARG C    C  N N 16  
ARG O    O  N N 17  
ARG CB   C  N N 18  
ARG CG   C  N N 19  
ARG CD   C  N N 20  
ARG NE   N  N N 21  
ARG CZ   C  N N 22  
ARG NH1  N  N N 23  
ARG NH2  N  N N 24  
ARG OXT  O  N N 25  
ARG H    H  N N 26  
ARG H2   H  N N 27  
ARG HA   H  N N 28  
ARG HB2  H  N N 29  
ARG HB3  H  N N 30  
ARG HG2  H  N N 31  
ARG HG3  H  N N 32  
ARG HD2  H  N N 33  
ARG HD3  H  N N 34  
ARG HE   H  N N 35  
ARG HH11 H  N N 36  
ARG HH12 H  N N 37  
ARG HH21 H  N N 38  
ARG HH22 H  N N 39  
ARG HXT  H  N N 40  
ASN N    N  N N 41  
ASN CA   C  N S 42  
ASN C    C  N N 43  
ASN O    O  N N 44  
ASN CB   C  N N 45  
ASN CG   C  N N 46  
ASN OD1  O  N N 47  
ASN ND2  N  N N 48  
ASN OXT  O  N N 49  
ASN H    H  N N 50  
ASN H2   H  N N 51  
ASN HA   H  N N 52  
ASN HB2  H  N N 53  
ASN HB3  H  N N 54  
ASN HD21 H  N N 55  
ASN HD22 H  N N 56  
ASN HXT  H  N N 57  
ASP N    N  N N 58  
ASP CA   C  N S 59  
ASP C    C  N N 60  
ASP O    O  N N 61  
ASP CB   C  N N 62  
ASP CG   C  N N 63  
ASP OD1  O  N N 64  
ASP OD2  O  N N 65  
ASP OXT  O  N N 66  
ASP H    H  N N 67  
ASP H2   H  N N 68  
ASP HA   H  N N 69  
ASP HB2  H  N N 70  
ASP HB3  H  N N 71  
ASP HD2  H  N N 72  
ASP HXT  H  N N 73  
CYS N    N  N N 74  
CYS CA   C  N R 75  
CYS C    C  N N 76  
CYS O    O  N N 77  
CYS CB   C  N N 78  
CYS SG   S  N N 79  
CYS OXT  O  N N 80  
CYS H    H  N N 81  
CYS H2   H  N N 82  
CYS HA   H  N N 83  
CYS HB2  H  N N 84  
CYS HB3  H  N N 85  
CYS HG   H  N N 86  
CYS HXT  H  N N 87  
GLN N    N  N N 88  
GLN CA   C  N S 89  
GLN C    C  N N 90  
GLN O    O  N N 91  
GLN CB   C  N N 92  
GLN CG   C  N N 93  
GLN CD   C  N N 94  
GLN OE1  O  N N 95  
GLN NE2  N  N N 96  
GLN OXT  O  N N 97  
GLN H    H  N N 98  
GLN H2   H  N N 99  
GLN HA   H  N N 100 
GLN HB2  H  N N 101 
GLN HB3  H  N N 102 
GLN HG2  H  N N 103 
GLN HG3  H  N N 104 
GLN HE21 H  N N 105 
GLN HE22 H  N N 106 
GLN HXT  H  N N 107 
GLU N    N  N N 108 
GLU CA   C  N S 109 
GLU C    C  N N 110 
GLU O    O  N N 111 
GLU CB   C  N N 112 
GLU CG   C  N N 113 
GLU CD   C  N N 114 
GLU OE1  O  N N 115 
GLU OE2  O  N N 116 
GLU OXT  O  N N 117 
GLU H    H  N N 118 
GLU H2   H  N N 119 
GLU HA   H  N N 120 
GLU HB2  H  N N 121 
GLU HB3  H  N N 122 
GLU HG2  H  N N 123 
GLU HG3  H  N N 124 
GLU HE2  H  N N 125 
GLU HXT  H  N N 126 
GLY N    N  N N 127 
GLY CA   C  N N 128 
GLY C    C  N N 129 
GLY O    O  N N 130 
GLY OXT  O  N N 131 
GLY H    H  N N 132 
GLY H2   H  N N 133 
GLY HA2  H  N N 134 
GLY HA3  H  N N 135 
GLY HXT  H  N N 136 
HIS N    N  N N 137 
HIS CA   C  N S 138 
HIS C    C  N N 139 
HIS O    O  N N 140 
HIS CB   C  N N 141 
HIS CG   C  Y N 142 
HIS ND1  N  Y N 143 
HIS CD2  C  Y N 144 
HIS CE1  C  Y N 145 
HIS NE2  N  Y N 146 
HIS OXT  O  N N 147 
HIS H    H  N N 148 
HIS H2   H  N N 149 
HIS HA   H  N N 150 
HIS HB2  H  N N 151 
HIS HB3  H  N N 152 
HIS HD1  H  N N 153 
HIS HD2  H  N N 154 
HIS HE1  H  N N 155 
HIS HE2  H  N N 156 
HIS HXT  H  N N 157 
HOH O    O  N N 158 
HOH H1   H  N N 159 
HOH H2   H  N N 160 
ILE N    N  N N 161 
ILE CA   C  N S 162 
ILE C    C  N N 163 
ILE O    O  N N 164 
ILE CB   C  N S 165 
ILE CG1  C  N N 166 
ILE CG2  C  N N 167 
ILE CD1  C  N N 168 
ILE OXT  O  N N 169 
ILE H    H  N N 170 
ILE H2   H  N N 171 
ILE HA   H  N N 172 
ILE HB   H  N N 173 
ILE HG12 H  N N 174 
ILE HG13 H  N N 175 
ILE HG21 H  N N 176 
ILE HG22 H  N N 177 
ILE HG23 H  N N 178 
ILE HD11 H  N N 179 
ILE HD12 H  N N 180 
ILE HD13 H  N N 181 
ILE HXT  H  N N 182 
LEU N    N  N N 183 
LEU CA   C  N S 184 
LEU C    C  N N 185 
LEU O    O  N N 186 
LEU CB   C  N N 187 
LEU CG   C  N N 188 
LEU CD1  C  N N 189 
LEU CD2  C  N N 190 
LEU OXT  O  N N 191 
LEU H    H  N N 192 
LEU H2   H  N N 193 
LEU HA   H  N N 194 
LEU HB2  H  N N 195 
LEU HB3  H  N N 196 
LEU HG   H  N N 197 
LEU HD11 H  N N 198 
LEU HD12 H  N N 199 
LEU HD13 H  N N 200 
LEU HD21 H  N N 201 
LEU HD22 H  N N 202 
LEU HD23 H  N N 203 
LEU HXT  H  N N 204 
LYS N    N  N N 205 
LYS CA   C  N S 206 
LYS C    C  N N 207 
LYS O    O  N N 208 
LYS CB   C  N N 209 
LYS CG   C  N N 210 
LYS CD   C  N N 211 
LYS CE   C  N N 212 
LYS NZ   N  N N 213 
LYS OXT  O  N N 214 
LYS H    H  N N 215 
LYS H2   H  N N 216 
LYS HA   H  N N 217 
LYS HB2  H  N N 218 
LYS HB3  H  N N 219 
LYS HG2  H  N N 220 
LYS HG3  H  N N 221 
LYS HD2  H  N N 222 
LYS HD3  H  N N 223 
LYS HE2  H  N N 224 
LYS HE3  H  N N 225 
LYS HZ1  H  N N 226 
LYS HZ2  H  N N 227 
LYS HZ3  H  N N 228 
LYS HXT  H  N N 229 
MET N    N  N N 230 
MET CA   C  N S 231 
MET C    C  N N 232 
MET O    O  N N 233 
MET CB   C  N N 234 
MET CG   C  N N 235 
MET SD   S  N N 236 
MET CE   C  N N 237 
MET OXT  O  N N 238 
MET H    H  N N 239 
MET H2   H  N N 240 
MET HA   H  N N 241 
MET HB2  H  N N 242 
MET HB3  H  N N 243 
MET HG2  H  N N 244 
MET HG3  H  N N 245 
MET HE1  H  N N 246 
MET HE2  H  N N 247 
MET HE3  H  N N 248 
MET HXT  H  N N 249 
PHE N    N  N N 250 
PHE CA   C  N S 251 
PHE C    C  N N 252 
PHE O    O  N N 253 
PHE CB   C  N N 254 
PHE CG   C  Y N 255 
PHE CD1  C  Y N 256 
PHE CD2  C  Y N 257 
PHE CE1  C  Y N 258 
PHE CE2  C  Y N 259 
PHE CZ   C  Y N 260 
PHE OXT  O  N N 261 
PHE H    H  N N 262 
PHE H2   H  N N 263 
PHE HA   H  N N 264 
PHE HB2  H  N N 265 
PHE HB3  H  N N 266 
PHE HD1  H  N N 267 
PHE HD2  H  N N 268 
PHE HE1  H  N N 269 
PHE HE2  H  N N 270 
PHE HZ   H  N N 271 
PHE HXT  H  N N 272 
PRO N    N  N N 273 
PRO CA   C  N S 274 
PRO C    C  N N 275 
PRO O    O  N N 276 
PRO CB   C  N N 277 
PRO CG   C  N N 278 
PRO CD   C  N N 279 
PRO OXT  O  N N 280 
PRO H    H  N N 281 
PRO HA   H  N N 282 
PRO HB2  H  N N 283 
PRO HB3  H  N N 284 
PRO HG2  H  N N 285 
PRO HG3  H  N N 286 
PRO HD2  H  N N 287 
PRO HD3  H  N N 288 
PRO HXT  H  N N 289 
SER N    N  N N 290 
SER CA   C  N S 291 
SER C    C  N N 292 
SER O    O  N N 293 
SER CB   C  N N 294 
SER OG   O  N N 295 
SER OXT  O  N N 296 
SER H    H  N N 297 
SER H2   H  N N 298 
SER HA   H  N N 299 
SER HB2  H  N N 300 
SER HB3  H  N N 301 
SER HG   H  N N 302 
SER HXT  H  N N 303 
SF4 FE1  FE N N 304 
SF4 FE2  FE N N 305 
SF4 FE3  FE N N 306 
SF4 FE4  FE N N 307 
SF4 S1   S  N N 308 
SF4 S2   S  N N 309 
SF4 S3   S  N N 310 
SF4 S4   S  N N 311 
THR N    N  N N 312 
THR CA   C  N S 313 
THR C    C  N N 314 
THR O    O  N N 315 
THR CB   C  N R 316 
THR OG1  O  N N 317 
THR CG2  C  N N 318 
THR OXT  O  N N 319 
THR H    H  N N 320 
THR H2   H  N N 321 
THR HA   H  N N 322 
THR HB   H  N N 323 
THR HG1  H  N N 324 
THR HG21 H  N N 325 
THR HG22 H  N N 326 
THR HG23 H  N N 327 
THR HXT  H  N N 328 
TRP N    N  N N 329 
TRP CA   C  N S 330 
TRP C    C  N N 331 
TRP O    O  N N 332 
TRP CB   C  N N 333 
TRP CG   C  Y N 334 
TRP CD1  C  Y N 335 
TRP CD2  C  Y N 336 
TRP NE1  N  Y N 337 
TRP CE2  C  Y N 338 
TRP CE3  C  Y N 339 
TRP CZ2  C  Y N 340 
TRP CZ3  C  Y N 341 
TRP CH2  C  Y N 342 
TRP OXT  O  N N 343 
TRP H    H  N N 344 
TRP H2   H  N N 345 
TRP HA   H  N N 346 
TRP HB2  H  N N 347 
TRP HB3  H  N N 348 
TRP HD1  H  N N 349 
TRP HE1  H  N N 350 
TRP HE3  H  N N 351 
TRP HZ2  H  N N 352 
TRP HZ3  H  N N 353 
TRP HH2  H  N N 354 
TRP HXT  H  N N 355 
TYR N    N  N N 356 
TYR CA   C  N S 357 
TYR C    C  N N 358 
TYR O    O  N N 359 
TYR CB   C  N N 360 
TYR CG   C  Y N 361 
TYR CD1  C  Y N 362 
TYR CD2  C  Y N 363 
TYR CE1  C  Y N 364 
TYR CE2  C  Y N 365 
TYR CZ   C  Y N 366 
TYR OH   O  N N 367 
TYR OXT  O  N N 368 
TYR H    H  N N 369 
TYR H2   H  N N 370 
TYR HA   H  N N 371 
TYR HB2  H  N N 372 
TYR HB3  H  N N 373 
TYR HD1  H  N N 374 
TYR HD2  H  N N 375 
TYR HE1  H  N N 376 
TYR HE2  H  N N 377 
TYR HH   H  N N 378 
TYR HXT  H  N N 379 
VAL N    N  N N 380 
VAL CA   C  N S 381 
VAL C    C  N N 382 
VAL O    O  N N 383 
VAL CB   C  N N 384 
VAL CG1  C  N N 385 
VAL CG2  C  N N 386 
VAL OXT  O  N N 387 
VAL H    H  N N 388 
VAL H2   H  N N 389 
VAL HA   H  N N 390 
VAL HB   H  N N 391 
VAL HG11 H  N N 392 
VAL HG12 H  N N 393 
VAL HG13 H  N N 394 
VAL HG21 H  N N 395 
VAL HG22 H  N N 396 
VAL HG23 H  N N 397 
VAL HXT  H  N N 398 
# 
loop_
_chem_comp_bond.comp_id 
_chem_comp_bond.atom_id_1 
_chem_comp_bond.atom_id_2 
_chem_comp_bond.value_order 
_chem_comp_bond.pdbx_aromatic_flag 
_chem_comp_bond.pdbx_stereo_config 
_chem_comp_bond.pdbx_ordinal 
ALA N   CA   sing N N 1   
ALA N   H    sing N N 2   
ALA N   H2   sing N N 3   
ALA CA  C    sing N N 4   
ALA CA  CB   sing N N 5   
ALA CA  HA   sing N N 6   
ALA C   O    doub N N 7   
ALA C   OXT  sing N N 8   
ALA CB  HB1  sing N N 9   
ALA CB  HB2  sing N N 10  
ALA CB  HB3  sing N N 11  
ALA OXT HXT  sing N N 12  
ARG N   CA   sing N N 13  
ARG N   H    sing N N 14  
ARG N   H2   sing N N 15  
ARG CA  C    sing N N 16  
ARG CA  CB   sing N N 17  
ARG CA  HA   sing N N 18  
ARG C   O    doub N N 19  
ARG C   OXT  sing N N 20  
ARG CB  CG   sing N N 21  
ARG CB  HB2  sing N N 22  
ARG CB  HB3  sing N N 23  
ARG CG  CD   sing N N 24  
ARG CG  HG2  sing N N 25  
ARG CG  HG3  sing N N 26  
ARG CD  NE   sing N N 27  
ARG CD  HD2  sing N N 28  
ARG CD  HD3  sing N N 29  
ARG NE  CZ   sing N N 30  
ARG NE  HE   sing N N 31  
ARG CZ  NH1  sing N N 32  
ARG CZ  NH2  doub N N 33  
ARG NH1 HH11 sing N N 34  
ARG NH1 HH12 sing N N 35  
ARG NH2 HH21 sing N N 36  
ARG NH2 HH22 sing N N 37  
ARG OXT HXT  sing N N 38  
ASN N   CA   sing N N 39  
ASN N   H    sing N N 40  
ASN N   H2   sing N N 41  
ASN CA  C    sing N N 42  
ASN CA  CB   sing N N 43  
ASN CA  HA   sing N N 44  
ASN C   O    doub N N 45  
ASN C   OXT  sing N N 46  
ASN CB  CG   sing N N 47  
ASN CB  HB2  sing N N 48  
ASN CB  HB3  sing N N 49  
ASN CG  OD1  doub N N 50  
ASN CG  ND2  sing N N 51  
ASN ND2 HD21 sing N N 52  
ASN ND2 HD22 sing N N 53  
ASN OXT HXT  sing N N 54  
ASP N   CA   sing N N 55  
ASP N   H    sing N N 56  
ASP N   H2   sing N N 57  
ASP CA  C    sing N N 58  
ASP CA  CB   sing N N 59  
ASP CA  HA   sing N N 60  
ASP C   O    doub N N 61  
ASP C   OXT  sing N N 62  
ASP CB  CG   sing N N 63  
ASP CB  HB2  sing N N 64  
ASP CB  HB3  sing N N 65  
ASP CG  OD1  doub N N 66  
ASP CG  OD2  sing N N 67  
ASP OD2 HD2  sing N N 68  
ASP OXT HXT  sing N N 69  
CYS N   CA   sing N N 70  
CYS N   H    sing N N 71  
CYS N   H2   sing N N 72  
CYS CA  C    sing N N 73  
CYS CA  CB   sing N N 74  
CYS CA  HA   sing N N 75  
CYS C   O    doub N N 76  
CYS C   OXT  sing N N 77  
CYS CB  SG   sing N N 78  
CYS CB  HB2  sing N N 79  
CYS CB  HB3  sing N N 80  
CYS SG  HG   sing N N 81  
CYS OXT HXT  sing N N 82  
GLN N   CA   sing N N 83  
GLN N   H    sing N N 84  
GLN N   H2   sing N N 85  
GLN CA  C    sing N N 86  
GLN CA  CB   sing N N 87  
GLN CA  HA   sing N N 88  
GLN C   O    doub N N 89  
GLN C   OXT  sing N N 90  
GLN CB  CG   sing N N 91  
GLN CB  HB2  sing N N 92  
GLN CB  HB3  sing N N 93  
GLN CG  CD   sing N N 94  
GLN CG  HG2  sing N N 95  
GLN CG  HG3  sing N N 96  
GLN CD  OE1  doub N N 97  
GLN CD  NE2  sing N N 98  
GLN NE2 HE21 sing N N 99  
GLN NE2 HE22 sing N N 100 
GLN OXT HXT  sing N N 101 
GLU N   CA   sing N N 102 
GLU N   H    sing N N 103 
GLU N   H2   sing N N 104 
GLU CA  C    sing N N 105 
GLU CA  CB   sing N N 106 
GLU CA  HA   sing N N 107 
GLU C   O    doub N N 108 
GLU C   OXT  sing N N 109 
GLU CB  CG   sing N N 110 
GLU CB  HB2  sing N N 111 
GLU CB  HB3  sing N N 112 
GLU CG  CD   sing N N 113 
GLU CG  HG2  sing N N 114 
GLU CG  HG3  sing N N 115 
GLU CD  OE1  doub N N 116 
GLU CD  OE2  sing N N 117 
GLU OE2 HE2  sing N N 118 
GLU OXT HXT  sing N N 119 
GLY N   CA   sing N N 120 
GLY N   H    sing N N 121 
GLY N   H2   sing N N 122 
GLY CA  C    sing N N 123 
GLY CA  HA2  sing N N 124 
GLY CA  HA3  sing N N 125 
GLY C   O    doub N N 126 
GLY C   OXT  sing N N 127 
GLY OXT HXT  sing N N 128 
HIS N   CA   sing N N 129 
HIS N   H    sing N N 130 
HIS N   H2   sing N N 131 
HIS CA  C    sing N N 132 
HIS CA  CB   sing N N 133 
HIS CA  HA   sing N N 134 
HIS C   O    doub N N 135 
HIS C   OXT  sing N N 136 
HIS CB  CG   sing N N 137 
HIS CB  HB2  sing N N 138 
HIS CB  HB3  sing N N 139 
HIS CG  ND1  sing Y N 140 
HIS CG  CD2  doub Y N 141 
HIS ND1 CE1  doub Y N 142 
HIS ND1 HD1  sing N N 143 
HIS CD2 NE2  sing Y N 144 
HIS CD2 HD2  sing N N 145 
HIS CE1 NE2  sing Y N 146 
HIS CE1 HE1  sing N N 147 
HIS NE2 HE2  sing N N 148 
HIS OXT HXT  sing N N 149 
HOH O   H1   sing N N 150 
HOH O   H2   sing N N 151 
ILE N   CA   sing N N 152 
ILE N   H    sing N N 153 
ILE N   H2   sing N N 154 
ILE CA  C    sing N N 155 
ILE CA  CB   sing N N 156 
ILE CA  HA   sing N N 157 
ILE C   O    doub N N 158 
ILE C   OXT  sing N N 159 
ILE CB  CG1  sing N N 160 
ILE CB  CG2  sing N N 161 
ILE CB  HB   sing N N 162 
ILE CG1 CD1  sing N N 163 
ILE CG1 HG12 sing N N 164 
ILE CG1 HG13 sing N N 165 
ILE CG2 HG21 sing N N 166 
ILE CG2 HG22 sing N N 167 
ILE CG2 HG23 sing N N 168 
ILE CD1 HD11 sing N N 169 
ILE CD1 HD12 sing N N 170 
ILE CD1 HD13 sing N N 171 
ILE OXT HXT  sing N N 172 
LEU N   CA   sing N N 173 
LEU N   H    sing N N 174 
LEU N   H2   sing N N 175 
LEU CA  C    sing N N 176 
LEU CA  CB   sing N N 177 
LEU CA  HA   sing N N 178 
LEU C   O    doub N N 179 
LEU C   OXT  sing N N 180 
LEU CB  CG   sing N N 181 
LEU CB  HB2  sing N N 182 
LEU CB  HB3  sing N N 183 
LEU CG  CD1  sing N N 184 
LEU CG  CD2  sing N N 185 
LEU CG  HG   sing N N 186 
LEU CD1 HD11 sing N N 187 
LEU CD1 HD12 sing N N 188 
LEU CD1 HD13 sing N N 189 
LEU CD2 HD21 sing N N 190 
LEU CD2 HD22 sing N N 191 
LEU CD2 HD23 sing N N 192 
LEU OXT HXT  sing N N 193 
LYS N   CA   sing N N 194 
LYS N   H    sing N N 195 
LYS N   H2   sing N N 196 
LYS CA  C    sing N N 197 
LYS CA  CB   sing N N 198 
LYS CA  HA   sing N N 199 
LYS C   O    doub N N 200 
LYS C   OXT  sing N N 201 
LYS CB  CG   sing N N 202 
LYS CB  HB2  sing N N 203 
LYS CB  HB3  sing N N 204 
LYS CG  CD   sing N N 205 
LYS CG  HG2  sing N N 206 
LYS CG  HG3  sing N N 207 
LYS CD  CE   sing N N 208 
LYS CD  HD2  sing N N 209 
LYS CD  HD3  sing N N 210 
LYS CE  NZ   sing N N 211 
LYS CE  HE2  sing N N 212 
LYS CE  HE3  sing N N 213 
LYS NZ  HZ1  sing N N 214 
LYS NZ  HZ2  sing N N 215 
LYS NZ  HZ3  sing N N 216 
LYS OXT HXT  sing N N 217 
MET N   CA   sing N N 218 
MET N   H    sing N N 219 
MET N   H2   sing N N 220 
MET CA  C    sing N N 221 
MET CA  CB   sing N N 222 
MET CA  HA   sing N N 223 
MET C   O    doub N N 224 
MET C   OXT  sing N N 225 
MET CB  CG   sing N N 226 
MET CB  HB2  sing N N 227 
MET CB  HB3  sing N N 228 
MET CG  SD   sing N N 229 
MET CG  HG2  sing N N 230 
MET CG  HG3  sing N N 231 
MET SD  CE   sing N N 232 
MET CE  HE1  sing N N 233 
MET CE  HE2  sing N N 234 
MET CE  HE3  sing N N 235 
MET OXT HXT  sing N N 236 
PHE N   CA   sing N N 237 
PHE N   H    sing N N 238 
PHE N   H2   sing N N 239 
PHE CA  C    sing N N 240 
PHE CA  CB   sing N N 241 
PHE CA  HA   sing N N 242 
PHE C   O    doub N N 243 
PHE C   OXT  sing N N 244 
PHE CB  CG   sing N N 245 
PHE CB  HB2  sing N N 246 
PHE CB  HB3  sing N N 247 
PHE CG  CD1  doub Y N 248 
PHE CG  CD2  sing Y N 249 
PHE CD1 CE1  sing Y N 250 
PHE CD1 HD1  sing N N 251 
PHE CD2 CE2  doub Y N 252 
PHE CD2 HD2  sing N N 253 
PHE CE1 CZ   doub Y N 254 
PHE CE1 HE1  sing N N 255 
PHE CE2 CZ   sing Y N 256 
PHE CE2 HE2  sing N N 257 
PHE CZ  HZ   sing N N 258 
PHE OXT HXT  sing N N 259 
PRO N   CA   sing N N 260 
PRO N   CD   sing N N 261 
PRO N   H    sing N N 262 
PRO CA  C    sing N N 263 
PRO CA  CB   sing N N 264 
PRO CA  HA   sing N N 265 
PRO C   O    doub N N 266 
PRO C   OXT  sing N N 267 
PRO CB  CG   sing N N 268 
PRO CB  HB2  sing N N 269 
PRO CB  HB3  sing N N 270 
PRO CG  CD   sing N N 271 
PRO CG  HG2  sing N N 272 
PRO CG  HG3  sing N N 273 
PRO CD  HD2  sing N N 274 
PRO CD  HD3  sing N N 275 
PRO OXT HXT  sing N N 276 
SER N   CA   sing N N 277 
SER N   H    sing N N 278 
SER N   H2   sing N N 279 
SER CA  C    sing N N 280 
SER CA  CB   sing N N 281 
SER CA  HA   sing N N 282 
SER C   O    doub N N 283 
SER C   OXT  sing N N 284 
SER CB  OG   sing N N 285 
SER CB  HB2  sing N N 286 
SER CB  HB3  sing N N 287 
SER OG  HG   sing N N 288 
SER OXT HXT  sing N N 289 
SF4 FE1 S2   sing N N 290 
SF4 FE1 S3   sing N N 291 
SF4 FE1 S4   sing N N 292 
SF4 FE2 S1   sing N N 293 
SF4 FE2 S3   sing N N 294 
SF4 FE2 S4   sing N N 295 
SF4 FE3 S1   sing N N 296 
SF4 FE3 S2   sing N N 297 
SF4 FE3 S4   sing N N 298 
SF4 FE4 S1   sing N N 299 
SF4 FE4 S2   sing N N 300 
SF4 FE4 S3   sing N N 301 
THR N   CA   sing N N 302 
THR N   H    sing N N 303 
THR N   H2   sing N N 304 
THR CA  C    sing N N 305 
THR CA  CB   sing N N 306 
THR CA  HA   sing N N 307 
THR C   O    doub N N 308 
THR C   OXT  sing N N 309 
THR CB  OG1  sing N N 310 
THR CB  CG2  sing N N 311 
THR CB  HB   sing N N 312 
THR OG1 HG1  sing N N 313 
THR CG2 HG21 sing N N 314 
THR CG2 HG22 sing N N 315 
THR CG2 HG23 sing N N 316 
THR OXT HXT  sing N N 317 
TRP N   CA   sing N N 318 
TRP N   H    sing N N 319 
TRP N   H2   sing N N 320 
TRP CA  C    sing N N 321 
TRP CA  CB   sing N N 322 
TRP CA  HA   sing N N 323 
TRP C   O    doub N N 324 
TRP C   OXT  sing N N 325 
TRP CB  CG   sing N N 326 
TRP CB  HB2  sing N N 327 
TRP CB  HB3  sing N N 328 
TRP CG  CD1  doub Y N 329 
TRP CG  CD2  sing Y N 330 
TRP CD1 NE1  sing Y N 331 
TRP CD1 HD1  sing N N 332 
TRP CD2 CE2  doub Y N 333 
TRP CD2 CE3  sing Y N 334 
TRP NE1 CE2  sing Y N 335 
TRP NE1 HE1  sing N N 336 
TRP CE2 CZ2  sing Y N 337 
TRP CE3 CZ3  doub Y N 338 
TRP CE3 HE3  sing N N 339 
TRP CZ2 CH2  doub Y N 340 
TRP CZ2 HZ2  sing N N 341 
TRP CZ3 CH2  sing Y N 342 
TRP CZ3 HZ3  sing N N 343 
TRP CH2 HH2  sing N N 344 
TRP OXT HXT  sing N N 345 
TYR N   CA   sing N N 346 
TYR N   H    sing N N 347 
TYR N   H2   sing N N 348 
TYR CA  C    sing N N 349 
TYR CA  CB   sing N N 350 
TYR CA  HA   sing N N 351 
TYR C   O    doub N N 352 
TYR C   OXT  sing N N 353 
TYR CB  CG   sing N N 354 
TYR CB  HB2  sing N N 355 
TYR CB  HB3  sing N N 356 
TYR CG  CD1  doub Y N 357 
TYR CG  CD2  sing Y N 358 
TYR CD1 CE1  sing Y N 359 
TYR CD1 HD1  sing N N 360 
TYR CD2 CE2  doub Y N 361 
TYR CD2 HD2  sing N N 362 
TYR CE1 CZ   doub Y N 363 
TYR CE1 HE1  sing N N 364 
TYR CE2 CZ   sing Y N 365 
TYR CE2 HE2  sing N N 366 
TYR CZ  OH   sing N N 367 
TYR OH  HH   sing N N 368 
TYR OXT HXT  sing N N 369 
VAL N   CA   sing N N 370 
VAL N   H    sing N N 371 
VAL N   H2   sing N N 372 
VAL CA  C    sing N N 373 
VAL CA  CB   sing N N 374 
VAL CA  HA   sing N N 375 
VAL C   O    doub N N 376 
VAL C   OXT  sing N N 377 
VAL CB  CG1  sing N N 378 
VAL CB  CG2  sing N N 379 
VAL CB  HB   sing N N 380 
VAL CG1 HG11 sing N N 381 
VAL CG1 HG12 sing N N 382 
VAL CG1 HG13 sing N N 383 
VAL CG2 HG21 sing N N 384 
VAL CG2 HG22 sing N N 385 
VAL CG2 HG23 sing N N 386 
VAL OXT HXT  sing N N 387 
# 
loop_
_pdbx_audit_support.funding_organization 
_pdbx_audit_support.country 
_pdbx_audit_support.grant_number 
_pdbx_audit_support.ordinal 
'Department of Biotechnology (DBT, India)' India BT/PR28058 1 
'Department of Biotechnology (DBT, India)' India BT/PR13522 2 
# 
_pdbx_entity_instance_feature.ordinal        1 
_pdbx_entity_instance_feature.comp_id        SF4 
_pdbx_entity_instance_feature.asym_id        ? 
_pdbx_entity_instance_feature.seq_num        ? 
_pdbx_entity_instance_feature.auth_comp_id   SF4 
_pdbx_entity_instance_feature.auth_asym_id   ? 
_pdbx_entity_instance_feature.auth_seq_num   ? 
_pdbx_entity_instance_feature.feature_type   'SUBJECT OF INVESTIGATION' 
_pdbx_entity_instance_feature.details        ? 
# 
_pdbx_initial_refinement_model.id               1 
_pdbx_initial_refinement_model.entity_id_list   ? 
_pdbx_initial_refinement_model.type             'experimental model' 
_pdbx_initial_refinement_model.source_name      PDB 
_pdbx_initial_refinement_model.accession_code   6AJS 
_pdbx_initial_refinement_model.details          'H109S mutant of MsmUdgX' 
# 
_atom_sites.entry_id                    8IIQ 
_atom_sites.Cartn_transf_matrix[1][1]   ? 
_atom_sites.Cartn_transf_matrix[1][2]   ? 
_atom_sites.Cartn_transf_matrix[1][3]   ? 
_atom_sites.Cartn_transf_matrix[2][1]   ? 
_atom_sites.Cartn_transf_matrix[2][2]   ? 
_atom_sites.Cartn_transf_matrix[2][3]   ? 
_atom_sites.Cartn_transf_matrix[3][1]   ? 
_atom_sites.Cartn_transf_matrix[3][2]   ? 
_atom_sites.Cartn_transf_matrix[3][3]   ? 
_atom_sites.Cartn_transf_vector[1]      ? 
_atom_sites.Cartn_transf_vector[2]      ? 
_atom_sites.Cartn_transf_vector[3]      ? 
_atom_sites.fract_transf_matrix[1][1]   0.01508543 
_atom_sites.fract_transf_matrix[1][2]   -0.02006265 
_atom_sites.fract_transf_matrix[1][3]   -0.01310090 
_atom_sites.fract_transf_matrix[2][1]   0.01542391 
_atom_sites.fract_transf_matrix[2][2]   0.00444451 
_atom_sites.fract_transf_matrix[2][3]   0.01095403 
_atom_sites.fract_transf_matrix[3][1]   -0.00277247 
_atom_sites.fract_transf_matrix[3][2]   -0.01565841 
_atom_sites.fract_transf_matrix[3][3]   0.01025707 
_atom_sites.fract_transf_vector[1]      0.015318 
_atom_sites.fract_transf_vector[2]      -0.153869 
_atom_sites.fract_transf_vector[3]      0.292065 
_atom_sites.solution_primary            ? 
_atom_sites.solution_secondary          ? 
_atom_sites.solution_hydrogens          ? 
_atom_sites.special_details             ? 
# 
loop_
_atom_type.symbol 
C  
FE 
N  
O  
S  
# 
loop_
_atom_site.group_PDB 
_atom_site.id 
_atom_site.type_symbol 
_atom_site.label_atom_id 
_atom_site.label_alt_id 
_atom_site.label_comp_id 
_atom_site.label_asym_id 
_atom_site.label_entity_id 
_atom_site.label_seq_id 
_atom_site.pdbx_PDB_ins_code 
_atom_site.Cartn_x 
_atom_site.Cartn_y 
_atom_site.Cartn_z 
_atom_site.occupancy 
_atom_site.B_iso_or_equiv 
_atom_site.pdbx_formal_charge 
_atom_site.auth_seq_id 
_atom_site.auth_comp_id 
_atom_site.auth_asym_id 
_atom_site.auth_atom_id 
_atom_site.pdbx_PDB_model_num 
ATOM   1    N  N   . MET A 1 1   ? 12.992  19.961  -2.198  1.00 25.42 ? 1   MET A N   1 
ATOM   2    C  CA  . MET A 1 1   ? 14.330  19.626  -1.715  1.00 26.27 ? 1   MET A CA  1 
ATOM   3    C  C   . MET A 1 1   ? 14.305  18.497  -0.675  1.00 22.50 ? 1   MET A C   1 
ATOM   4    O  O   . MET A 1 1   ? 15.358  18.106  -0.164  1.00 23.89 ? 1   MET A O   1 
ATOM   5    C  CB  . MET A 1 1   ? 15.011  20.881  -1.142  1.00 24.89 ? 1   MET A CB  1 
ATOM   6    C  CG  . MET A 1 1   ? 15.884  21.555  -2.175  1.00 26.88 ? 1   MET A CG  1 
ATOM   7    S  SD  . MET A 1 1   ? 16.971  22.935  -1.739  1.00 34.62 ? 1   MET A SD  1 
ATOM   8    C  CE  . MET A 1 1   ? 18.262  22.201  -0.749  1.00 19.70 ? 1   MET A CE  1 
ATOM   9    N  N   . ALA A 1 2   ? 13.121  17.947  -0.393  1.00 19.81 ? 2   ALA A N   1 
ATOM   10   C  CA  . ALA A 1 2   ? 12.967  16.894  0.610   1.00 21.15 ? 2   ALA A CA  1 
ATOM   11   C  C   . ALA A 1 2   ? 12.543  15.575  -0.033  1.00 19.58 ? 2   ALA A C   1 
ATOM   12   O  O   . ALA A 1 2   ? 11.632  15.550  -0.865  1.00 18.26 ? 2   ALA A O   1 
ATOM   13   C  CB  . ALA A 1 2   ? 11.942  17.297  1.669   1.00 20.95 ? 2   ALA A CB  1 
ATOM   14   N  N   . GLY A 1 3   ? 13.204  14.482  0.359   1.00 16.86 ? 3   GLY A N   1 
ATOM   15   C  CA  . GLY A 1 3   ? 12.739  13.156  -0.019  1.00 15.15 ? 3   GLY A CA  1 
ATOM   16   C  C   . GLY A 1 3   ? 12.706  12.966  -1.526  1.00 13.06 ? 3   GLY A C   1 
ATOM   17   O  O   . GLY A 1 3   ? 13.572  13.451  -2.257  1.00 12.79 ? 3   GLY A O   1 
ATOM   18   N  N   . ALA A 1 4   ? 11.667  12.275  -1.996  1.00 12.41 ? 4   ALA A N   1 
ATOM   19   C  CA  . ALA A 1 4   ? 11.458  11.979  -3.408  1.00 13.28 ? 4   ALA A CA  1 
ATOM   20   C  C   . ALA A 1 4   ? 10.830  13.137  -4.192  1.00 12.69 ? 4   ALA A C   1 
ATOM   21   O  O   . ALA A 1 4   ? 10.600  12.981  -5.388  1.00 12.06 ? 4   ALA A O   1 
ATOM   22   C  CB  . ALA A 1 4   ? 10.569  10.727  -3.558  1.00 9.10  ? 4   ALA A CB  1 
ATOM   23   N  N   . GLN A 1 5   ? 10.555  14.282  -3.552  1.00 13.92 ? 5   GLN A N   1 
ATOM   24   C  CA  . GLN A 1 5   ? 9.639   15.275  -4.134  1.00 16.90 ? 5   GLN A CA  1 
ATOM   25   C  C   . GLN A 1 5   ? 10.120  15.815  -5.485  1.00 16.08 ? 5   GLN A C   1 
ATOM   26   O  O   . GLN A 1 5   ? 9.311   15.986  -6.409  1.00 16.92 ? 5   GLN A O   1 
ATOM   27   C  CB  . GLN A 1 5   ? 9.418   16.437  -3.156  1.00 16.11 ? 5   GLN A CB  1 
ATOM   28   C  CG  . GLN A 1 5   ? 8.386   17.485  -3.635  1.00 19.83 ? 5   GLN A CG  1 
ATOM   29   C  CD  . GLN A 1 5   ? 7.031   16.862  -4.026  1.00 21.54 ? 5   GLN A CD  1 
ATOM   30   O  OE1 . GLN A 1 5   ? 6.190   16.579  -3.167  1.00 21.20 ? 5   GLN A OE1 1 
ATOM   31   N  NE2 . GLN A 1 5   ? 6.828   16.638  -5.327  1.00 21.27 ? 5   GLN A NE2 1 
ATOM   32   N  N   . ASP A 1 6   ? 11.418  16.101  -5.627  1.00 14.34 ? 6   ASP A N   1 
ATOM   33   C  CA  . ASP A 1 6   ? 11.906  16.603  -6.915  1.00 15.72 ? 6   ASP A CA  1 
ATOM   34   C  C   . ASP A 1 6   ? 11.902  15.533  -8.007  1.00 16.68 ? 6   ASP A C   1 
ATOM   35   O  O   . ASP A 1 6   ? 11.958  15.874  -9.196  1.00 18.20 ? 6   ASP A O   1 
ATOM   36   C  CB  . ASP A 1 6   ? 13.321  17.185  -6.776  1.00 17.72 ? 6   ASP A CB  1 
ATOM   37   C  CG  . ASP A 1 6   ? 13.701  18.100  -7.950  1.00 17.57 ? 6   ASP A CG  1 
ATOM   38   O  OD1 . ASP A 1 6   ? 12.892  18.989  -8.295  1.00 18.86 ? 6   ASP A OD1 1 
ATOM   39   O  OD2 . ASP A 1 6   ? 14.803  17.939  -8.516  1.00 16.27 ? 6   ASP A OD2 1 
ATOM   40   N  N   . PHE A 1 7   ? 11.839  14.252  -7.647  1.00 14.36 ? 7   PHE A N   1 
ATOM   41   C  CA  . PHE A 1 7   ? 11.810  13.227  -8.687  1.00 15.05 ? 7   PHE A CA  1 
ATOM   42   C  C   . PHE A 1 7   ? 10.414  13.025  -9.269  1.00 13.95 ? 7   PHE A C   1 
ATOM   43   O  O   . PHE A 1 7   ? 10.300  12.441  -10.351 1.00 14.60 ? 7   PHE A O   1 
ATOM   44   C  CB  . PHE A 1 7   ? 12.364  11.905  -8.139  1.00 12.92 ? 7   PHE A CB  1 
ATOM   45   C  CG  . PHE A 1 7   ? 13.815  11.974  -7.793  1.00 14.26 ? 7   PHE A CG  1 
ATOM   46   C  CD1 . PHE A 1 7   ? 14.783  11.954  -8.796  1.00 15.34 ? 7   PHE A CD1 1 
ATOM   47   C  CD2 . PHE A 1 7   ? 14.223  12.113  -6.478  1.00 13.80 ? 7   PHE A CD2 1 
ATOM   48   C  CE1 . PHE A 1 7   ? 16.143  12.030  -8.466  1.00 15.65 ? 7   PHE A CE1 1 
ATOM   49   C  CE2 . PHE A 1 7   ? 15.581  12.205  -6.155  1.00 13.23 ? 7   PHE A CE2 1 
ATOM   50   C  CZ  . PHE A 1 7   ? 16.530  12.168  -7.143  1.00 13.32 ? 7   PHE A CZ  1 
ATOM   51   N  N   . VAL A 1 8   ? 9.370   13.490  -8.582  1.00 12.89 ? 8   VAL A N   1 
ATOM   52   C  CA  . VAL A 1 8   ? 7.968   13.333  -8.999  1.00 14.36 ? 8   VAL A CA  1 
ATOM   53   C  C   . VAL A 1 8   ? 7.670   14.350  -10.099 1.00 16.34 ? 8   VAL A C   1 
ATOM   54   O  O   . VAL A 1 8   ? 7.848   15.554  -9.878  1.00 17.05 ? 8   VAL A O   1 
ATOM   55   C  CB  . VAL A 1 8   ? 7.001   13.507  -7.805  1.00 14.15 ? 8   VAL A CB  1 
ATOM   56   C  CG1 . VAL A 1 8   ? 5.531   13.223  -8.212  1.00 12.77 ? 8   VAL A CG1 1 
ATOM   57   C  CG2 . VAL A 1 8   ? 7.404   12.609  -6.619  1.00 12.59 ? 8   VAL A CG2 1 
ATOM   58   N  N   . PRO A 1 9   ? 7.251   13.924  -11.292 1.00 17.72 ? 9   PRO A N   1 
ATOM   59   C  CA  . PRO A 1 9   ? 6.912   14.883  -12.349 1.00 19.13 ? 9   PRO A CA  1 
ATOM   60   C  C   . PRO A 1 9   ? 5.525   15.480  -12.163 1.00 20.89 ? 9   PRO A C   1 
ATOM   61   O  O   . PRO A 1 9   ? 4.678   14.965  -11.431 1.00 16.68 ? 9   PRO A O   1 
ATOM   62   C  CB  . PRO A 1 9   ? 6.978   14.048  -13.636 1.00 18.49 ? 9   PRO A CB  1 
ATOM   63   C  CG  . PRO A 1 9   ? 6.767   12.643  -13.201 1.00 17.52 ? 9   PRO A CG  1 
ATOM   64   C  CD  . PRO A 1 9   ? 7.120   12.526  -11.740 1.00 14.84 ? 9   PRO A CD  1 
ATOM   65   N  N   . HIS A 1 10  ? 5.308   16.595  -12.856 1.00 25.65 ? 10  HIS A N   1 
ATOM   66   C  CA  . HIS A 1 10  ? 4.039   17.322  -12.783 1.00 25.02 ? 10  HIS A CA  1 
ATOM   67   C  C   . HIS A 1 10  ? 3.051   16.772  -13.808 1.00 25.61 ? 10  HIS A C   1 
ATOM   68   O  O   . HIS A 1 10  ? 2.655   17.441  -14.764 1.00 32.50 ? 10  HIS A O   1 
ATOM   69   C  CB  . HIS A 1 10  ? 4.285   18.816  -12.969 1.00 26.00 ? 10  HIS A CB  1 
ATOM   70   C  CG  . HIS A 1 10  ? 5.184   19.388  -11.923 1.00 27.59 ? 10  HIS A CG  1 
ATOM   71   N  ND1 . HIS A 1 10  ? 4.752   19.648  -10.639 1.00 33.03 ? 10  HIS A ND1 1 
ATOM   72   C  CD2 . HIS A 1 10  ? 6.503   19.684  -11.944 1.00 30.48 ? 10  HIS A CD2 1 
ATOM   73   C  CE1 . HIS A 1 10  ? 5.761   20.109  -9.922  1.00 32.58 ? 10  HIS A CE1 1 
ATOM   74   N  NE2 . HIS A 1 10  ? 6.835   20.144  -10.690 1.00 33.41 ? 10  HIS A NE2 1 
ATOM   75   N  N   . THR A 1 11  ? 2.679   15.509  -13.599 1.00 24.03 ? 11  THR A N   1 
ATOM   76   C  CA  . THR A 1 11  ? 1.689   14.825  -14.419 1.00 21.11 ? 11  THR A CA  1 
ATOM   77   C  C   . THR A 1 11  ? 0.946   13.837  -13.528 1.00 21.25 ? 11  THR A C   1 
ATOM   78   O  O   . THR A 1 11  ? 1.488   13.360  -12.526 1.00 22.43 ? 11  THR A O   1 
ATOM   79   C  CB  . THR A 1 11  ? 2.321   14.111  -15.636 1.00 22.44 ? 11  THR A CB  1 
ATOM   80   O  OG1 . THR A 1 11  ? 1.346   13.307  -16.310 1.00 20.58 ? 11  THR A OG1 1 
ATOM   81   C  CG2 . THR A 1 11  ? 3.487   13.217  -15.234 1.00 20.46 ? 11  THR A CG2 1 
ATOM   82   N  N   . ALA A 1 12  ? -0.312  13.572  -13.873 1.00 19.09 ? 12  ALA A N   1 
ATOM   83   C  CA  . ALA A 1 12  ? -1.099  12.550  -13.197 1.00 19.65 ? 12  ALA A CA  1 
ATOM   84   C  C   . ALA A 1 12  ? -1.089  11.230  -13.946 1.00 19.79 ? 12  ALA A C   1 
ATOM   85   O  O   . ALA A 1 12  ? -1.726  10.268  -13.500 1.00 21.45 ? 12  ALA A O   1 
ATOM   86   C  CB  . ALA A 1 12  ? -2.547  13.017  -13.007 1.00 20.38 ? 12  ALA A CB  1 
ATOM   87   N  N   . ASP A 1 13  ? -0.403  11.168  -15.083 1.00 19.33 ? 13  ASP A N   1 
ATOM   88   C  CA  . ASP A 1 13  ? -0.328  9.943   -15.851 1.00 18.01 ? 13  ASP A CA  1 
ATOM   89   C  C   . ASP A 1 13  ? 0.428   8.893   -15.043 1.00 17.99 ? 13  ASP A C   1 
ATOM   90   O  O   . ASP A 1 13  ? 1.593   9.094   -14.678 1.00 16.72 ? 13  ASP A O   1 
ATOM   91   C  CB  . ASP A 1 13  ? 0.358   10.211  -17.188 1.00 20.26 ? 13  ASP A CB  1 
ATOM   92   C  CG  . ASP A 1 13  ? 0.166   9.081   -18.164 1.00 17.23 ? 13  ASP A CG  1 
ATOM   93   O  OD1 . ASP A 1 13  ? 0.897   8.095   -18.064 1.00 19.53 ? 13  ASP A OD1 1 
ATOM   94   O  OD2 . ASP A 1 13  ? -0.719  9.165   -19.030 1.00 22.63 ? 13  ASP A OD2 1 
ATOM   95   N  N   . LEU A 1 14  ? -0.246  7.775   -14.753 1.00 15.78 ? 14  LEU A N   1 
ATOM   96   C  CA  . LEU A 1 14  ? 0.358   6.735   -13.931 1.00 16.44 ? 14  LEU A CA  1 
ATOM   97   C  C   . LEU A 1 14  ? 1.538   6.066   -14.643 1.00 17.38 ? 14  LEU A C   1 
ATOM   98   O  O   . LEU A 1 14  ? 2.532   5.731   -13.990 1.00 14.61 ? 14  LEU A O   1 
ATOM   99   C  CB  . LEU A 1 14  ? -0.699  5.699   -13.537 1.00 16.06 ? 14  LEU A CB  1 
ATOM   100  C  CG  . LEU A 1 14  ? -1.830  6.103   -12.579 1.00 16.57 ? 14  LEU A CG  1 
ATOM   101  C  CD1 . LEU A 1 14  ? -2.815  4.934   -12.458 1.00 16.59 ? 14  LEU A CD1 1 
ATOM   102  C  CD2 . LEU A 1 14  ? -1.274  6.520   -11.203 1.00 13.41 ? 14  LEU A CD2 1 
ATOM   103  N  N   . ALA A 1 15  ? 1.453   5.888   -15.972 1.00 15.80 ? 15  ALA A N   1 
ATOM   104  C  CA  . ALA A 1 15  ? 2.580   5.348   -16.738 1.00 17.46 ? 15  ALA A CA  1 
ATOM   105  C  C   . ALA A 1 15  ? 3.812   6.239   -16.617 1.00 16.19 ? 15  ALA A C   1 
ATOM   106  O  O   . ALA A 1 15  ? 4.917   5.753   -16.346 1.00 17.42 ? 15  ALA A O   1 
ATOM   107  C  CB  . ALA A 1 15  ? 2.188   5.187   -18.212 1.00 16.84 ? 15  ALA A CB  1 
ATOM   108  N  N   . GLU A 1 16  ? 3.632   7.550   -16.802 1.00 17.23 ? 16  GLU A N   1 
ATOM   109  C  CA  . GLU A 1 16  ? 4.722   8.506   -16.647 1.00 17.46 ? 16  GLU A CA  1 
ATOM   110  C  C   . GLU A 1 16  ? 5.214   8.582   -15.200 1.00 15.11 ? 16  GLU A C   1 
ATOM   111  O  O   . GLU A 1 16  ? 6.411   8.758   -14.963 1.00 14.38 ? 16  GLU A O   1 
ATOM   112  C  CB  . GLU A 1 16  ? 4.272   9.891   -17.124 1.00 16.90 ? 16  GLU A CB  1 
ATOM   113  C  CG  . GLU A 1 16  ? 3.723   9.939   -18.553 1.00 24.03 ? 16  GLU A CG  1 
ATOM   114  C  CD  . GLU A 1 16  ? 4.763   9.701   -19.639 1.00 29.78 ? 16  GLU A CD  1 
ATOM   115  O  OE1 . GLU A 1 16  ? 5.983   9.702   -19.348 1.00 31.95 ? 16  GLU A OE1 1 
ATOM   116  O  OE2 . GLU A 1 16  ? 4.346   9.546   -20.808 1.00 35.48 ? 16  GLU A OE2 1 
ATOM   117  N  N   . LEU A 1 17  ? 4.307   8.502   -14.220 1.00 14.64 ? 17  LEU A N   1 
ATOM   118  C  CA  . LEU A 1 17  ? 4.748   8.479   -12.825 1.00 13.40 ? 17  LEU A CA  1 
ATOM   119  C  C   . LEU A 1 17  ? 5.615   7.258   -12.558 1.00 12.45 ? 17  LEU A C   1 
ATOM   120  O  O   . LEU A 1 17  ? 6.666   7.354   -11.912 1.00 11.00 ? 17  LEU A O   1 
ATOM   121  C  CB  . LEU A 1 17  ? 3.538   8.495   -11.881 1.00 10.29 ? 17  LEU A CB  1 
ATOM   122  C  CG  . LEU A 1 17  ? 2.826   9.856   -11.872 1.00 12.93 ? 17  LEU A CG  1 
ATOM   123  C  CD1 . LEU A 1 17  ? 1.413   9.739   -11.312 1.00 13.36 ? 17  LEU A CD1 1 
ATOM   124  C  CD2 . LEU A 1 17  ? 3.628   10.858  -11.081 1.00 11.08 ? 17  LEU A CD2 1 
ATOM   125  N  N   . ALA A 1 18  ? 5.171   6.095   -13.029 1.00 13.34 ? 18  ALA A N   1 
ATOM   126  C  CA  . ALA A 1 18  ? 5.925   4.865   -12.813 1.00 13.20 ? 18  ALA A CA  1 
ATOM   127  C  C   . ALA A 1 18  ? 7.289   4.927   -13.490 1.00 14.46 ? 18  ALA A C   1 
ATOM   128  O  O   . ALA A 1 18  ? 8.295   4.494   -12.913 1.00 11.94 ? 18  ALA A O   1 
ATOM   129  C  CB  . ALA A 1 18  ? 5.124   3.673   -13.326 1.00 12.28 ? 18  ALA A CB  1 
ATOM   130  N  N   . ALA A 1 19  ? 7.346   5.437   -14.725 1.00 14.52 ? 19  ALA A N   1 
ATOM   131  C  CA  . ALA A 1 19  ? 8.648   5.620   -15.358 1.00 15.01 ? 19  ALA A CA  1 
ATOM   132  C  C   . ALA A 1 19  ? 9.536   6.513   -14.492 1.00 14.81 ? 19  ALA A C   1 
ATOM   133  O  O   . ALA A 1 19  ? 10.697  6.182   -14.222 1.00 14.83 ? 19  ALA A O   1 
ATOM   134  C  CB  . ALA A 1 19  ? 8.482   6.208   -16.767 1.00 15.78 ? 19  ALA A CB  1 
ATOM   135  N  N   . ALA A 1 20  ? 8.988   7.634   -14.004 1.00 14.76 ? 20  ALA A N   1 
ATOM   136  C  CA  . ALA A 1 20  ? 9.811   8.550   -13.222 1.00 13.63 ? 20  ALA A CA  1 
ATOM   137  C  C   . ALA A 1 20  ? 10.278  7.905   -11.928 1.00 13.67 ? 20  ALA A C   1 
ATOM   138  O  O   . ALA A 1 20  ? 11.398  8.152   -11.478 1.00 15.45 ? 20  ALA A O   1 
ATOM   139  C  CB  . ALA A 1 20  ? 9.049   9.838   -12.923 1.00 12.59 ? 20  ALA A CB  1 
ATOM   140  N  N   . ALA A 1 21  ? 9.428   7.083   -11.308 1.00 12.84 ? 21  ALA A N   1 
ATOM   141  C  CA  . ALA A 1 21  ? 9.830   6.444   -10.064 1.00 12.48 ? 21  ALA A CA  1 
ATOM   142  C  C   . ALA A 1 21  ? 10.998  5.495   -10.282 1.00 13.40 ? 21  ALA A C   1 
ATOM   143  O  O   . ALA A 1 21  ? 11.836  5.328   -9.388  1.00 12.51 ? 21  ALA A O   1 
ATOM   144  C  CB  . ALA A 1 21  ? 8.637   5.727   -9.435  1.00 11.75 ? 21  ALA A CB  1 
ATOM   145  N  N   . GLY A 1 22  ? 11.101  4.900   -11.477 1.00 13.55 ? 22  GLY A N   1 
ATOM   146  C  CA  . GLY A 1 22  ? 12.284  4.122   -11.816 1.00 14.42 ? 22  GLY A CA  1 
ATOM   147  C  C   . GLY A 1 22  ? 13.594  4.865   -11.594 1.00 15.97 ? 22  GLY A C   1 
ATOM   148  O  O   . GLY A 1 22  ? 14.624  4.222   -11.350 1.00 16.86 ? 22  GLY A O   1 
ATOM   149  N  N   . GLU A 1 23  ? 13.577  6.194   -11.646 1.00 14.17 ? 23  GLU A N   1 
ATOM   150  C  CA  . GLU A 1 23  ? 14.769  7.019   -11.474 1.00 16.26 ? 23  GLU A CA  1 
ATOM   151  C  C   . GLU A 1 23  ? 14.907  7.633   -10.082 1.00 16.01 ? 23  GLU A C   1 
ATOM   152  O  O   . GLU A 1 23  ? 15.884  8.346   -9.837  1.00 13.28 ? 23  GLU A O   1 
ATOM   153  C  CB  . GLU A 1 23  ? 14.775  8.157   -12.506 1.00 17.56 ? 23  GLU A CB  1 
ATOM   154  C  CG  . GLU A 1 23  ? 14.555  7.703   -13.943 1.00 21.41 ? 23  GLU A CG  1 
ATOM   155  C  CD  . GLU A 1 23  ? 15.702  6.848   -14.444 1.00 28.78 ? 23  GLU A CD  1 
ATOM   156  O  OE1 . GLU A 1 23  ? 16.873  7.235   -14.221 1.00 33.58 ? 23  GLU A OE1 1 
ATOM   157  O  OE2 . GLU A 1 23  ? 15.434  5.787   -15.050 1.00 31.90 ? 23  GLU A OE2 1 
ATOM   158  N  N   . CYS A 1 24  ? 13.950  7.411   -9.177  1.00 12.54 ? 24  CYS A N   1 
ATOM   159  C  CA  . CYS A 1 24  ? 13.981  8.100   -7.888  1.00 13.11 ? 24  CYS A CA  1 
ATOM   160  C  C   . CYS A 1 24  ? 15.226  7.711   -7.101  1.00 13.24 ? 24  CYS A C   1 
ATOM   161  O  O   . CYS A 1 24  ? 15.612  6.544   -7.064  1.00 14.54 ? 24  CYS A O   1 
ATOM   162  C  CB  . CYS A 1 24  ? 12.733  7.747   -7.070  1.00 11.48 ? 24  CYS A CB  1 
ATOM   163  S  SG  . CYS A 1 24  ? 12.561  8.673   -5.524  1.00 12.59 ? 24  CYS A SG  1 
ATOM   164  N  N   . ARG A 1 25  ? 15.865  8.698   -6.474  1.00 13.76 ? 25  ARG A N   1 
ATOM   165  C  CA  . ARG A 1 25  ? 16.903  8.424   -5.489  1.00 14.13 ? 25  ARG A CA  1 
ATOM   166  C  C   . ARG A 1 25  ? 16.535  9.061   -4.158  1.00 13.16 ? 25  ARG A C   1 
ATOM   167  O  O   . ARG A 1 25  ? 17.407  9.416   -3.370  1.00 15.80 ? 25  ARG A O   1 
ATOM   168  C  CB  . ARG A 1 25  ? 18.277  8.901   -5.982  1.00 16.29 ? 25  ARG A CB  1 
ATOM   169  C  CG  . ARG A 1 25  ? 18.588  8.445   -7.410  1.00 15.86 ? 25  ARG A CG  1 
ATOM   170  C  CD  . ARG A 1 25  ? 20.026  8.681   -7.824  1.00 19.81 ? 25  ARG A CD  1 
ATOM   171  N  NE  . ARG A 1 25  ? 20.441  10.064  -7.578  1.00 23.80 ? 25  ARG A NE  1 
ATOM   172  C  CZ  . ARG A 1 25  ? 20.019  11.123  -8.257  1.00 19.88 ? 25  ARG A CZ  1 
ATOM   173  N  NH1 . ARG A 1 25  ? 19.200  11.005  -9.287  1.00 21.53 ? 25  ARG A NH1 1 
ATOM   174  N  NH2 . ARG A 1 25  ? 20.424  12.332  -7.884  1.00 22.51 ? 25  ARG A NH2 1 
ATOM   175  N  N   . GLY A 1 26  ? 15.227  9.185   -3.895  1.00 13.97 ? 26  GLY A N   1 
ATOM   176  C  CA  . GLY A 1 26  ? 14.679  9.998   -2.825  1.00 12.18 ? 26  GLY A CA  1 
ATOM   177  C  C   . GLY A 1 26  ? 15.012  9.530   -1.428  1.00 13.11 ? 26  GLY A C   1 
ATOM   178  O  O   . GLY A 1 26  ? 14.793  10.291  -0.480  1.00 15.02 ? 26  GLY A O   1 
ATOM   179  N  N   . CYS A 1 27  ? 15.486  8.300   -1.278  1.00 12.06 ? 27  CYS A N   1 
ATOM   180  C  CA  . CYS A 1 27  ? 16.093  7.820   -0.037  1.00 13.09 ? 27  CYS A CA  1 
ATOM   181  C  C   . CYS A 1 27  ? 17.131  6.780   -0.441  1.00 13.45 ? 27  CYS A C   1 
ATOM   182  O  O   . CYS A 1 27  ? 17.426  6.618   -1.630  1.00 14.66 ? 27  CYS A O   1 
ATOM   183  C  CB  . CYS A 1 27  ? 15.019  7.293   0.921   1.00 13.11 ? 27  CYS A CB  1 
ATOM   184  S  SG  . CYS A 1 27  ? 14.311  5.699   0.436   1.00 10.62 ? 27  CYS A SG  1 
ATOM   185  N  N   . GLY A 1 28  ? 17.704  6.073   0.534   1.00 13.25 ? 28  GLY A N   1 
ATOM   186  C  CA  . GLY A 1 28  ? 18.751  5.117   0.176   1.00 14.54 ? 28  GLY A CA  1 
ATOM   187  C  C   . GLY A 1 28  ? 18.282  3.807   -0.442  1.00 15.16 ? 28  GLY A C   1 
ATOM   188  O  O   . GLY A 1 28  ? 19.106  3.061   -0.998  1.00 16.77 ? 28  GLY A O   1 
ATOM   189  N  N   . LEU A 1 29  ? 16.980  3.517   -0.393  1.00 12.73 ? 29  LEU A N   1 
ATOM   190  C  CA  . LEU A 1 29  ? 16.507  2.160   -0.667  1.00 12.59 ? 29  LEU A CA  1 
ATOM   191  C  C   . LEU A 1 29  ? 16.681  1.737   -2.125  1.00 13.88 ? 29  LEU A C   1 
ATOM   192  O  O   . LEU A 1 29  ? 16.731  0.533   -2.393  1.00 12.24 ? 29  LEU A O   1 
ATOM   193  C  CB  . LEU A 1 29  ? 15.029  2.035   -0.260  1.00 11.39 ? 29  LEU A CB  1 
ATOM   194  C  CG  . LEU A 1 29  ? 14.783  2.077   1.250   1.00 13.68 ? 29  LEU A CG  1 
ATOM   195  C  CD1 . LEU A 1 29  ? 13.274  2.039   1.619   1.00 9.40  ? 29  LEU A CD1 1 
ATOM   196  C  CD2 . LEU A 1 29  ? 15.576  0.915   1.908   1.00 12.56 ? 29  LEU A CD2 1 
ATOM   197  N  N   . TYR A 1 30  ? 16.754  2.667   -3.083  1.00 12.84 ? 30  TYR A N   1 
ATOM   198  C  CA  . TYR A 1 30  ? 16.964  2.330   -4.523  1.00 13.76 ? 30  TYR A CA  1 
ATOM   199  C  C   . TYR A 1 30  ? 18.289  1.570   -4.749  1.00 15.55 ? 30  TYR A C   1 
ATOM   200  O  O   . TYR A 1 30  ? 18.375  0.841   -5.742  1.00 15.84 ? 30  TYR A O   1 
ATOM   201  C  CB  . TYR A 1 30  ? 16.946  3.581   -5.407  1.00 13.33 ? 30  TYR A CB  1 
ATOM   202  C  CG  . TYR A 1 30  ? 18.218  4.389   -5.357  1.00 14.87 ? 30  TYR A CG  1 
ATOM   203  C  CD1 . TYR A 1 30  ? 18.474  5.250   -4.305  1.00 15.01 ? 30  TYR A CD1 1 
ATOM   204  C  CD2 . TYR A 1 30  ? 19.189  4.263   -6.337  1.00 14.84 ? 30  TYR A CD2 1 
ATOM   205  C  CE1 . TYR A 1 30  ? 19.648  5.979   -4.233  1.00 16.27 ? 30  TYR A CE1 1 
ATOM   206  C  CE2 . TYR A 1 30  ? 20.371  4.980   -6.280  1.00 16.72 ? 30  TYR A CE2 1 
ATOM   207  C  CZ  . TYR A 1 30  ? 20.598  5.846   -5.227  1.00 18.07 ? 30  TYR A CZ  1 
ATOM   208  O  OH  . TYR A 1 30  ? 21.757  6.554   -5.172  1.00 20.19 ? 30  TYR A OH  1 
ATOM   209  N  N   . ARG A 1 31  ? 19.265  1.720   -3.859  1.00 14.48 ? 31  ARG A N   1 
ATOM   210  C  CA  . ARG A 1 31  ? 20.614  1.113   -4.051  1.00 17.78 ? 31  ARG A CA  1 
ATOM   211  C  C   . ARG A 1 31  ? 20.605  -0.432  -4.123  1.00 17.06 ? 31  ARG A C   1 
ATOM   212  O  O   . ARG A 1 31  ? 21.117  -0.963  -5.101  1.00 15.91 ? 31  ARG A O   1 
ATOM   213  C  CB  . ARG A 1 31  ? 21.582  1.674   -3.003  1.00 17.04 ? 31  ARG A CB  1 
ATOM   214  N  N   . ASP A 1 32  ? 20.045  -1.111  -3.122  1.00 15.96 ? 32  ASP A N   1 
ATOM   215  C  CA  . ASP A 1 32  ? 20.129  -2.595  -3.053  1.00 15.57 ? 32  ASP A CA  1 
ATOM   216  C  C   . ASP A 1 32  ? 18.958  -3.237  -3.784  1.00 16.32 ? 32  ASP A C   1 
ATOM   217  O  O   . ASP A 1 32  ? 19.069  -4.390  -4.166  1.00 18.07 ? 32  ASP A O   1 
ATOM   218  C  CB  . ASP A 1 32  ? 20.248  -3.096  -1.615  1.00 16.94 ? 32  ASP A CB  1 
ATOM   219  C  CG  . ASP A 1 32  ? 21.393  -2.478  -0.839  1.00 20.07 ? 32  ASP A CG  1 
ATOM   220  O  OD1 . ASP A 1 32  ? 22.277  -1.881  -1.467  1.00 21.91 ? 32  ASP A OD1 1 
ATOM   221  O  OD2 . ASP A 1 32  ? 21.378  -2.596  0.385   1.00 25.04 ? 32  ASP A OD2 1 
ATOM   222  N  N   . ALA A 1 33  ? 17.896  -2.481  -3.982  1.00 15.70 ? 33  ALA A N   1 
ATOM   223  C  CA  . ALA A 1 33  ? 16.684  -3.046  -4.594  1.00 14.89 ? 33  ALA A CA  1 
ATOM   224  C  C   . ALA A 1 33  ? 16.886  -3.222  -6.106  1.00 16.60 ? 33  ALA A C   1 
ATOM   225  O  O   . ALA A 1 33  ? 17.712  -2.508  -6.686  1.00 13.97 ? 33  ALA A O   1 
ATOM   226  C  CB  . ALA A 1 33  ? 15.511  -2.196  -4.249  1.00 13.85 ? 33  ALA A CB  1 
ATOM   227  N  N   . THR A 1 34  ? 16.171  -4.178  -6.683  1.00 14.11 ? 34  THR A N   1 
ATOM   228  C  CA  . THR A 1 34  ? 16.316  -4.401  -8.122  1.00 14.31 ? 34  THR A CA  1 
ATOM   229  C  C   . THR A 1 34  ? 15.763  -3.215  -8.907  1.00 14.62 ? 34  THR A C   1 
ATOM   230  O  O   . THR A 1 34  ? 16.410  -2.716  -9.833  1.00 13.33 ? 34  THR A O   1 
ATOM   231  C  CB  . THR A 1 34  ? 15.614  -5.700  -8.555  1.00 16.02 ? 34  THR A CB  1 
ATOM   232  O  OG1 . THR A 1 34  ? 16.149  -6.822  -7.836  1.00 15.66 ? 34  THR A OG1 1 
ATOM   233  C  CG2 . THR A 1 34  ? 15.786  -5.940  -10.060 1.00 13.46 ? 34  THR A CG2 1 
ATOM   234  N  N   . GLN A 1 35  ? 14.589  -2.726  -8.522  1.00 13.29 ? 35  GLN A N   1 
ATOM   235  C  CA  . GLN A 1 35  ? 13.916  -1.664  -9.255  1.00 14.57 ? 35  GLN A CA  1 
ATOM   236  C  C   . GLN A 1 35  ? 12.853  -1.081  -8.337  1.00 14.11 ? 35  GLN A C   1 
ATOM   237  O  O   . GLN A 1 35  ? 12.500  -1.674  -7.312  1.00 14.26 ? 35  GLN A O   1 
ATOM   238  C  CB  . GLN A 1 35  ? 13.274  -2.207  -10.533 1.00 13.59 ? 35  GLN A CB  1 
ATOM   239  C  CG  . GLN A 1 35  ? 12.202  -3.228  -10.191 1.00 13.53 ? 35  GLN A CG  1 
ATOM   240  C  CD  . GLN A 1 35  ? 11.672  -3.988  -11.393 1.00 16.14 ? 35  GLN A CD  1 
ATOM   241  O  OE1 . GLN A 1 35  ? 11.467  -3.419  -12.460 1.00 16.66 ? 35  GLN A OE1 1 
ATOM   242  N  NE2 . GLN A 1 35  ? 11.439  -5.283  -11.219 1.00 15.40 ? 35  GLN A NE2 1 
ATOM   243  N  N   . ALA A 1 36  ? 12.320  0.068   -8.727  1.00 11.68 ? 36  ALA A N   1 
ATOM   244  C  CA  . ALA A 1 36  ? 11.163  0.606   -8.030  1.00 13.52 ? 36  ALA A CA  1 
ATOM   245  C  C   . ALA A 1 36  ? 9.934   -0.203  -8.416  1.00 12.13 ? 36  ALA A C   1 
ATOM   246  O  O   . ALA A 1 36  ? 9.819   -0.673  -9.554  1.00 12.53 ? 36  ALA A O   1 
ATOM   247  C  CB  . ALA A 1 36  ? 10.962  2.088   -8.377  1.00 11.43 ? 36  ALA A CB  1 
ATOM   248  N  N   . VAL A 1 37  ? 9.017   -0.381  -7.472  1.00 10.59 ? 37  VAL A N   1 
ATOM   249  C  CA  . VAL A 1 37  ? 7.766   -1.087  -7.745  1.00 11.72 ? 37  VAL A CA  1 
ATOM   250  C  C   . VAL A 1 37  ? 6.640   -0.068  -7.588  1.00 12.33 ? 37  VAL A C   1 
ATOM   251  O  O   . VAL A 1 37  ? 6.266   0.310   -6.471  1.00 9.87  ? 37  VAL A O   1 
ATOM   252  C  CB  . VAL A 1 37  ? 7.580   -2.312  -6.838  1.00 13.19 ? 37  VAL A CB  1 
ATOM   253  C  CG1 . VAL A 1 37  ? 6.254   -3.042  -7.162  1.00 10.95 ? 37  VAL A CG1 1 
ATOM   254  C  CG2 . VAL A 1 37  ? 8.757   -3.275  -7.032  1.00 10.82 ? 37  VAL A CG2 1 
ATOM   255  N  N   . PHE A 1 38  ? 6.117   0.412   -8.716  1.00 10.85 ? 38  PHE A N   1 
ATOM   256  C  CA  . PHE A 1 38  ? 5.029   1.376   -8.660  1.00 11.55 ? 38  PHE A CA  1 
ATOM   257  C  C   . PHE A 1 38  ? 3.711   0.625   -8.478  1.00 10.42 ? 38  PHE A C   1 
ATOM   258  O  O   . PHE A 1 38  ? 3.654   -0.602  -8.553  1.00 11.45 ? 38  PHE A O   1 
ATOM   259  C  CB  . PHE A 1 38  ? 5.039   2.276   -9.910  1.00 10.05 ? 38  PHE A CB  1 
ATOM   260  C  CG  . PHE A 1 38  ? 4.483   3.661   -9.662  1.00 10.45 ? 38  PHE A CG  1 
ATOM   261  C  CD1 . PHE A 1 38  ? 5.205   4.605   -8.928  1.00 10.06 ? 38  PHE A CD1 1 
ATOM   262  C  CD2 . PHE A 1 38  ? 3.221   4.008   -10.132 1.00 11.31 ? 38  PHE A CD2 1 
ATOM   263  C  CE1 . PHE A 1 38  ? 4.689   5.866   -8.687  1.00 11.53 ? 38  PHE A CE1 1 
ATOM   264  C  CE2 . PHE A 1 38  ? 2.693   5.283   -9.893  1.00 10.43 ? 38  PHE A CE2 1 
ATOM   265  C  CZ  . PHE A 1 38  ? 3.425   6.204   -9.162  1.00 10.68 ? 38  PHE A CZ  1 
ATOM   266  N  N   . GLY A 1 39  ? 2.649   1.354   -8.181  1.00 11.80 ? 39  GLY A N   1 
ATOM   267  C  CA  . GLY A 1 39  ? 1.359   0.705   -8.052  1.00 9.85  ? 39  GLY A CA  1 
ATOM   268  C  C   . GLY A 1 39  ? 0.820   0.281   -9.408  1.00 12.07 ? 39  GLY A C   1 
ATOM   269  O  O   . GLY A 1 39  ? 1.380   0.611   -10.453 1.00 12.94 ? 39  GLY A O   1 
ATOM   270  N  N   . ALA A 1 40  ? -0.333  -0.402  -9.377  1.00 11.17 ? 40  ALA A N   1 
ATOM   271  C  CA  . ALA A 1 40  ? -0.966  -0.989  -10.557 1.00 12.63 ? 40  ALA A CA  1 
ATOM   272  C  C   . ALA A 1 40  ? -2.479  -0.831  -10.491 1.00 13.60 ? 40  ALA A C   1 
ATOM   273  O  O   . ALA A 1 40  ? -3.085  -0.972  -9.427  1.00 12.14 ? 40  ALA A O   1 
ATOM   274  C  CB  . ALA A 1 40  ? -0.669  -2.494  -10.695 1.00 10.91 ? 40  ALA A CB  1 
ATOM   275  N  N   . GLY A 1 41  ? -3.077  -0.661  -11.660 1.00 13.66 ? 41  GLY A N   1 
ATOM   276  C  CA  . GLY A 1 41  ? -4.481  -0.335  -11.829 1.00 14.23 ? 41  GLY A CA  1 
ATOM   277  C  C   . GLY A 1 41  ? -4.601  0.942   -12.635 1.00 15.94 ? 41  GLY A C   1 
ATOM   278  O  O   . GLY A 1 41  ? -3.609  1.506   -13.079 1.00 19.48 ? 41  GLY A O   1 
ATOM   279  N  N   . GLY A 1 42  ? -5.834  1.422   -12.791 1.00 16.45 ? 42  GLY A N   1 
ATOM   280  C  CA  . GLY A 1 42  ? -6.088  2.637   -13.533 1.00 12.78 ? 42  GLY A CA  1 
ATOM   281  C  C   . GLY A 1 42  ? -6.699  3.743   -12.678 1.00 15.18 ? 42  GLY A C   1 
ATOM   282  O  O   . GLY A 1 42  ? -7.093  3.540   -11.529 1.00 13.87 ? 42  GLY A O   1 
ATOM   283  N  N   . ARG A 1 43  ? -6.788  4.931   -13.291 1.00 13.67 ? 43  ARG A N   1 
ATOM   284  C  CA  . ARG A 1 43  ? -7.193  6.142   -12.584 1.00 14.79 ? 43  ARG A CA  1 
ATOM   285  C  C   . ARG A 1 43  ? -8.685  6.205   -12.351 1.00 14.77 ? 43  ARG A C   1 
ATOM   286  O  O   . ARG A 1 43  ? -9.139  7.041   -11.557 1.00 14.97 ? 43  ARG A O   1 
ATOM   287  C  CB  . ARG A 1 43  ? -6.752  7.388   -13.358 1.00 14.24 ? 43  ARG A CB  1 
ATOM   288  C  CG  . ARG A 1 43  ? -5.233  7.554   -13.426 1.00 13.96 ? 43  ARG A CG  1 
ATOM   289  C  CD  . ARG A 1 43  ? -4.846  8.784   -14.213 1.00 13.99 ? 43  ARG A CD  1 
ATOM   290  N  NE  . ARG A 1 43  ? -5.366  10.017  -13.629 1.00 14.25 ? 43  ARG A NE  1 
ATOM   291  C  CZ  . ARG A 1 43  ? -5.289  11.196  -14.229 1.00 16.34 ? 43  ARG A CZ  1 
ATOM   292  N  NH1 . ARG A 1 43  ? -4.705  11.328  -15.413 1.00 14.43 ? 43  ARG A NH1 1 
ATOM   293  N  NH2 . ARG A 1 43  ? -5.830  12.264  -13.644 1.00 16.38 ? 43  ARG A NH2 1 
ATOM   294  N  N   . SER A 1 44  ? -9.463  5.373   -13.034 1.00 16.84 ? 44  SER A N   1 
ATOM   295  C  CA  . SER A 1 44  ? -10.882 5.346   -12.715 1.00 16.30 ? 44  SER A CA  1 
ATOM   296  C  C   . SER A 1 44  ? -11.189 4.442   -11.521 1.00 15.21 ? 44  SER A C   1 
ATOM   297  O  O   . SER A 1 44  ? -12.336 4.429   -11.049 1.00 16.29 ? 44  SER A O   1 
ATOM   298  C  CB  . SER A 1 44  ? -11.690 4.930   -13.955 1.00 16.27 ? 44  SER A CB  1 
ATOM   299  O  OG  . SER A 1 44  ? -11.638 3.540   -14.150 1.00 16.70 ? 44  SER A OG  1 
ATOM   300  N  N   . ALA A 1 45  ? -10.190 3.738   -10.993 1.00 13.14 ? 45  ALA A N   1 
ATOM   301  C  CA  . ALA A 1 45  ? -10.403 2.888   -9.823  1.00 15.20 ? 45  ALA A CA  1 
ATOM   302  C  C   . ALA A 1 45  ? -11.032 3.692   -8.685  1.00 14.66 ? 45  ALA A C   1 
ATOM   303  O  O   . ALA A 1 45  ? -10.677 4.850   -8.455  1.00 17.41 ? 45  ALA A O   1 
ATOM   304  C  CB  . ALA A 1 45  ? -9.070  2.264   -9.384  1.00 13.52 ? 45  ALA A CB  1 
ATOM   305  N  N   . ARG A 1 46  ? -12.012 3.085   -8.008  1.00 16.18 ? 46  ARG A N   1 
ATOM   306  C  CA  . ARG A 1 46  ? -12.692 3.700   -6.866  1.00 17.13 ? 46  ARG A CA  1 
ATOM   307  C  C   . ARG A 1 46  ? -11.974 3.432   -5.550  1.00 15.32 ? 46  ARG A C   1 
ATOM   308  O  O   . ARG A 1 46  ? -12.114 4.212   -4.596  1.00 15.41 ? 46  ARG A O   1 
ATOM   309  C  CB  . ARG A 1 46  ? -14.114 3.141   -6.715  1.00 21.48 ? 46  ARG A CB  1 
ATOM   310  C  CG  . ARG A 1 46  ? -15.164 3.660   -7.667  1.00 25.79 ? 46  ARG A CG  1 
ATOM   311  C  CD  . ARG A 1 46  ? -16.423 2.770   -7.577  1.00 32.47 ? 46  ARG A CD  1 
ATOM   312  N  NE  . ARG A 1 46  ? -16.605 2.143   -6.266  1.00 33.20 ? 46  ARG A NE  1 
ATOM   313  C  CZ  . ARG A 1 46  ? -16.490 0.843   -6.016  1.00 32.85 ? 46  ARG A CZ  1 
ATOM   314  N  NH1 . ARG A 1 46  ? -16.171 -0.022  -6.968  1.00 32.31 ? 46  ARG A NH1 1 
ATOM   315  N  NH2 . ARG A 1 46  ? -16.711 0.398   -4.779  1.00 33.06 ? 46  ARG A NH2 1 
ATOM   316  N  N   . ILE A 1 47  ? -11.272 2.307   -5.461  1.00 14.37 ? 47  ILE A N   1 
ATOM   317  C  CA  . ILE A 1 47  ? -10.664 1.841   -4.221  1.00 12.91 ? 47  ILE A CA  1 
ATOM   318  C  C   . ILE A 1 47  ? -9.167  1.762   -4.430  1.00 12.69 ? 47  ILE A C   1 
ATOM   319  O  O   . ILE A 1 47  ? -8.691  1.012   -5.297  1.00 10.76 ? 47  ILE A O   1 
ATOM   320  C  CB  . ILE A 1 47  ? -11.194 0.464   -3.796  1.00 12.92 ? 47  ILE A CB  1 
ATOM   321  C  CG1 . ILE A 1 47  ? -12.716 0.482   -3.635  1.00 15.30 ? 47  ILE A CG1 1 
ATOM   322  C  CG2 . ILE A 1 47  ? -10.415 -0.028  -2.544  1.00 13.11 ? 47  ILE A CG2 1 
ATOM   323  C  CD1 . ILE A 1 47  ? -13.356 -0.906  -3.751  1.00 17.34 ? 47  ILE A CD1 1 
ATOM   324  N  N   . MET A 1 48  ? -8.426  2.502   -3.612  1.00 13.41 ? 48  MET A N   1 
ATOM   325  C  CA  . MET A 1 48  ? -6.973  2.414   -3.569  1.00 12.83 ? 48  MET A CA  1 
ATOM   326  C  C   . MET A 1 48  ? -6.563  1.571   -2.369  1.00 13.44 ? 48  MET A C   1 
ATOM   327  O  O   . MET A 1 48  ? -7.133  1.723   -1.283  1.00 12.85 ? 48  MET A O   1 
ATOM   328  C  CB  . MET A 1 48  ? -6.356  3.805   -3.471  1.00 12.15 ? 48  MET A CB  1 
ATOM   329  C  CG  . MET A 1 48  ? -4.825  3.823   -3.314  1.00 12.85 ? 48  MET A CG  1 
ATOM   330  S  SD  . MET A 1 48  ? -4.246  5.536   -3.462  1.00 19.00 ? 48  MET A SD  1 
ATOM   331  C  CE  . MET A 1 48  ? -4.747  5.848   -5.149  1.00 16.98 ? 48  MET A CE  1 
ATOM   332  N  N   . MET A 1 49  ? -5.596  0.675   -2.562  1.00 12.15 ? 49  MET A N   1 
ATOM   333  C  CA  . MET A 1 49  ? -5.070  -0.127  -1.466  1.00 13.75 ? 49  MET A CA  1 
ATOM   334  C  C   . MET A 1 49  ? -3.576  0.112   -1.347  1.00 13.19 ? 49  MET A C   1 
ATOM   335  O  O   . MET A 1 49  ? -2.861  0.111   -2.353  1.00 13.11 ? 49  MET A O   1 
ATOM   336  C  CB  . MET A 1 49  ? -5.374  -1.612  -1.667  1.00 11.90 ? 49  MET A CB  1 
ATOM   337  C  CG  . MET A 1 49  ? -6.883  -1.888  -1.757  1.00 15.87 ? 49  MET A CG  1 
ATOM   338  S  SD  . MET A 1 49  ? -7.296  -3.638  -1.532  1.00 20.52 ? 49  MET A SD  1 
ATOM   339  C  CE  . MET A 1 49  ? -6.279  -4.379  -2.781  1.00 16.95 ? 49  MET A CE  1 
ATOM   340  N  N   . ILE A 1 50  ? -3.115  0.331   -0.121  1.00 10.97 ? 50  ILE A N   1 
ATOM   341  C  CA  . ILE A 1 50  ? -1.728  0.687   0.141   1.00 10.81 ? 50  ILE A CA  1 
ATOM   342  C  C   . ILE A 1 50  ? -1.149  -0.315  1.128   1.00 9.33  ? 50  ILE A C   1 
ATOM   343  O  O   . ILE A 1 50  ? -1.572  -0.368  2.291   1.00 7.91  ? 50  ILE A O   1 
ATOM   344  C  CB  . ILE A 1 50  ? -1.590  2.119   0.682   1.00 9.47  ? 50  ILE A CB  1 
ATOM   345  C  CG1 . ILE A 1 50  ? -2.357  3.107   -0.224  1.00 11.46 ? 50  ILE A CG1 1 
ATOM   346  C  CG2 . ILE A 1 50  ? -0.080  2.439   0.832   1.00 8.82  ? 50  ILE A CG2 1 
ATOM   347  C  CD1 . ILE A 1 50  ? -2.396  4.575   0.270   1.00 8.73  ? 50  ILE A CD1 1 
ATOM   348  N  N   . GLY A 1 51  ? -0.181  -1.100  0.670   1.00 8.74  ? 51  GLY A N   1 
ATOM   349  C  CA  . GLY A 1 51  ? 0.596   -1.954  1.546   1.00 10.60 ? 51  GLY A CA  1 
ATOM   350  C  C   . GLY A 1 51  ? 1.859   -1.251  2.029   1.00 11.94 ? 51  GLY A C   1 
ATOM   351  O  O   . GLY A 1 51  ? 2.016   -0.032  1.922   1.00 9.26  ? 51  GLY A O   1 
ATOM   352  N  N   . ASN A 1 52  ? 2.792   -2.053  2.547   1.00 11.95 ? 52  ASN A N   1 
ATOM   353  C  CA  . ASN A 1 52  ? 3.925   -1.433  3.219   1.00 11.78 ? 52  ASN A CA  1 
ATOM   354  C  C   . ASN A 1 52  ? 5.086   -1.177  2.259   1.00 12.34 ? 52  ASN A C   1 
ATOM   355  O  O   . ASN A 1 52  ? 5.589   -0.049  2.184   1.00 9.35  ? 52  ASN A O   1 
ATOM   356  C  CB  . ASN A 1 52  ? 4.360   -2.272  4.442   1.00 11.50 ? 52  ASN A CB  1 
ATOM   357  C  CG  . ASN A 1 52  ? 4.668   -3.755  4.120   1.00 14.62 ? 52  ASN A CG  1 
ATOM   358  O  OD1 . ASN A 1 52  ? 4.344   -4.287  3.058   1.00 15.61 ? 52  ASN A OD1 1 
ATOM   359  N  ND2 . ASN A 1 52  ? 5.275   -4.429  5.091   1.00 17.93 ? 52  ASN A ND2 1 
ATOM   360  N  N   . GLN A 1 53  ? 5.487   -2.191  1.501   1.00 9.59  ? 53  GLN A N   1 
ATOM   361  C  CA  . GLN A 1 53  ? 6.626   -2.121  0.597   1.00 11.28 ? 53  GLN A CA  1 
ATOM   362  C  C   . GLN A 1 53  ? 6.574   -3.341  -0.305  1.00 12.55 ? 53  GLN A C   1 
ATOM   363  O  O   . GLN A 1 53  ? 5.872   -4.308  0.009   1.00 13.65 ? 53  GLN A O   1 
ATOM   364  C  CB  . GLN A 1 53  ? 7.963   -2.091  1.369   1.00 11.69 ? 53  GLN A CB  1 
ATOM   365  C  CG  . GLN A 1 53  ? 8.288   -3.390  2.095   1.00 13.84 ? 53  GLN A CG  1 
ATOM   366  C  CD  . GLN A 1 53  ? 9.728   -3.468  2.571   1.00 14.86 ? 53  GLN A CD  1 
ATOM   367  O  OE1 . GLN A 1 53  ? 10.641  -3.172  1.825   1.00 16.89 ? 53  GLN A OE1 1 
ATOM   368  N  NE2 . GLN A 1 53  ? 9.928   -3.885  3.813   1.00 15.48 ? 53  GLN A NE2 1 
ATOM   369  N  N   . PRO A 1 54  ? 7.301   -3.329  -1.413  1.00 14.88 ? 54  PRO A N   1 
ATOM   370  C  CA  . PRO A 1 54  ? 7.406   -4.557  -2.214  1.00 14.69 ? 54  PRO A CA  1 
ATOM   371  C  C   . PRO A 1 54  ? 8.049   -5.659  -1.383  1.00 15.22 ? 54  PRO A C   1 
ATOM   372  O  O   . PRO A 1 54  ? 8.902   -5.391  -0.538  1.00 17.61 ? 54  PRO A O   1 
ATOM   373  C  CB  . PRO A 1 54  ? 8.305   -4.154  -3.391  1.00 14.83 ? 54  PRO A CB  1 
ATOM   374  C  CG  . PRO A 1 54  ? 8.808   -2.754  -3.113  1.00 13.82 ? 54  PRO A CG  1 
ATOM   375  C  CD  . PRO A 1 54  ? 7.990   -2.164  -2.016  1.00 12.19 ? 54  PRO A CD  1 
ATOM   376  N  N   . GLY A 1 55  ? 7.633   -6.906  -1.614  1.00 13.04 ? 55  GLY A N   1 
ATOM   377  C  CA  . GLY A 1 55  ? 8.319   -8.063  -1.075  1.00 12.69 ? 55  GLY A CA  1 
ATOM   378  C  C   . GLY A 1 55  ? 9.364   -8.613  -2.043  1.00 13.44 ? 55  GLY A C   1 
ATOM   379  O  O   . GLY A 1 55  ? 9.621   -8.051  -3.108  1.00 13.73 ? 55  GLY A O   1 
ATOM   380  N  N   . ASP A 1 56  ? 9.958   -9.751  -1.654  1.00 13.60 ? 56  ASP A N   1 
ATOM   381  C  CA  . ASP A 1 56  ? 10.998  -10.413 -2.457  1.00 15.59 ? 56  ASP A CA  1 
ATOM   382  C  C   . ASP A 1 56  ? 10.543  -10.628 -3.904  1.00 15.53 ? 56  ASP A C   1 
ATOM   383  O  O   . ASP A 1 56  ? 11.228  -10.224 -4.851  1.00 14.32 ? 56  ASP A O   1 
ATOM   384  C  CB  . ASP A 1 56  ? 11.359  -11.755 -1.791  1.00 17.89 ? 56  ASP A CB  1 
ATOM   385  C  CG  . ASP A 1 56  ? 12.572  -12.470 -2.435  1.00 20.78 ? 56  ASP A CG  1 
ATOM   386  O  OD1 . ASP A 1 56  ? 13.308  -11.876 -3.260  1.00 20.69 ? 56  ASP A OD1 1 
ATOM   387  O  OD2 . ASP A 1 56  ? 12.780  -13.666 -2.094  1.00 22.65 ? 56  ASP A OD2 1 
ATOM   388  N  N   . LYS A 1 57  ? 9.368   -11.241 -4.090  1.00 13.25 ? 57  LYS A N   1 
ATOM   389  C  CA  . LYS A 1 57  ? 8.879   -11.505 -5.442  1.00 16.50 ? 57  LYS A CA  1 
ATOM   390  C  C   . LYS A 1 57  ? 8.488   -10.216 -6.159  1.00 12.35 ? 57  LYS A C   1 
ATOM   391  O  O   . LYS A 1 57  ? 8.726   -10.081 -7.360  1.00 12.71 ? 57  LYS A O   1 
ATOM   392  C  CB  . LYS A 1 57  ? 7.688   -12.466 -5.407  1.00 15.11 ? 57  LYS A CB  1 
ATOM   393  C  CG  . LYS A 1 57  ? 7.745   -13.514 -4.297  1.00 22.07 ? 57  LYS A CG  1 
ATOM   394  C  CD  . LYS A 1 57  ? 8.746   -14.601 -4.629  1.00 21.50 ? 57  LYS A CD  1 
ATOM   395  C  CE  . LYS A 1 57  ? 8.231   -15.991 -4.250  1.00 22.29 ? 57  LYS A CE  1 
ATOM   396  N  NZ  . LYS A 1 57  ? 9.242   -17.029 -4.649  1.00 23.13 ? 57  LYS A NZ  1 
ATOM   397  N  N   . GLU A 1 58  ? 7.868   -9.267  -5.446  1.00 13.53 ? 58  GLU A N   1 
ATOM   398  C  CA  . GLU A 1 58  ? 7.441   -8.020  -6.088  1.00 13.07 ? 58  GLU A CA  1 
ATOM   399  C  C   . GLU A 1 58  ? 8.632   -7.259  -6.666  1.00 12.02 ? 58  GLU A C   1 
ATOM   400  O  O   . GLU A 1 58  ? 8.546   -6.707  -7.768  1.00 9.35  ? 58  GLU A O   1 
ATOM   401  C  CB  . GLU A 1 58  ? 6.687   -7.137  -5.095  1.00 12.02 ? 58  GLU A CB  1 
ATOM   402  C  CG  . GLU A 1 58  ? 5.239   -7.563  -4.834  1.00 12.88 ? 58  GLU A CG  1 
ATOM   403  C  CD  . GLU A 1 58  ? 5.147   -8.728  -3.889  1.00 13.33 ? 58  GLU A CD  1 
ATOM   404  O  OE1 . GLU A 1 58  ? 6.150   -9.022  -3.225  1.00 14.30 ? 58  GLU A OE1 1 
ATOM   405  O  OE2 . GLU A 1 58  ? 4.095   -9.376  -3.825  1.00 12.84 ? 58  GLU A OE2 1 
ATOM   406  N  N   . ASP A 1 59  ? 9.748   -7.228  -5.923  1.00 10.63 ? 59  ASP A N   1 
ATOM   407  C  CA  . ASP A 1 59  ? 10.960  -6.523  -6.339  1.00 12.71 ? 59  ASP A CA  1 
ATOM   408  C  C   . ASP A 1 59  ? 11.454  -6.989  -7.709  1.00 13.53 ? 59  ASP A C   1 
ATOM   409  O  O   . ASP A 1 59  ? 11.998  -6.191  -8.487  1.00 11.75 ? 59  ASP A O   1 
ATOM   410  C  CB  . ASP A 1 59  ? 12.046  -6.733  -5.272  1.00 10.46 ? 59  ASP A CB  1 
ATOM   411  C  CG  . ASP A 1 59  ? 13.428  -6.282  -5.719  1.00 12.64 ? 59  ASP A CG  1 
ATOM   412  O  OD1 . ASP A 1 59  ? 13.705  -5.067  -5.649  1.00 11.69 ? 59  ASP A OD1 1 
ATOM   413  O  OD2 . ASP A 1 59  ? 14.248  -7.144  -6.111  1.00 12.92 ? 59  ASP A OD2 1 
ATOM   414  N  N   . LEU A 1 60  ? 11.256  -8.265  -8.029  1.00 11.82 ? 60  LEU A N   1 
ATOM   415  C  CA  . LEU A 1 60  ? 11.676  -8.786  -9.322  1.00 12.62 ? 60  LEU A CA  1 
ATOM   416  C  C   . LEU A 1 60  ? 10.552  -8.820  -10.347 1.00 13.87 ? 60  LEU A C   1 
ATOM   417  O  O   . LEU A 1 60  ? 10.817  -8.689  -11.544 1.00 12.40 ? 60  LEU A O   1 
ATOM   418  C  CB  . LEU A 1 60  ? 12.270  -10.187 -9.138  1.00 13.23 ? 60  LEU A CB  1 
ATOM   419  C  CG  . LEU A 1 60  ? 13.562  -10.240 -8.302  1.00 14.94 ? 60  LEU A CG  1 
ATOM   420  C  CD1 . LEU A 1 60  ? 13.620  -11.538 -7.517  1.00 15.40 ? 60  LEU A CD1 1 
ATOM   421  C  CD2 . LEU A 1 60  ? 14.815  -10.102 -9.175  1.00 14.64 ? 60  LEU A CD2 1 
ATOM   422  N  N   . ALA A 1 61  ? 9.294   -8.991  -9.921  1.00 14.28 ? 61  ALA A N   1 
ATOM   423  C  CA  . ALA A 1 61  ? 8.203   -8.968  -10.884 1.00 13.66 ? 61  ALA A CA  1 
ATOM   424  C  C   . ALA A 1 61  ? 7.871   -7.560  -11.349 1.00 13.93 ? 61  ALA A C   1 
ATOM   425  O  O   . ALA A 1 61  ? 7.259   -7.406  -12.406 1.00 14.27 ? 61  ALA A O   1 
ATOM   426  C  CB  . ALA A 1 61  ? 6.953   -9.640  -10.295 1.00 13.73 ? 61  ALA A CB  1 
ATOM   427  N  N   . GLY A 1 62  ? 8.247   -6.534  -10.580 1.00 16.94 ? 62  GLY A N   1 
ATOM   428  C  CA  . GLY A 1 62  ? 7.926   -5.148  -10.906 1.00 14.08 ? 62  GLY A CA  1 
ATOM   429  C  C   . GLY A 1 62  ? 6.475   -4.745  -10.741 1.00 15.71 ? 62  GLY A C   1 
ATOM   430  O  O   . GLY A 1 62  ? 6.097   -3.689  -11.248 1.00 17.71 ? 62  GLY A O   1 
ATOM   431  N  N   . LEU A 1 63  ? 5.655   -5.543  -10.050 1.00 17.02 ? 63  LEU A N   1 
ATOM   432  C  CA  . LEU A 1 63  ? 4.255   -5.279  -9.719  1.00 15.70 ? 63  LEU A CA  1 
ATOM   433  C  C   . LEU A 1 63  ? 4.015   -5.584  -8.252  1.00 12.89 ? 63  LEU A C   1 
ATOM   434  O  O   . LEU A 1 63  ? 4.667   -6.468  -7.694  1.00 13.18 ? 63  LEU A O   1 
ATOM   435  C  CB  . LEU A 1 63  ? 3.277   -6.154  -10.528 1.00 19.64 ? 63  LEU A CB  1 
ATOM   436  C  CG  . LEU A 1 63  ? 3.425   -6.433  -12.009 1.00 23.93 ? 63  LEU A CG  1 
ATOM   437  C  CD1 . LEU A 1 63  ? 4.057   -7.799  -12.168 1.00 21.31 ? 63  LEU A CD1 1 
ATOM   438  C  CD2 . LEU A 1 63  ? 2.043   -6.393  -12.641 1.00 24.79 ? 63  LEU A CD2 1 
ATOM   439  N  N   . PRO A 1 64  ? 3.041   -4.929  -7.618  1.00 13.08 ? 64  PRO A N   1 
ATOM   440  C  CA  . PRO A 1 64  ? 2.753   -5.219  -6.208  1.00 13.57 ? 64  PRO A CA  1 
ATOM   441  C  C   . PRO A 1 64  ? 1.916   -6.484  -6.085  1.00 14.20 ? 64  PRO A C   1 
ATOM   442  O  O   . PRO A 1 64  ? 1.237   -6.897  -7.030  1.00 13.57 ? 64  PRO A O   1 
ATOM   443  C  CB  . PRO A 1 64  ? 1.952   -3.988  -5.739  1.00 12.05 ? 64  PRO A CB  1 
ATOM   444  C  CG  . PRO A 1 64  ? 1.712   -3.133  -6.980  1.00 11.49 ? 64  PRO A CG  1 
ATOM   445  C  CD  . PRO A 1 64  ? 2.057   -3.997  -8.183  1.00 13.33 ? 64  PRO A CD  1 
ATOM   446  N  N   . PHE A 1 65  ? 1.988   -7.110  -4.909  1.00 14.14 ? 65  PHE A N   1 
ATOM   447  C  CA  . PHE A 1 65  ? 1.119   -8.236  -4.535  1.00 14.06 ? 65  PHE A CA  1 
ATOM   448  C  C   . PHE A 1 65  ? 1.103   -9.352  -5.595  1.00 16.16 ? 65  PHE A C   1 
ATOM   449  O  O   . PHE A 1 65  ? 0.084   -9.624  -6.239  1.00 15.11 ? 65  PHE A O   1 
ATOM   450  C  CB  . PHE A 1 65  ? -0.303  -7.734  -4.282  1.00 14.42 ? 65  PHE A CB  1 
ATOM   451  C  CG  . PHE A 1 65  ? -0.401  -6.721  -3.185  1.00 14.29 ? 65  PHE A CG  1 
ATOM   452  C  CD1 . PHE A 1 65  ? -0.212  -7.090  -1.866  1.00 12.48 ? 65  PHE A CD1 1 
ATOM   453  C  CD2 . PHE A 1 65  ? -0.690  -5.403  -3.476  1.00 13.32 ? 65  PHE A CD2 1 
ATOM   454  C  CE1 . PHE A 1 65  ? -0.315  -6.159  -0.856  1.00 13.82 ? 65  PHE A CE1 1 
ATOM   455  C  CE2 . PHE A 1 65  ? -0.783  -4.456  -2.464  1.00 14.86 ? 65  PHE A CE2 1 
ATOM   456  C  CZ  . PHE A 1 65  ? -0.595  -4.834  -1.158  1.00 13.32 ? 65  PHE A CZ  1 
ATOM   457  N  N   . VAL A 1 66  ? 2.256   -10.003 -5.754  1.00 15.87 ? 66  VAL A N   1 
ATOM   458  C  CA  . VAL A 1 66  ? 2.371   -11.207 -6.574  1.00 15.56 ? 66  VAL A CA  1 
ATOM   459  C  C   . VAL A 1 66  ? 2.709   -12.445 -5.760  1.00 19.39 ? 66  VAL A C   1 
ATOM   460  O  O   . VAL A 1 66  ? 2.675   -13.556 -6.311  1.00 23.23 ? 66  VAL A O   1 
ATOM   461  C  CB  . VAL A 1 66  ? 3.417   -11.049 -7.708  1.00 18.19 ? 66  VAL A CB  1 
ATOM   462  C  CG1 . VAL A 1 66  ? 2.970   -10.029 -8.787  1.00 17.43 ? 66  VAL A CG1 1 
ATOM   463  C  CG2 . VAL A 1 66  ? 4.789   -10.718 -7.132  1.00 14.63 ? 66  VAL A CG2 1 
ATOM   464  N  N   . GLY A 1 67  ? 3.077   -12.300 -4.493  1.00 18.91 ? 67  GLY A N   1 
ATOM   465  C  CA  . GLY A 1 67  ? 3.499   -13.422 -3.690  1.00 19.46 ? 67  GLY A CA  1 
ATOM   466  C  C   . GLY A 1 67  ? 2.372   -14.036 -2.887  1.00 21.27 ? 67  GLY A C   1 
ATOM   467  O  O   . GLY A 1 67  ? 1.184   -13.826 -3.165  1.00 22.20 ? 67  GLY A O   1 
ATOM   468  N  N   . PRO A 1 68  ? 2.731   -14.825 -1.870  1.00 22.27 ? 68  PRO A N   1 
ATOM   469  C  CA  . PRO A 1 68  ? 1.689   -15.438 -1.030  1.00 19.76 ? 68  PRO A CA  1 
ATOM   470  C  C   . PRO A 1 68  ? 0.758   -14.421 -0.382  1.00 19.10 ? 68  PRO A C   1 
ATOM   471  O  O   . PRO A 1 68  ? -0.448  -14.685 -0.271  1.00 17.88 ? 68  PRO A O   1 
ATOM   472  C  CB  . PRO A 1 68  ? 2.496   -16.229 0.008   1.00 20.10 ? 68  PRO A CB  1 
ATOM   473  C  CG  . PRO A 1 68  ? 3.878   -15.631 -0.027  1.00 21.40 ? 68  PRO A CG  1 
ATOM   474  C  CD  . PRO A 1 68  ? 4.093   -15.177 -1.432  1.00 19.69 ? 68  PRO A CD  1 
ATOM   475  N  N   . ALA A 1 69  ? 1.270   -13.256 0.029   1.00 17.27 ? 69  ALA A N   1 
ATOM   476  C  CA  . ALA A 1 69  ? 0.396   -12.246 0.624   1.00 18.68 ? 69  ALA A CA  1 
ATOM   477  C  C   . ALA A 1 69  ? -0.626  -11.733 -0.386  1.00 17.46 ? 69  ALA A C   1 
ATOM   478  O  O   . ALA A 1 69  ? -1.811  -11.591 -0.065  1.00 17.91 ? 69  ALA A O   1 
ATOM   479  C  CB  . ALA A 1 69  ? 1.224   -11.083 1.184   1.00 17.59 ? 69  ALA A CB  1 
ATOM   480  N  N   . GLY A 1 70  ? -0.183  -11.448 -1.610  1.00 18.20 ? 70  GLY A N   1 
ATOM   481  C  CA  . GLY A 1 70  ? -1.110  -11.095 -2.671  1.00 14.91 ? 70  GLY A CA  1 
ATOM   482  C  C   . GLY A 1 70  ? -2.144  -12.171 -2.955  1.00 17.04 ? 70  GLY A C   1 
ATOM   483  O  O   . GLY A 1 70  ? -3.297  -11.860 -3.257  1.00 16.78 ? 70  GLY A O   1 
ATOM   484  N  N   . ARG A 1 71  ? -1.753  -13.450 -2.885  1.00 21.25 ? 71  ARG A N   1 
ATOM   485  C  CA  . ARG A 1 71  ? -2.731  -14.507 -3.162  1.00 20.91 ? 71  ARG A CA  1 
ATOM   486  C  C   . ARG A 1 71  ? -3.789  -14.564 -2.075  1.00 18.35 ? 71  ARG A C   1 
ATOM   487  O  O   . ARG A 1 71  ? -4.974  -14.775 -2.365  1.00 19.46 ? 71  ARG A O   1 
ATOM   488  C  CB  . ARG A 1 71  ? -2.045  -15.868 -3.307  1.00 22.09 ? 71  ARG A CB  1 
ATOM   489  C  CG  . ARG A 1 71  ? -1.385  -16.080 -4.660  1.00 24.85 ? 71  ARG A CG  1 
ATOM   490  C  CD  . ARG A 1 71  ? -0.949  -17.522 -4.860  1.00 29.21 ? 71  ARG A CD  1 
ATOM   491  N  NE  . ARG A 1 71  ? 0.208   -17.877 -4.042  1.00 25.57 ? 71  ARG A NE  1 
ATOM   492  C  CZ  . ARG A 1 71  ? 1.450   -17.487 -4.298  1.00 27.88 ? 71  ARG A CZ  1 
ATOM   493  N  NH1 . ARG A 1 71  ? 1.728   -16.680 -5.314  1.00 30.60 ? 71  ARG A NH1 1 
ATOM   494  N  NH2 . ARG A 1 71  ? 2.440   -17.917 -3.521  1.00 28.11 ? 71  ARG A NH2 1 
ATOM   495  N  N   . LEU A 1 72  ? -3.382  -14.365 -0.821  1.00 18.61 ? 72  LEU A N   1 
ATOM   496  C  CA  . LEU A 1 72  ? -4.348  -14.327 0.274   1.00 19.37 ? 72  LEU A CA  1 
ATOM   497  C  C   . LEU A 1 72  ? -5.270  -13.124 0.146   1.00 18.80 ? 72  LEU A C   1 
ATOM   498  O  O   . LEU A 1 72  ? -6.492  -13.242 0.321   1.00 16.85 ? 72  LEU A O   1 
ATOM   499  C  CB  . LEU A 1 72  ? -3.613  -14.299 1.618   1.00 19.18 ? 72  LEU A CB  1 
ATOM   500  C  CG  . LEU A 1 72  ? -4.494  -14.547 2.845   1.00 21.86 ? 72  LEU A CG  1 
ATOM   501  C  CD1 . LEU A 1 72  ? -3.843  -15.545 3.794   1.00 22.22 ? 72  LEU A CD1 1 
ATOM   502  C  CD2 . LEU A 1 72  ? -4.782  -13.225 3.557   1.00 22.29 ? 72  LEU A CD2 1 
ATOM   503  N  N   . LEU A 1 73  ? -4.691  -11.951 -0.146  1.00 16.50 ? 73  LEU A N   1 
ATOM   504  C  CA  . LEU A 1 73  ? -5.483  -10.750 -0.372  1.00 15.33 ? 73  LEU A CA  1 
ATOM   505  C  C   . LEU A 1 73  ? -6.486  -10.968 -1.496  1.00 17.45 ? 73  LEU A C   1 
ATOM   506  O  O   . LEU A 1 73  ? -7.651  -10.575 -1.380  1.00 16.46 ? 73  LEU A O   1 
ATOM   507  C  CB  . LEU A 1 73  ? -4.553  -9.574  -0.697  1.00 14.27 ? 73  LEU A CB  1 
ATOM   508  C  CG  . LEU A 1 73  ? -5.127  -8.161  -0.855  1.00 16.00 ? 73  LEU A CG  1 
ATOM   509  C  CD1 . LEU A 1 73  ? -5.974  -7.784  0.363   1.00 15.34 ? 73  LEU A CD1 1 
ATOM   510  C  CD2 . LEU A 1 73  ? -4.012  -7.093  -1.103  1.00 12.48 ? 73  LEU A CD2 1 
ATOM   511  N  N   . ASP A 1 74  ? -6.049  -11.599 -2.590  1.00 16.95 ? 74  ASP A N   1 
ATOM   512  C  CA  . ASP A 1 74  ? -6.970  -11.894 -3.691  1.00 21.51 ? 74  ASP A CA  1 
ATOM   513  C  C   . ASP A 1 74  ? -8.132  -12.770 -3.226  1.00 19.43 ? 74  ASP A C   1 
ATOM   514  O  O   . ASP A 1 74  ? -9.282  -12.561 -3.632  1.00 17.94 ? 74  ASP A O   1 
ATOM   515  C  CB  . ASP A 1 74  ? -6.203  -12.568 -4.833  1.00 22.65 ? 74  ASP A CB  1 
ATOM   516  C  CG  . ASP A 1 74  ? -7.096  -12.953 -5.983  1.00 25.23 ? 74  ASP A CG  1 
ATOM   517  O  OD1 . ASP A 1 74  ? -7.553  -12.060 -6.731  1.00 27.53 ? 74  ASP A OD1 1 
ATOM   518  O  OD2 . ASP A 1 74  ? -7.351  -14.161 -6.124  1.00 30.04 ? 74  ASP A OD2 1 
ATOM   519  N  N   . ARG A 1 75  ? -7.844  -13.755 -2.369  1.00 18.87 ? 75  ARG A N   1 
ATOM   520  C  CA  . ARG A 1 75  ? -8.898  -14.598 -1.807  1.00 17.82 ? 75  ARG A CA  1 
ATOM   521  C  C   . ARG A 1 75  ? -9.843  -13.783 -0.927  1.00 17.77 ? 75  ARG A C   1 
ATOM   522  O  O   . ARG A 1 75  ? -11.050 -14.042 -0.896  1.00 18.20 ? 75  ARG A O   1 
ATOM   523  C  CB  . ARG A 1 75  ? -8.271  -15.748 -1.010  1.00 21.18 ? 75  ARG A CB  1 
ATOM   524  C  CG  . ARG A 1 75  ? -9.285  -16.755 -0.451  1.00 23.13 ? 75  ARG A CG  1 
ATOM   525  C  CD  . ARG A 1 75  ? -8.610  -18.020 0.062   1.00 24.01 ? 75  ARG A CD  1 
ATOM   526  N  NE  . ARG A 1 75  ? -7.522  -17.743 0.993   1.00 25.33 ? 75  ARG A NE  1 
ATOM   527  C  CZ  . ARG A 1 75  ? -7.626  -17.825 2.316   1.00 27.52 ? 75  ARG A CZ  1 
ATOM   528  N  NH1 . ARG A 1 75  ? -8.762  -18.179 2.903   1.00 25.11 ? 75  ARG A NH1 1 
ATOM   529  N  NH2 . ARG A 1 75  ? -6.566  -17.538 3.072   1.00 24.28 ? 75  ARG A NH2 1 
ATOM   530  N  N   . ALA A 1 76  ? -9.309  -12.804 -0.194  1.00 16.01 ? 76  ALA A N   1 
ATOM   531  C  CA  . ALA A 1 76  ? -10.172 -11.965 0.623   1.00 17.61 ? 76  ALA A CA  1 
ATOM   532  C  C   . ALA A 1 76  ? -11.026 -11.061 -0.250  1.00 19.34 ? 76  ALA A C   1 
ATOM   533  O  O   . ALA A 1 76  ? -12.222 -10.914 0.000   1.00 18.95 ? 76  ALA A O   1 
ATOM   534  C  CB  . ALA A 1 76  ? -9.338  -11.139 1.602   1.00 14.88 ? 76  ALA A CB  1 
ATOM   535  N  N   . LEU A 1 77  ? -10.422 -10.442 -1.275  1.00 17.89 ? 77  LEU A N   1 
ATOM   536  C  CA  . LEU A 1 77  ? -11.181 -9.586  -2.189  1.00 18.34 ? 77  LEU A CA  1 
ATOM   537  C  C   . LEU A 1 77  ? -12.298 -10.365 -2.869  1.00 20.39 ? 77  LEU A C   1 
ATOM   538  O  O   . LEU A 1 77  ? -13.414 -9.858  -3.048  1.00 19.80 ? 77  LEU A O   1 
ATOM   539  C  CB  . LEU A 1 77  ? -10.244 -8.995  -3.243  1.00 16.26 ? 77  LEU A CB  1 
ATOM   540  C  CG  . LEU A 1 77  ? -9.285  -7.911  -2.745  1.00 15.99 ? 77  LEU A CG  1 
ATOM   541  C  CD1 . LEU A 1 77  ? -8.135  -7.704  -3.734  1.00 13.80 ? 77  LEU A CD1 1 
ATOM   542  C  CD2 . LEU A 1 77  ? -10.063 -6.613  -2.515  1.00 17.36 ? 77  LEU A CD2 1 
ATOM   543  N  N   . GLU A 1 78  ? -11.991 -11.588 -3.298  1.00 19.46 ? 78  GLU A N   1 
ATOM   544  C  CA  . GLU A 1 78  ? -12.994 -12.430 -3.922  1.00 23.67 ? 78  GLU A CA  1 
ATOM   545  C  C   . GLU A 1 78  ? -14.135 -12.691 -2.944  1.00 22.33 ? 78  GLU A C   1 
ATOM   546  O  O   . GLU A 1 78  ? -15.304 -12.499 -3.283  1.00 22.93 ? 78  GLU A O   1 
ATOM   547  C  CB  . GLU A 1 78  ? -12.327 -13.722 -4.405  1.00 22.65 ? 78  GLU A CB  1 
ATOM   548  C  CG  . GLU A 1 78  ? -12.994 -14.393 -5.576  1.00 21.64 ? 78  GLU A CG  1 
ATOM   549  C  CD  . GLU A 1 78  ? -14.117 -15.267 -5.106  1.00 23.51 ? 78  GLU A CD  1 
ATOM   550  O  OE1 . GLU A 1 78  ? -13.966 -15.844 -4.009  1.00 22.91 ? 78  GLU A OE1 1 
ATOM   551  O  OE2 . GLU A 1 78  ? -15.156 -15.348 -5.797  1.00 23.00 ? 78  GLU A OE2 1 
ATOM   552  N  N   . ALA A 1 79  ? -13.799 -13.021 -1.692  1.00 23.37 ? 79  ALA A N   1 
ATOM   553  C  CA  . ALA A 1 79  ? -14.804 -13.265 -0.664  1.00 23.24 ? 79  ALA A CA  1 
ATOM   554  C  C   . ALA A 1 79  ? -15.584 -12.009 -0.301  1.00 25.95 ? 79  ALA A C   1 
ATOM   555  O  O   . ALA A 1 79  ? -16.716 -12.115 0.189   1.00 28.98 ? 79  ALA A O   1 
ATOM   556  C  CB  . ALA A 1 79  ? -14.141 -13.852 0.582   1.00 22.52 ? 79  ALA A CB  1 
ATOM   557  N  N   . ALA A 1 80  ? -15.019 -10.825 -0.521  1.00 25.37 ? 80  ALA A N   1 
ATOM   558  C  CA  . ALA A 1 80  ? -15.788 -9.594  -0.383  1.00 26.88 ? 80  ALA A CA  1 
ATOM   559  C  C   . ALA A 1 80  ? -16.495 -9.204  -1.679  1.00 26.77 ? 80  ALA A C   1 
ATOM   560  O  O   . ALA A 1 80  ? -17.243 -8.220  -1.688  1.00 31.60 ? 80  ALA A O   1 
ATOM   561  C  CB  . ALA A 1 80  ? -14.873 -8.450  0.091   1.00 25.65 ? 80  ALA A CB  1 
ATOM   562  N  N   . ASP A 1 81  ? -16.333 -9.968  -2.752  1.00 25.73 ? 81  ASP A N   1 
ATOM   563  C  CA  . ASP A 1 81  ? -16.897 -9.613  -4.095  1.00 29.89 ? 81  ASP A CA  1 
ATOM   564  C  C   . ASP A 1 81  ? -16.472 -8.208  -4.550  1.00 28.50 ? 81  ASP A C   1 
ATOM   565  O  O   . ASP A 1 81  ? -17.292 -7.517  -5.140  1.00 31.59 ? 81  ASP A O   1 
ATOM   566  C  CB  . ASP A 1 81  ? -18.388 -9.940  -4.255  1.00 34.93 ? 81  ASP A CB  1 
ATOM   567  C  CG  . ASP A 1 81  ? -18.736 -10.428 -5.649  1.00 38.07 ? 81  ASP A CG  1 
ATOM   568  O  OD1 . ASP A 1 81  ? -17.967 -11.241 -6.193  1.00 40.05 ? 81  ASP A OD1 1 
ATOM   569  O  OD2 . ASP A 1 81  ? -19.760 -9.981  -6.183  1.00 47.75 ? 81  ASP A OD2 1 
ATOM   570  N  N   . ILE A 1 82  ? -15.263 -7.785  -4.210  1.00 25.22 ? 82  ILE A N   1 
ATOM   571  C  CA  . ILE A 1 82  ? -14.726 -6.551  -4.763  1.00 23.17 ? 82  ILE A CA  1 
ATOM   572  C  C   . ILE A 1 82  ? -14.103 -6.902  -6.103  1.00 26.71 ? 82  ILE A C   1 
ATOM   573  O  O   . ILE A 1 82  ? -13.202 -7.745  -6.170  1.00 25.70 ? 82  ILE A O   1 
ATOM   574  C  CB  . ILE A 1 82  ? -13.691 -5.917  -3.824  1.00 23.10 ? 82  ILE A CB  1 
ATOM   575  C  CG1 . ILE A 1 82  ? -14.383 -5.372  -2.579  1.00 26.48 ? 82  ILE A CG1 1 
ATOM   576  C  CG2 . ILE A 1 82  ? -12.923 -4.801  -4.548  1.00 22.26 ? 82  ILE A CG2 1 
ATOM   577  C  CD1 . ILE A 1 82  ? -13.426 -4.870  -1.524  1.00 21.63 ? 82  ILE A CD1 1 
ATOM   578  N  N   . ASP A 1 83  ? -14.609 -6.266  -7.160  1.00 28.36 ? 83  ASP A N   1 
ATOM   579  C  CA  . ASP A 1 83  ? -14.046 -6.489  -8.515  1.00 28.48 ? 83  ASP A CA  1 
ATOM   580  C  C   . ASP A 1 83  ? -12.601 -5.976  -8.585  1.00 28.23 ? 83  ASP A C   1 
ATOM   581  O  O   . ASP A 1 83  ? -12.370 -4.840  -8.180  1.00 26.50 ? 83  ASP A O   1 
ATOM   582  C  CB  . ASP A 1 83  ? -14.986 -5.921  -9.576  1.00 31.33 ? 83  ASP A CB  1 
ATOM   583  C  CG  . ASP A 1 83  ? -16.232 -6.773  -9.769  1.00 36.16 ? 83  ASP A CG  1 
ATOM   584  O  OD1 . ASP A 1 83  ? -16.291 -7.879  -9.183  1.00 32.99 ? 83  ASP A OD1 1 
ATOM   585  O  OD2 . ASP A 1 83  ? -17.133 -6.333  -10.503 1.00 39.71 ? 83  ASP A OD2 1 
ATOM   586  N  N   . ARG A 1 84  ? -11.667 -6.781  -9.062  1.00 29.83 ? 84  ARG A N   1 
ATOM   587  C  CA  . ARG A 1 84  ? -10.244 -6.380  -9.101  1.00 29.72 ? 84  ARG A CA  1 
ATOM   588  C  C   . ARG A 1 84  ? -10.068 -5.224  -10.088 1.00 28.10 ? 84  ARG A C   1 
ATOM   589  O  O   . ARG A 1 84  ? -9.035  -4.581  -10.034 1.00 26.56 ? 84  ARG A O   1 
ATOM   590  C  CB  . ARG A 1 84  ? -9.355  -7.561  -9.484  1.00 31.91 ? 84  ARG A CB  1 
ATOM   591  C  CG  . ARG A 1 84  ? -8.042  -7.634  -8.712  1.00 35.27 ? 84  ARG A CG  1 
ATOM   592  C  CD  . ARG A 1 84  ? -6.984  -8.578  -9.268  1.00 40.76 ? 84  ARG A CD  1 
ATOM   593  N  NE  . ARG A 1 84  ? -5.785  -7.879  -9.721  1.00 37.21 ? 84  ARG A NE  1 
ATOM   594  C  CZ  . ARG A 1 84  ? -4.567  -8.009  -9.207  1.00 33.63 ? 84  ARG A CZ  1 
ATOM   595  N  NH1 . ARG A 1 84  ? -4.348  -8.831  -8.197  1.00 35.71 ? 84  ARG A NH1 1 
ATOM   596  N  NH2 . ARG A 1 84  ? -3.567  -7.305  -9.704  1.00 33.34 ? 84  ARG A NH2 1 
ATOM   597  N  N   . ASP A 1 85  ? -11.070 -4.976  -10.936 1.00 28.81 ? 85  ASP A N   1 
ATOM   598  C  CA  . ASP A 1 85  ? -10.976 -3.850  -11.859 1.00 27.39 ? 85  ASP A CA  1 
ATOM   599  C  C   . ASP A 1 85  ? -11.266 -2.511  -11.197 1.00 25.33 ? 85  ASP A C   1 
ATOM   600  O  O   . ASP A 1 85  ? -10.997 -1.464  -11.800 1.00 23.28 ? 85  ASP A O   1 
ATOM   601  C  CB  . ASP A 1 85  ? -11.941 -4.058  -13.030 1.00 32.24 ? 85  ASP A CB  1 
ATOM   602  C  CG  . ASP A 1 85  ? -11.715 -5.378  -13.743 1.00 37.90 ? 85  ASP A CG  1 
ATOM   603  O  OD1 . ASP A 1 85  ? -10.583 -5.605  -14.225 1.00 40.79 ? 85  ASP A OD1 1 
ATOM   604  O  OD2 . ASP A 1 85  ? -12.665 -6.192  -13.818 1.00 40.22 ? 85  ASP A OD2 1 
ATOM   605  N  N   . ALA A 1 86  ? -11.829 -2.513  -9.991  1.00 23.98 ? 86  ALA A N   1 
ATOM   606  C  CA  . ALA A 1 86  ? -12.102 -1.294  -9.245  1.00 19.54 ? 86  ALA A CA  1 
ATOM   607  C  C   . ALA A 1 86  ? -10.895 -0.821  -8.438  1.00 16.87 ? 86  ALA A C   1 
ATOM   608  O  O   . ALA A 1 86  ? -11.005 0.183   -7.723  1.00 16.63 ? 86  ALA A O   1 
ATOM   609  C  CB  . ALA A 1 86  ? -13.299 -1.512  -8.313  1.00 22.56 ? 86  ALA A CB  1 
ATOM   610  N  N   . LEU A 1 87  ? -9.751  -1.498  -8.570  1.00 16.46 ? 87  LEU A N   1 
ATOM   611  C  CA  . LEU A 1 87  ? -8.622  -1.388  -7.649  1.00 14.41 ? 87  LEU A CA  1 
ATOM   612  C  C   . LEU A 1 87  ? -7.415  -0.706  -8.284  1.00 13.17 ? 87  LEU A C   1 
ATOM   613  O  O   . LEU A 1 87  ? -6.978  -1.084  -9.379  1.00 11.42 ? 87  LEU A O   1 
ATOM   614  C  CB  . LEU A 1 87  ? -8.180  -2.770  -7.169  1.00 14.47 ? 87  LEU A CB  1 
ATOM   615  C  CG  . LEU A 1 87  ? -9.139  -3.573  -6.306  1.00 16.45 ? 87  LEU A CG  1 
ATOM   616  C  CD1 . LEU A 1 87  ? -8.414  -4.806  -5.833  1.00 15.88 ? 87  LEU A CD1 1 
ATOM   617  C  CD2 . LEU A 1 87  ? -9.644  -2.729  -5.120  1.00 14.22 ? 87  LEU A CD2 1 
ATOM   618  N  N   . TYR A 1 88  ? -6.863  0.274   -7.575  1.00 10.69 ? 88  TYR A N   1 
ATOM   619  C  CA  . TYR A 1 88  ? -5.476  0.696   -7.735  1.00 11.99 ? 88  TYR A CA  1 
ATOM   620  C  C   . TYR A 1 88  ? -4.727  0.265   -6.477  1.00 11.75 ? 88  TYR A C   1 
ATOM   621  O  O   . TYR A 1 88  ? -5.073  0.700   -5.375  1.00 10.23 ? 88  TYR A O   1 
ATOM   622  C  CB  . TYR A 1 88  ? -5.355  2.211   -7.942  1.00 10.65 ? 88  TYR A CB  1 
ATOM   623  C  CG  . TYR A 1 88  ? -3.922  2.634   -8.199  1.00 11.93 ? 88  TYR A CG  1 
ATOM   624  C  CD1 . TYR A 1 88  ? -3.372  2.527   -9.472  1.00 11.11 ? 88  TYR A CD1 1 
ATOM   625  C  CD2 . TYR A 1 88  ? -3.103  3.113   -7.166  1.00 11.14 ? 88  TYR A CD2 1 
ATOM   626  C  CE1 . TYR A 1 88  ? -2.052  2.886   -9.722  1.00 13.14 ? 88  TYR A CE1 1 
ATOM   627  C  CE2 . TYR A 1 88  ? -1.787  3.487   -7.407  1.00 10.81 ? 88  TYR A CE2 1 
ATOM   628  C  CZ  . TYR A 1 88  ? -1.257  3.354   -8.686  1.00 11.95 ? 88  TYR A CZ  1 
ATOM   629  O  OH  . TYR A 1 88  ? 0.052   3.720   -8.959  1.00 9.97  ? 88  TYR A OH  1 
ATOM   630  N  N   . VAL A 1 89  ? -3.710  -0.591  -6.633  1.00 12.20 ? 89  VAL A N   1 
ATOM   631  C  CA  . VAL A 1 89  ? -2.984  -1.162  -5.505  1.00 12.00 ? 89  VAL A CA  1 
ATOM   632  C  C   . VAL A 1 89  ? -1.534  -0.690  -5.544  1.00 12.53 ? 89  VAL A C   1 
ATOM   633  O  O   . VAL A 1 89  ? -0.880  -0.743  -6.591  1.00 11.48 ? 89  VAL A O   1 
ATOM   634  C  CB  . VAL A 1 89  ? -3.060  -2.708  -5.473  1.00 11.88 ? 89  VAL A CB  1 
ATOM   635  C  CG1 . VAL A 1 89  ? -4.489  -3.151  -5.368  1.00 13.53 ? 89  VAL A CG1 1 
ATOM   636  C  CG2 . VAL A 1 89  ? -2.378  -3.367  -6.716  1.00 9.82  ? 89  VAL A CG2 1 
ATOM   637  N  N   . THR A 1 90  ? -1.029  -0.236  -4.397  1.00 10.19 ? 90  THR A N   1 
ATOM   638  C  CA  . THR A 1 90  ? 0.329   0.294   -4.332  1.00 11.11 ? 90  THR A CA  1 
ATOM   639  C  C   . THR A 1 90  ? 0.892   0.058   -2.918  1.00 10.38 ? 90  THR A C   1 
ATOM   640  O  O   . THR A 1 90  ? 0.308   -0.684  -2.122  1.00 9.40  ? 90  THR A O   1 
ATOM   641  C  CB  . THR A 1 90  ? 0.320   1.767   -4.765  1.00 8.67  ? 90  THR A CB  1 
ATOM   642  O  OG1 . THR A 1 90  ? 1.661   2.211   -4.969  1.00 9.50  ? 90  THR A OG1 1 
ATOM   643  C  CG2 . THR A 1 90  ? -0.361  2.665   -3.704  1.00 8.14  ? 90  THR A CG2 1 
ATOM   644  N  N   . ASN A 1 91  ? 2.058   0.661   -2.623  1.00 9.68  ? 91  ASN A N   1 
ATOM   645  C  CA  . ASN A 1 91  ? 2.711   0.543   -1.317  1.00 9.27  ? 91  ASN A CA  1 
ATOM   646  C  C   . ASN A 1 91  ? 3.248   1.902   -0.862  1.00 9.58  ? 91  ASN A C   1 
ATOM   647  O  O   . ASN A 1 91  ? 3.582   2.768   -1.674  1.00 9.81  ? 91  ASN A O   1 
ATOM   648  C  CB  . ASN A 1 91  ? 3.894   -0.453  -1.332  1.00 10.30 ? 91  ASN A CB  1 
ATOM   649  C  CG  . ASN A 1 91  ? 3.463   -1.924  -1.463  1.00 10.09 ? 91  ASN A CG  1 
ATOM   650  O  OD1 . ASN A 1 91  ? 2.875   -2.498  -0.562  1.00 11.81 ? 91  ASN A OD1 1 
ATOM   651  N  ND2 . ASN A 1 91  ? 3.807   -2.536  -2.579  1.00 10.09 ? 91  ASN A ND2 1 
ATOM   652  N  N   . ALA A 1 92  ? 3.383   2.049   0.464   1.00 10.30 ? 92  ALA A N   1 
ATOM   653  C  CA  . ALA A 1 92  ? 3.863   3.293   1.069   1.00 10.03 ? 92  ALA A CA  1 
ATOM   654  C  C   . ALA A 1 92  ? 5.299   3.611   0.649   1.00 10.90 ? 92  ALA A C   1 
ATOM   655  O  O   . ALA A 1 92  ? 5.650   4.783   0.443   1.00 9.97  ? 92  ALA A O   1 
ATOM   656  C  CB  . ALA A 1 92  ? 3.750   3.197   2.597   1.00 10.00 ? 92  ALA A CB  1 
ATOM   657  N  N   . VAL A 1 93  ? 6.147   2.594   0.501   1.00 10.79 ? 93  VAL A N   1 
ATOM   658  C  CA  . VAL A 1 93  ? 7.464   2.810   -0.088  1.00 11.43 ? 93  VAL A CA  1 
ATOM   659  C  C   . VAL A 1 93  ? 7.624   1.860   -1.272  1.00 11.34 ? 93  VAL A C   1 
ATOM   660  O  O   . VAL A 1 93  ? 7.016   0.789   -1.306  1.00 10.44 ? 93  VAL A O   1 
ATOM   661  C  CB  . VAL A 1 93  ? 8.607   2.656   0.944   1.00 13.45 ? 93  VAL A CB  1 
ATOM   662  C  CG1 . VAL A 1 93  ? 8.295   3.450   2.232   1.00 10.87 ? 93  VAL A CG1 1 
ATOM   663  C  CG2 . VAL A 1 93  ? 8.889   1.209   1.252   1.00 14.23 ? 93  VAL A CG2 1 
ATOM   664  N  N   . LYS A 1 94  ? 8.410   2.282   -2.270  1.00 11.49 ? 94  LYS A N   1 
ATOM   665  C  CA  . LYS A 1 94  ? 8.415   1.631   -3.579  1.00 12.74 ? 94  LYS A CA  1 
ATOM   666  C  C   . LYS A 1 94  ? 9.684   0.835   -3.866  1.00 11.32 ? 94  LYS A C   1 
ATOM   667  O  O   . LYS A 1 94  ? 9.739   0.161   -4.894  1.00 9.58  ? 94  LYS A O   1 
ATOM   668  C  CB  . LYS A 1 94  ? 8.186   2.658   -4.702  1.00 10.94 ? 94  LYS A CB  1 
ATOM   669  C  CG  . LYS A 1 94  ? 7.010   3.618   -4.456  1.00 11.82 ? 94  LYS A CG  1 
ATOM   670  C  CD  . LYS A 1 94  ? 5.706   3.132   -5.084  1.00 13.73 ? 94  LYS A CD  1 
ATOM   671  C  CE  . LYS A 1 94  ? 4.617   4.216   -5.123  1.00 11.46 ? 94  LYS A CE  1 
ATOM   672  N  NZ  . LYS A 1 94  ? 3.849   4.451   -3.828  1.00 9.88  ? 94  LYS A NZ  1 
ATOM   673  N  N   . HIS A 1 95  ? 10.647  0.865   -2.942  1.00 9.46  ? 95  HIS A N   1 
ATOM   674  C  CA  . HIS A 1 95  ? 11.887  0.053   -3.057  1.00 11.16 ? 95  HIS A CA  1 
ATOM   675  C  C   . HIS A 1 95  ? 11.966  -0.990  -1.925  1.00 12.20 ? 95  HIS A C   1 
ATOM   676  O  O   . HIS A 1 95  ? 11.812  -0.623  -0.775  1.00 11.72 ? 95  HIS A O   1 
ATOM   677  C  CB  . HIS A 1 95  ? 13.123  0.942   -3.199  1.00 11.81 ? 95  HIS A CB  1 
ATOM   678  C  CG  . HIS A 1 95  ? 13.462  1.318   -4.591  1.00 11.37 ? 95  HIS A CG  1 
ATOM   679  N  ND1 . HIS A 1 95  ? 13.288  2.578   -5.057  1.00 12.50 ? 95  HIS A ND1 1 
ATOM   680  C  CD2 . HIS A 1 95  ? 13.978  0.617   -5.611  1.00 13.17 ? 95  HIS A CD2 1 
ATOM   681  C  CE1 . HIS A 1 95  ? 13.680  2.670   -6.295  1.00 12.40 ? 95  HIS A CE1 1 
ATOM   682  N  NE2 . HIS A 1 95  ? 14.108  1.482   -6.653  1.00 14.07 ? 95  HIS A NE2 1 
ATOM   683  N  N   . PHE A 1 96  ? 12.167  -2.243  -2.287  1.00 11.11 ? 96  PHE A N   1 
ATOM   684  C  CA  . PHE A 1 96  ? 12.287  -3.337  -1.330  1.00 12.61 ? 96  PHE A CA  1 
ATOM   685  C  C   . PHE A 1 96  ? 13.448  -3.087  -0.359  1.00 13.11 ? 96  PHE A C   1 
ATOM   686  O  O   . PHE A 1 96  ? 14.595  -2.920  -0.786  1.00 13.56 ? 96  PHE A O   1 
ATOM   687  C  CB  . PHE A 1 96  ? 12.500  -4.631  -2.119  1.00 11.42 ? 96  PHE A CB  1 
ATOM   688  C  CG  . PHE A 1 96  ? 12.556  -5.909  -1.283  1.00 12.88 ? 96  PHE A CG  1 
ATOM   689  C  CD1 . PHE A 1 96  ? 11.740  -6.090  -0.182  1.00 12.67 ? 96  PHE A CD1 1 
ATOM   690  C  CD2 . PHE A 1 96  ? 13.412  -6.945  -1.651  1.00 12.84 ? 96  PHE A CD2 1 
ATOM   691  C  CE1 . PHE A 1 96  ? 11.777  -7.287  0.553   1.00 15.20 ? 96  PHE A CE1 1 
ATOM   692  C  CE2 . PHE A 1 96  ? 13.460  -8.143  -0.926  1.00 12.79 ? 96  PHE A CE2 1 
ATOM   693  C  CZ  . PHE A 1 96  ? 12.644  -8.313  0.177   1.00 13.09 ? 96  PHE A CZ  1 
ATOM   694  N  N   . LYS A 1 97  ? 13.149  -3.057  0.944   1.00 11.02 ? 97  LYS A N   1 
ATOM   695  C  CA  . LYS A 1 97  ? 14.169  -2.953  1.989   1.00 12.44 ? 97  LYS A CA  1 
ATOM   696  C  C   . LYS A 1 97  ? 14.361  -4.324  2.627   1.00 15.89 ? 97  LYS A C   1 
ATOM   697  O  O   . LYS A 1 97  ? 13.414  -4.871  3.215   1.00 14.38 ? 97  LYS A O   1 
ATOM   698  C  CB  . LYS A 1 97  ? 13.755  -1.945  3.054   1.00 12.82 ? 97  LYS A CB  1 
ATOM   699  C  CG  . LYS A 1 97  ? 14.793  -1.685  4.125   1.00 13.38 ? 97  LYS A CG  1 
ATOM   700  C  CD  . LYS A 1 97  ? 14.195  -0.752  5.219   1.00 13.88 ? 97  LYS A CD  1 
ATOM   701  C  CE  . LYS A 1 97  ? 15.257  -0.367  6.240   1.00 12.20 ? 97  LYS A CE  1 
ATOM   702  N  NZ  . LYS A 1 97  ? 14.811  0.756   7.102   1.00 13.36 ? 97  LYS A NZ  1 
ATOM   703  N  N   . PHE A 1 98  ? 15.584  -4.863  2.557   1.00 14.62 ? 98  PHE A N   1 
ATOM   704  C  CA  . PHE A 1 98  ? 15.783  -6.274  2.864   1.00 15.24 ? 98  PHE A CA  1 
ATOM   705  C  C   . PHE A 1 98  ? 17.181  -6.544  3.401   1.00 17.53 ? 98  PHE A C   1 
ATOM   706  O  O   . PHE A 1 98  ? 18.107  -5.746  3.242   1.00 15.84 ? 98  PHE A O   1 
ATOM   707  C  CB  . PHE A 1 98  ? 15.553  -7.152  1.624   1.00 14.37 ? 98  PHE A CB  1 
ATOM   708  C  CG  . PHE A 1 98  ? 16.602  -6.969  0.559   1.00 15.36 ? 98  PHE A CG  1 
ATOM   709  C  CD1 . PHE A 1 98  ? 16.497  -5.938  -0.369  1.00 13.97 ? 98  PHE A CD1 1 
ATOM   710  C  CD2 . PHE A 1 98  ? 17.722  -7.809  0.506   1.00 15.62 ? 98  PHE A CD2 1 
ATOM   711  C  CE1 . PHE A 1 98  ? 17.469  -5.761  -1.354  1.00 14.26 ? 98  PHE A CE1 1 
ATOM   712  C  CE2 . PHE A 1 98  ? 18.708  -7.629  -0.477  1.00 16.35 ? 98  PHE A CE2 1 
ATOM   713  C  CZ  . PHE A 1 98  ? 18.586  -6.608  -1.397  1.00 14.49 ? 98  PHE A CZ  1 
ATOM   714  N  N   . THR A 1 99  ? 17.315  -7.705  4.033   1.00 20.48 ? 99  THR A N   1 
ATOM   715  C  CA  . THR A 1 99  ? 18.595  -8.318  4.360   1.00 21.77 ? 99  THR A CA  1 
ATOM   716  C  C   . THR A 1 99  ? 18.551  -9.747  3.847   1.00 23.86 ? 99  THR A C   1 
ATOM   717  O  O   . THR A 1 99  ? 17.504  -10.227 3.403   1.00 24.60 ? 99  THR A O   1 
ATOM   718  C  CB  . THR A 1 99  ? 18.866  -8.288  5.868   1.00 23.82 ? 99  THR A CB  1 
ATOM   719  O  OG1 . THR A 1 99  ? 20.241  -8.595  6.120   1.00 26.70 ? 99  THR A OG1 1 
ATOM   720  C  CG2 . THR A 1 99  ? 17.986  -9.309  6.580   1.00 22.18 ? 99  THR A CG2 1 
ATOM   721  N  N   . ARG A 1 100 ? 19.685  -10.447 3.891   1.00 28.22 ? 100 ARG A N   1 
ATOM   722  C  CA  . ARG A 1 100 ? 19.673  -11.863 3.544   1.00 30.00 ? 100 ARG A CA  1 
ATOM   723  C  C   . ARG A 1 100 ? 20.124  -12.697 4.737   1.00 30.52 ? 100 ARG A C   1 
ATOM   724  O  O   . ARG A 1 100 ? 20.795  -12.202 5.645   1.00 29.08 ? 100 ARG A O   1 
ATOM   725  C  CB  . ARG A 1 100 ? 20.547  -12.161 2.317   1.00 31.23 ? 100 ARG A CB  1 
ATOM   726  C  CG  . ARG A 1 100 ? 19.739  -12.604 1.085   1.00 30.61 ? 100 ARG A CG  1 
ATOM   727  C  CD  . ARG A 1 100 ? 20.647  -13.074 -0.055  1.00 30.48 ? 100 ARG A CD  1 
ATOM   728  N  NE  . ARG A 1 100 ? 20.273  -12.499 -1.345  1.00 29.19 ? 100 ARG A NE  1 
ATOM   729  C  CZ  . ARG A 1 100 ? 19.405  -13.044 -2.188  1.00 28.21 ? 100 ARG A CZ  1 
ATOM   730  N  NH1 . ARG A 1 100 ? 18.780  -14.175 -1.901  1.00 32.12 ? 100 ARG A NH1 1 
ATOM   731  N  NH2 . ARG A 1 100 ? 19.141  -12.431 -3.340  1.00 26.84 ? 100 ARG A NH2 1 
ATOM   732  N  N   . ALA A 1 101 ? 19.693  -13.965 4.742   1.00 30.12 ? 101 ALA A N   1 
ATOM   733  C  CA  . ALA A 1 101 ? 20.138  -14.977 5.691   1.00 31.86 ? 101 ALA A CA  1 
ATOM   734  C  C   . ALA A 1 101 ? 20.801  -16.119 4.930   1.00 38.59 ? 101 ALA A C   1 
ATOM   735  O  O   . ALA A 1 101 ? 20.504  -16.353 3.750   1.00 37.13 ? 101 ALA A O   1 
ATOM   736  C  CB  . ALA A 1 101 ? 18.976  -15.528 6.527   1.00 32.42 ? 101 ALA A CB  1 
ATOM   737  N  N   . ALA A 1 102 ? 21.698  -16.829 5.616   1.00 34.38 ? 102 ALA A N   1 
ATOM   738  C  CA  . ALA A 1 102 ? 22.499  -17.892 4.997   1.00 34.12 ? 102 ALA A CA  1 
ATOM   739  C  C   . ALA A 1 102 ? 21.639  -19.028 4.436   1.00 38.00 ? 102 ALA A C   1 
ATOM   740  O  O   . ALA A 1 102 ? 20.647  -19.438 5.048   1.00 44.76 ? 102 ALA A O   1 
ATOM   741  C  CB  . ALA A 1 102 ? 23.510  -18.444 6.012   1.00 31.59 ? 102 ALA A CB  1 
ATOM   742  N  N   . ARG A 1 107 ? 14.961  -13.419 0.359   1.00 22.27 ? 107 ARG A N   1 
ATOM   743  C  CA  . ARG A 1 107 ? 15.437  -12.199 1.021   1.00 22.45 ? 107 ARG A CA  1 
ATOM   744  C  C   . ARG A 1 107 ? 14.431  -11.817 2.104   1.00 20.29 ? 107 ARG A C   1 
ATOM   745  O  O   . ARG A 1 107 ? 13.245  -12.050 1.928   1.00 18.64 ? 107 ARG A O   1 
ATOM   746  C  CB  . ARG A 1 107 ? 15.638  -11.062 -0.003  1.00 19.31 ? 107 ARG A CB  1 
ATOM   747  C  CG  . ARG A 1 107 ? 16.838  -11.301 -0.952  1.00 19.53 ? 107 ARG A CG  1 
ATOM   748  C  CD  . ARG A 1 107 ? 16.895  -10.320 -2.144  1.00 18.41 ? 107 ARG A CD  1 
ATOM   749  N  NE  . ARG A 1 107 ? 15.732  -10.457 -3.010  1.00 18.64 ? 107 ARG A NE  1 
ATOM   750  C  CZ  . ARG A 1 107 ? 15.326  -9.551  -3.890  1.00 15.99 ? 107 ARG A CZ  1 
ATOM   751  N  NH1 . ARG A 1 107 ? 16.014  -8.444  -4.114  1.00 14.43 ? 107 ARG A NH1 1 
ATOM   752  N  NH2 . ARG A 1 107 ? 14.173  -9.741  -4.526  1.00 14.12 ? 107 ARG A NH2 1 
ATOM   753  N  N   . ILE A 1 108 ? 14.887  -11.253 3.221   1.00 21.36 ? 108 ILE A N   1 
ATOM   754  C  CA  . ILE A 1 108 ? 14.019  -10.972 4.371   1.00 21.08 ? 108 ILE A CA  1 
ATOM   755  C  C   . ILE A 1 108 ? 13.693  -9.487  4.376   1.00 19.07 ? 108 ILE A C   1 
ATOM   756  O  O   . ILE A 1 108 ? 14.604  -8.657  4.379   1.00 18.92 ? 108 ILE A O   1 
ATOM   757  C  CB  . ILE A 1 108 ? 14.687  -11.377 5.696   1.00 21.01 ? 108 ILE A CB  1 
ATOM   758  C  CG1 . ILE A 1 108 ? 15.290  -12.790 5.600   1.00 22.55 ? 108 ILE A CG1 1 
ATOM   759  C  CG2 . ILE A 1 108 ? 13.709  -11.210 6.870   1.00 20.93 ? 108 ILE A CG2 1 
ATOM   760  C  CD1 . ILE A 1 108 ? 14.317  -13.912 5.912   1.00 20.95 ? 108 ILE A CD1 1 
ATOM   761  N  N   . SER A 1 109 ? 12.409  -9.131  4.432   1.00 17.92 ? 109 SER A N   1 
ATOM   762  C  CA  . SER A 1 109 ? 12.088  -7.708  4.446   1.00 19.21 ? 109 SER A CA  1 
ATOM   763  C  C   . SER A 1 109 ? 12.454  -7.091  5.791   1.00 18.07 ? 109 SER A C   1 
ATOM   764  O  O   . SER A 1 109 ? 12.367  -7.743  6.838   1.00 16.25 ? 109 SER A O   1 
ATOM   765  C  CB  . SER A 1 109 ? 10.612  -7.468  4.136   1.00 16.21 ? 109 SER A CB  1 
ATOM   766  O  OG  . SER A 1 109 ? 9.803   -7.901  5.204   1.00 23.56 ? 109 SER A OG  1 
ATOM   767  N  N   . LYS A 1 110 ? 12.887  -5.829  5.747   1.00 15.72 ? 110 LYS A N   1 
ATOM   768  C  CA  . LYS A 1 110 ? 13.106  -5.016  6.933   1.00 15.75 ? 110 LYS A CA  1 
ATOM   769  C  C   . LYS A 1 110 ? 12.197  -3.786  6.887   1.00 17.10 ? 110 LYS A C   1 
ATOM   770  O  O   . LYS A 1 110 ? 11.886  -3.258  5.811   1.00 16.24 ? 110 LYS A O   1 
ATOM   771  C  CB  . LYS A 1 110 ? 14.589  -4.609  7.053   1.00 15.53 ? 110 LYS A CB  1 
ATOM   772  C  CG  . LYS A 1 110 ? 15.532  -5.810  7.289   1.00 18.67 ? 110 LYS A CG  1 
ATOM   773  C  CD  . LYS A 1 110 ? 14.924  -6.801  8.326   1.00 21.38 ? 110 LYS A CD  1 
ATOM   774  C  CE  . LYS A 1 110 ? 15.937  -7.810  8.888   1.00 20.86 ? 110 LYS A CE  1 
ATOM   775  N  NZ  . LYS A 1 110 ? 15.347  -8.827  9.833   1.00 17.63 ? 110 LYS A NZ  1 
ATOM   776  N  N   . THR A 1 111 ? 11.748  -3.361  8.065   1.00 15.60 ? 111 THR A N   1 
ATOM   777  C  CA  . THR A 1 111 ? 10.825  -2.231  8.246   1.00 17.37 ? 111 THR A CA  1 
ATOM   778  C  C   . THR A 1 111 ? 11.381  -0.903  7.725   1.00 15.91 ? 111 THR A C   1 
ATOM   779  O  O   . THR A 1 111 ? 12.446  -0.461  8.175   1.00 15.85 ? 111 THR A O   1 
ATOM   780  C  CB  . THR A 1 111 ? 10.509  -2.080  9.739   1.00 17.93 ? 111 THR A CB  1 
ATOM   781  O  OG1 . THR A 1 111 ? 10.207  -3.367  10.293  1.00 19.39 ? 111 THR A OG1 1 
ATOM   782  C  CG2 . THR A 1 111 ? 9.333   -1.111  9.978   1.00 17.38 ? 111 THR A CG2 1 
ATOM   783  N  N   . PRO A 1 112 ? 10.699  -0.235  6.801   1.00 15.69 ? 112 PRO A N   1 
ATOM   784  C  CA  . PRO A 1 112 ? 11.087  1.136   6.449   1.00 14.83 ? 112 PRO A CA  1 
ATOM   785  C  C   . PRO A 1 112 ? 10.955  2.065   7.652   1.00 15.19 ? 112 PRO A C   1 
ATOM   786  O  O   . PRO A 1 112 ? 9.966   2.030   8.380   1.00 15.91 ? 112 PRO A O   1 
ATOM   787  C  CB  . PRO A 1 112 ? 10.103  1.502   5.335   1.00 12.61 ? 112 PRO A CB  1 
ATOM   788  C  CG  . PRO A 1 112 ? 9.727   0.154   4.730   1.00 15.87 ? 112 PRO A CG  1 
ATOM   789  C  CD  . PRO A 1 112 ? 9.637   -0.758  5.932   1.00 14.65 ? 112 PRO A CD  1 
ATOM   790  N  N   . SER A 1 113 ? 11.976  2.883   7.875   1.00 14.90 ? 113 SER A N   1 
ATOM   791  C  CA  . SER A 1 113 ? 11.885  3.856   8.948   1.00 14.40 ? 113 SER A CA  1 
ATOM   792  C  C   . SER A 1 113 ? 10.864  4.931   8.589   1.00 14.61 ? 113 SER A C   1 
ATOM   793  O  O   . SER A 1 113 ? 10.423  5.060   7.439   1.00 14.09 ? 113 SER A O   1 
ATOM   794  C  CB  . SER A 1 113 ? 13.239  4.494   9.196   1.00 14.83 ? 113 SER A CB  1 
ATOM   795  O  OG  . SER A 1 113 ? 13.607  5.231   8.056   1.00 13.88 ? 113 SER A OG  1 
ATOM   796  N  N   . ARG A 1 114 ? 10.492  5.722   9.588   1.00 15.48 ? 114 ARG A N   1 
ATOM   797  C  CA  . ARG A 1 114 ? 9.586   6.833   9.330   1.00 17.86 ? 114 ARG A CA  1 
ATOM   798  C  C   . ARG A 1 114 ? 10.177  7.770   8.285   1.00 14.19 ? 114 ARG A C   1 
ATOM   799  O  O   . ARG A 1 114 ? 9.453   8.287   7.430   1.00 13.67 ? 114 ARG A O   1 
ATOM   800  C  CB  . ARG A 1 114 ? 9.296   7.580   10.640  1.00 19.39 ? 114 ARG A CB  1 
ATOM   801  C  CG  . ARG A 1 114 ? 8.329   8.750   10.531  1.00 20.92 ? 114 ARG A CG  1 
ATOM   802  C  CD  . ARG A 1 114 ? 6.929   8.331   10.102  1.00 20.52 ? 114 ARG A CD  1 
ATOM   803  N  NE  . ARG A 1 114 ? 5.966   9.422   10.248  1.00 22.14 ? 114 ARG A NE  1 
ATOM   804  C  CZ  . ARG A 1 114 ? 4.698   9.355   9.861   1.00 24.69 ? 114 ARG A CZ  1 
ATOM   805  N  NH1 . ARG A 1 114 ? 4.203   8.262   9.305   1.00 21.57 ? 114 ARG A NH1 1 
ATOM   806  N  NH2 . ARG A 1 114 ? 3.910   10.418  10.023  1.00 25.12 ? 114 ARG A NH2 1 
ATOM   807  N  N   . THR A 1 115 ? 11.497  7.982   8.339   1.00 14.17 ? 115 THR A N   1 
ATOM   808  C  CA  . THR A 1 115 ? 12.178  8.838   7.367   1.00 17.05 ? 115 THR A CA  1 
ATOM   809  C  C   . THR A 1 115 ? 11.968  8.341   5.944   1.00 14.35 ? 115 THR A C   1 
ATOM   810  O  O   . THR A 1 115 ? 11.659  9.122   5.032   1.00 13.59 ? 115 THR A O   1 
ATOM   811  C  CB  . THR A 1 115 ? 13.679  8.903   7.671   1.00 18.34 ? 115 THR A CB  1 
ATOM   812  O  OG1 . THR A 1 115 ? 13.886  9.390   9.000   1.00 24.48 ? 115 THR A OG1 1 
ATOM   813  C  CG2 . THR A 1 115 ? 14.381  9.826   6.683   1.00 16.26 ? 115 THR A CG2 1 
ATOM   814  N  N   . GLU A 1 116 ? 12.146  7.038   5.734   1.00 14.34 ? 116 GLU A N   1 
ATOM   815  C  CA  . GLU A 1 116 ? 11.956  6.477   4.403   1.00 12.83 ? 116 GLU A CA  1 
ATOM   816  C  C   . GLU A 1 116 ? 10.504  6.588   3.977   1.00 12.90 ? 116 GLU A C   1 
ATOM   817  O  O   . GLU A 1 116 ? 10.213  6.888   2.814   1.00 9.80  ? 116 GLU A O   1 
ATOM   818  C  CB  . GLU A 1 116 ? 12.431  5.022   4.387   1.00 12.21 ? 116 GLU A CB  1 
ATOM   819  C  CG  . GLU A 1 116 ? 13.967  4.933   4.553   1.00 14.07 ? 116 GLU A CG  1 
ATOM   820  C  CD  . GLU A 1 116 ? 14.479  3.569   5.026   1.00 13.86 ? 116 GLU A CD  1 
ATOM   821  O  OE1 . GLU A 1 116 ? 13.710  2.781   5.608   1.00 14.75 ? 116 GLU A OE1 1 
ATOM   822  O  OE2 . GLU A 1 116 ? 15.677  3.291   4.800   1.00 15.85 ? 116 GLU A OE2 1 
ATOM   823  N  N   . VAL A 1 117 ? 9.578   6.363   4.913   1.00 13.48 ? 117 VAL A N   1 
ATOM   824  C  CA  . VAL A 1 117 ? 8.160   6.466   4.583   1.00 12.82 ? 117 VAL A CA  1 
ATOM   825  C  C   . VAL A 1 117 ? 7.831   7.884   4.139   1.00 13.27 ? 117 VAL A C   1 
ATOM   826  O  O   . VAL A 1 117 ? 7.147   8.096   3.128   1.00 12.00 ? 117 VAL A O   1 
ATOM   827  C  CB  . VAL A 1 117 ? 7.290   6.034   5.778   1.00 11.16 ? 117 VAL A CB  1 
ATOM   828  C  CG1 . VAL A 1 117 ? 5.817   6.390   5.506   1.00 10.74 ? 117 VAL A CG1 1 
ATOM   829  C  CG2 . VAL A 1 117 ? 7.466   4.527   6.055   1.00 11.96 ? 117 VAL A CG2 1 
ATOM   830  N  N   . VAL A 1 118 ? 8.305   8.874   4.903   1.00 12.30 ? 118 VAL A N   1 
ATOM   831  C  CA  . VAL A 1 118 ? 8.037   10.268  4.565   1.00 13.95 ? 118 VAL A CA  1 
ATOM   832  C  C   . VAL A 1 118 ? 8.766   10.656  3.274   1.00 13.11 ? 118 VAL A C   1 
ATOM   833  O  O   . VAL A 1 118 ? 8.207   11.361  2.429   1.00 11.86 ? 118 VAL A O   1 
ATOM   834  C  CB  . VAL A 1 118 ? 8.403   11.184  5.757   1.00 14.00 ? 118 VAL A CB  1 
ATOM   835  C  CG1 . VAL A 1 118 ? 8.556   12.637  5.317   1.00 14.91 ? 118 VAL A CG1 1 
ATOM   836  C  CG2 . VAL A 1 118 ? 7.318   11.085  6.868   1.00 15.02 ? 118 VAL A CG2 1 
ATOM   837  N  N   . ALA A 1 119 ? 9.999   10.160  3.076   1.00 12.61 ? 119 ALA A N   1 
ATOM   838  C  CA  . ALA A 1 119 ? 10.737  10.464  1.843   1.00 11.25 ? 119 ALA A CA  1 
ATOM   839  C  C   . ALA A 1 119 ? 9.951   10.037  0.609   1.00 11.65 ? 119 ALA A C   1 
ATOM   840  O  O   . ALA A 1 119 ? 9.929   10.749  -0.402  1.00 11.20 ? 119 ALA A O   1 
ATOM   841  C  CB  . ALA A 1 119 ? 12.099  9.758   1.853   1.00 8.70  ? 119 ALA A CB  1 
ATOM   842  N  N   . CYS A 1 120 ? 9.315   8.869   0.675   1.00 10.86 ? 120 CYS A N   1 
ATOM   843  C  CA  . CYS A 1 120 ? 8.604   8.266   -0.443  1.00 11.30 ? 120 CYS A CA  1 
ATOM   844  C  C   . CYS A 1 120 ? 7.157   8.738   -0.557  1.00 12.42 ? 120 CYS A C   1 
ATOM   845  O  O   . CYS A 1 120 ? 6.535   8.524   -1.607  1.00 12.61 ? 120 CYS A O   1 
ATOM   846  C  CB  . CYS A 1 120 ? 8.625   6.730   -0.311  1.00 9.83  ? 120 CYS A CB  1 
ATOM   847  S  SG  . CYS A 1 120 ? 8.399   5.798   -1.883  1.00 8.63  ? 120 CYS A SG  1 
ATOM   848  N  N   . ARG A 1 121 ? 6.620   9.372   0.491   1.00 11.57 ? 121 ARG A N   1 
ATOM   849  C  CA  . ARG A 1 121 ? 5.214   9.779   0.480   1.00 12.59 ? 121 ARG A CA  1 
ATOM   850  C  C   . ARG A 1 121 ? 4.823   10.638  -0.719  1.00 12.47 ? 121 ARG A C   1 
ATOM   851  O  O   . ARG A 1 121 ? 3.672   10.504  -1.168  1.00 12.21 ? 121 ARG A O   1 
ATOM   852  C  CB  . ARG A 1 121 ? 4.846   10.521  1.775   1.00 12.04 ? 121 ARG A CB  1 
ATOM   853  C  CG  . ARG A 1 121 ? 3.309   10.688  1.961   1.00 13.98 ? 121 ARG A CG  1 
ATOM   854  C  CD  . ARG A 1 121 ? 2.896   10.944  3.419   1.00 15.96 ? 121 ARG A CD  1 
ATOM   855  N  NE  . ARG A 1 121 ? 3.632   12.075  3.971   1.00 20.25 ? 121 ARG A NE  1 
ATOM   856  C  CZ  . ARG A 1 121 ? 3.781   12.318  5.266   1.00 20.16 ? 121 ARG A CZ  1 
ATOM   857  N  NH1 . ARG A 1 121 ? 3.187   11.567  6.182   1.00 19.39 ? 121 ARG A NH1 1 
ATOM   858  N  NH2 . ARG A 1 121 ? 4.554   13.331  5.651   1.00 17.54 ? 121 ARG A NH2 1 
ATOM   859  N  N   . PRO A 1 122 ? 5.682   11.511  -1.271  1.00 13.94 ? 122 PRO A N   1 
ATOM   860  C  CA  . PRO A 1 122 ? 5.276   12.237  -2.497  1.00 13.75 ? 122 PRO A CA  1 
ATOM   861  C  C   . PRO A 1 122 ? 4.741   11.346  -3.614  1.00 12.26 ? 122 PRO A C   1 
ATOM   862  O  O   . PRO A 1 122 ? 3.802   11.757  -4.310  1.00 12.55 ? 122 PRO A O   1 
ATOM   863  C  CB  . PRO A 1 122 ? 6.562   12.961  -2.916  1.00 12.33 ? 122 PRO A CB  1 
ATOM   864  C  CG  . PRO A 1 122 ? 7.267   13.237  -1.617  1.00 14.39 ? 122 PRO A CG  1 
ATOM   865  C  CD  . PRO A 1 122 ? 6.935   12.053  -0.708  1.00 12.53 ? 122 PRO A CD  1 
ATOM   866  N  N   . TRP A 1 123 ? 5.318   10.156  -3.820  1.00 11.47 ? 123 TRP A N   1 
ATOM   867  C  CA  . TRP A 1 123 ? 4.784   9.239   -4.833  1.00 10.47 ? 123 TRP A CA  1 
ATOM   868  C  C   . TRP A 1 123 ? 3.356   8.846   -4.482  1.00 9.68  ? 123 TRP A C   1 
ATOM   869  O  O   . TRP A 1 123 ? 2.459   8.885   -5.329  1.00 7.91  ? 123 TRP A O   1 
ATOM   870  C  CB  . TRP A 1 123 ? 5.678   7.990   -4.940  1.00 9.10  ? 123 TRP A CB  1 
ATOM   871  C  CG  . TRP A 1 123 ? 7.034   8.284   -5.554  1.00 10.85 ? 123 TRP A CG  1 
ATOM   872  C  CD1 . TRP A 1 123 ? 8.271   8.144   -4.958  1.00 10.39 ? 123 TRP A CD1 1 
ATOM   873  C  CD2 . TRP A 1 123 ? 7.275   8.787   -6.869  1.00 11.65 ? 123 TRP A CD2 1 
ATOM   874  N  NE1 . TRP A 1 123 ? 9.262   8.540   -5.836  1.00 11.23 ? 123 TRP A NE1 1 
ATOM   875  C  CE2 . TRP A 1 123 ? 8.675   8.942   -7.012  1.00 11.28 ? 123 TRP A CE2 1 
ATOM   876  C  CE3 . TRP A 1 123 ? 6.440   9.134   -7.943  1.00 10.18 ? 123 TRP A CE3 1 
ATOM   877  C  CZ2 . TRP A 1 123 ? 9.253   9.409   -8.191  1.00 11.82 ? 123 TRP A CZ2 1 
ATOM   878  C  CZ3 . TRP A 1 123 ? 7.020   9.604   -9.115  1.00 11.80 ? 123 TRP A CZ3 1 
ATOM   879  C  CH2 . TRP A 1 123 ? 8.414   9.733   -9.233  1.00 12.09 ? 123 TRP A CH2 1 
ATOM   880  N  N   . LEU A 1 124 ? 3.138   8.486   -3.217  1.00 11.02 ? 124 LEU A N   1 
ATOM   881  C  CA  . LEU A 1 124 ? 1.815   8.098   -2.748  1.00 11.29 ? 124 LEU A CA  1 
ATOM   882  C  C   . LEU A 1 124 ? 0.803   9.226   -2.931  1.00 10.09 ? 124 LEU A C   1 
ATOM   883  O  O   . LEU A 1 124 ? -0.337  8.979   -3.337  1.00 10.47 ? 124 LEU A O   1 
ATOM   884  C  CB  . LEU A 1 124 ? 1.913   7.695   -1.278  1.00 10.06 ? 124 LEU A CB  1 
ATOM   885  C  CG  . LEU A 1 124 ? 0.889   6.717   -0.731  1.00 11.64 ? 124 LEU A CG  1 
ATOM   886  C  CD1 . LEU A 1 124 ? 0.937   5.357   -1.463  1.00 9.75  ? 124 LEU A CD1 1 
ATOM   887  C  CD2 . LEU A 1 124 ? 1.154   6.545   0.767   1.00 12.02 ? 124 LEU A CD2 1 
ATOM   888  N  N   . ILE A 1 125 ? 1.199   10.467  -2.617  1.00 9.97  ? 125 ILE A N   1 
ATOM   889  C  CA  . ILE A 1 125 ? 0.312   11.616  -2.798  1.00 12.00 ? 125 ILE A CA  1 
ATOM   890  C  C   . ILE A 1 125 ? 0.016   11.822  -4.278  1.00 11.27 ? 125 ILE A C   1 
ATOM   891  O  O   . ILE A 1 125 ? -1.117  12.131  -4.658  1.00 12.61 ? 125 ILE A O   1 
ATOM   892  C  CB  . ILE A 1 125 ? 0.924   12.890  -2.180  1.00 10.98 ? 125 ILE A CB  1 
ATOM   893  C  CG1 . ILE A 1 125 ? 1.056   12.783  -0.658  1.00 12.70 ? 125 ILE A CG1 1 
ATOM   894  C  CG2 . ILE A 1 125 ? 0.109   14.142  -2.598  1.00 11.33 ? 125 ILE A CG2 1 
ATOM   895  C  CD1 . ILE A 1 125 ? -0.227  12.422  0.061   1.00 11.75 ? 125 ILE A CD1 1 
ATOM   896  N  N   . ALA A 1 126 ? 1.040   11.674  -5.126  1.00 9.67  ? 126 ALA A N   1 
ATOM   897  C  CA  . ALA A 1 126 ? 0.849   11.753  -6.573  1.00 10.77 ? 126 ALA A CA  1 
ATOM   898  C  C   . ALA A 1 126 ? -0.119  10.683  -7.063  1.00 11.28 ? 126 ALA A C   1 
ATOM   899  O  O   . ALA A 1 126 ? -0.967  10.951  -7.926  1.00 10.62 ? 126 ALA A O   1 
ATOM   900  C  CB  . ALA A 1 126 ? 2.201   11.623  -7.282  1.00 8.24  ? 126 ALA A CB  1 
ATOM   901  N  N   . GLU A 1 127 ? -0.021  9.463   -6.510  1.00 10.24 ? 127 GLU A N   1 
ATOM   902  C  CA  . GLU A 1 127 ? -0.953  8.402   -6.906  1.00 11.80 ? 127 GLU A CA  1 
ATOM   903  C  C   . GLU A 1 127 ? -2.374  8.727   -6.454  1.00 11.74 ? 127 GLU A C   1 
ATOM   904  O  O   . GLU A 1 127 ? -3.327  8.599   -7.233  1.00 11.82 ? 127 GLU A O   1 
ATOM   905  C  CB  . GLU A 1 127 ? -0.508  7.045   -6.335  1.00 9.69  ? 127 GLU A CB  1 
ATOM   906  C  CG  . GLU A 1 127 ? 0.718   6.434   -7.018  1.00 10.25 ? 127 GLU A CG  1 
ATOM   907  C  CD  . GLU A 1 127 ? 1.304   5.263   -6.237  1.00 10.33 ? 127 GLU A CD  1 
ATOM   908  O  OE1 . GLU A 1 127 ? 1.683   5.463   -5.079  1.00 10.11 ? 127 GLU A OE1 1 
ATOM   909  O  OE2 . GLU A 1 127 ? 1.405   4.142   -6.776  1.00 10.15 ? 127 GLU A OE2 1 
ATOM   910  N  N   . MET A 1 128 ? -2.533  9.145   -5.193  1.00 10.43 ? 128 MET A N   1 
ATOM   911  C  CA  . MET A 1 128 ? -3.856  9.513   -4.679  1.00 13.56 ? 128 MET A CA  1 
ATOM   912  C  C   . MET A 1 128 ? -4.483  10.640  -5.496  1.00 13.69 ? 128 MET A C   1 
ATOM   913  O  O   . MET A 1 128 ? -5.661  10.570  -5.865  1.00 14.49 ? 128 MET A O   1 
ATOM   914  C  CB  . MET A 1 128 ? -3.744  9.925   -3.214  1.00 13.23 ? 128 MET A CB  1 
ATOM   915  C  CG  . MET A 1 128 ? -3.649  8.761   -2.250  1.00 16.71 ? 128 MET A CG  1 
ATOM   916  S  SD  . MET A 1 128 ? -3.930  9.296   -0.548  1.00 26.88 ? 128 MET A SD  1 
ATOM   917  C  CE  . MET A 1 128 ? -5.467  10.161  -0.780  1.00 16.80 ? 128 MET A CE  1 
ATOM   918  N  N   . THR A 1 129 ? -3.705  11.689  -5.769  1.00 13.42 ? 129 THR A N   1 
ATOM   919  C  CA  . THR A 1 129 ? -4.138  12.801  -6.614  1.00 16.11 ? 129 THR A CA  1 
ATOM   920  C  C   . THR A 1 129 ? -4.496  12.345  -8.033  1.00 15.31 ? 129 THR A C   1 
ATOM   921  O  O   . THR A 1 129 ? -5.436  12.867  -8.644  1.00 14.49 ? 129 THR A O   1 
ATOM   922  C  CB  . THR A 1 129 ? -3.016  13.852  -6.642  1.00 14.76 ? 129 THR A CB  1 
ATOM   923  O  OG1 . THR A 1 129 ? -3.140  14.702  -5.493  1.00 24.17 ? 129 THR A OG1 1 
ATOM   924  C  CG2 . THR A 1 129 ? -3.065  14.685  -7.895  1.00 18.50 ? 129 THR A CG2 1 
ATOM   925  N  N   . SER A 1 130 ? -3.754  11.372  -8.577  1.00 15.48 ? 130 SER A N   1 
ATOM   926  C  CA  . SER A 1 130 ? -4.030  10.878  -9.930  1.00 14.11 ? 130 SER A CA  1 
ATOM   927  C  C   . SER A 1 130 ? -5.312  10.044  -9.981  1.00 14.31 ? 130 SER A C   1 
ATOM   928  O  O   . SER A 1 130 ? -6.134  10.201  -10.894 1.00 12.70 ? 130 SER A O   1 
ATOM   929  C  CB  . SER A 1 130 ? -2.853  10.037  -10.422 1.00 13.81 ? 130 SER A CB  1 
ATOM   930  O  OG  . SER A 1 130 ? -3.162  9.338   -11.623 1.00 15.26 ? 130 SER A OG  1 
ATOM   931  N  N   . VAL A 1 131 ? -5.470  9.133   -9.026  1.00 12.85 ? 131 VAL A N   1 
ATOM   932  C  CA  . VAL A 1 131 ? -6.571  8.183   -9.021  1.00 11.60 ? 131 VAL A CA  1 
ATOM   933  C  C   . VAL A 1 131 ? -7.847  8.809   -8.467  1.00 13.74 ? 131 VAL A C   1 
ATOM   934  O  O   . VAL A 1 131 ? -8.948  8.469   -8.910  1.00 14.07 ? 131 VAL A O   1 
ATOM   935  C  CB  . VAL A 1 131 ? -6.138  6.948   -8.218  1.00 12.13 ? 131 VAL A CB  1 
ATOM   936  C  CG1 . VAL A 1 131 ? -7.342  6.069   -7.829  1.00 11.81 ? 131 VAL A CG1 1 
ATOM   937  C  CG2 . VAL A 1 131 ? -5.045  6.147   -9.000  1.00 11.38 ? 131 VAL A CG2 1 
ATOM   938  N  N   . GLU A 1 132 ? -7.738  9.723   -7.506  1.00 12.16 ? 132 GLU A N   1 
ATOM   939  C  CA  . GLU A 1 132 ? -8.905  10.277  -6.828  1.00 16.29 ? 132 GLU A CA  1 
ATOM   940  C  C   . GLU A 1 132 ? -9.830  9.164   -6.313  1.00 14.52 ? 132 GLU A C   1 
ATOM   941  O  O   . GLU A 1 132 ? -11.010 9.117   -6.670  1.00 14.47 ? 132 GLU A O   1 
ATOM   942  C  CB  . GLU A 1 132 ? -9.676  11.208  -7.757  1.00 17.38 ? 132 GLU A CB  1 
ATOM   943  C  CG  . GLU A 1 132 ? -9.090  12.606  -7.836  1.00 21.54 ? 132 GLU A CG  1 
ATOM   944  C  CD  . GLU A 1 132 ? -9.866  13.552  -8.736  1.00 20.88 ? 132 GLU A CD  1 
ATOM   945  O  OE1 . GLU A 1 132 ? -9.320  14.625  -9.055  1.00 23.44 ? 132 GLU A OE1 1 
ATOM   946  O  OE2 . GLU A 1 132 ? -11.026 13.246  -9.069  1.00 18.07 ? 132 GLU A OE2 1 
ATOM   947  N  N   . PRO A 1 133 ? -9.327  8.237   -5.501  1.00 14.58 ? 133 PRO A N   1 
ATOM   948  C  CA  . PRO A 1 133 ? -10.197 7.161   -5.020  1.00 13.48 ? 133 PRO A CA  1 
ATOM   949  C  C   . PRO A 1 133 ? -11.252 7.686   -4.055  1.00 15.08 ? 133 PRO A C   1 
ATOM   950  O  O   . PRO A 1 133 ? -11.047 8.684   -3.362  1.00 15.91 ? 133 PRO A O   1 
ATOM   951  C  CB  . PRO A 1 133 ? -9.224  6.204   -4.318  1.00 13.15 ? 133 PRO A CB  1 
ATOM   952  C  CG  . PRO A 1 133 ? -8.165  7.105   -3.785  1.00 14.22 ? 133 PRO A CG  1 
ATOM   953  C  CD  . PRO A 1 133 ? -8.006  8.206   -4.853  1.00 14.71 ? 133 PRO A CD  1 
ATOM   954  N  N   . ASP A 1 134 ? -12.407 7.006   -4.049  1.00 14.95 ? 134 ASP A N   1 
ATOM   955  C  CA  . ASP A 1 134 ? -13.428 7.233   -3.027  1.00 16.97 ? 134 ASP A CA  1 
ATOM   956  C  C   . ASP A 1 134 ? -12.945 6.779   -1.649  1.00 16.56 ? 134 ASP A C   1 
ATOM   957  O  O   . ASP A 1 134 ? -13.276 7.399   -0.629  1.00 12.63 ? 134 ASP A O   1 
ATOM   958  C  CB  . ASP A 1 134 ? -14.714 6.463   -3.360  1.00 16.37 ? 134 ASP A CB  1 
ATOM   959  C  CG  . ASP A 1 134 ? -15.421 6.952   -4.629  1.00 19.31 ? 134 ASP A CG  1 
ATOM   960  O  OD1 . ASP A 1 134 ? -15.079 8.012   -5.188  1.00 18.75 ? 134 ASP A OD1 1 
ATOM   961  O  OD2 . ASP A 1 134 ? -16.349 6.243   -5.063  1.00 22.53 ? 134 ASP A OD2 1 
ATOM   962  N  N   . VAL A 1 135 ? -12.213 5.668   -1.598  1.00 13.51 ? 135 VAL A N   1 
ATOM   963  C  CA  . VAL A 1 135 ? -11.770 5.062   -0.346  1.00 13.78 ? 135 VAL A CA  1 
ATOM   964  C  C   . VAL A 1 135 ? -10.335 4.562   -0.514  1.00 14.26 ? 135 VAL A C   1 
ATOM   965  O  O   . VAL A 1 135 ? -9.951  4.058   -1.584  1.00 10.79 ? 135 VAL A O   1 
ATOM   966  C  CB  . VAL A 1 135 ? -12.720 3.917   0.091   1.00 16.05 ? 135 VAL A CB  1 
ATOM   967  C  CG1 . VAL A 1 135 ? -12.726 2.812   -0.937  1.00 13.75 ? 135 VAL A CG1 1 
ATOM   968  C  CG2 . VAL A 1 135 ? -12.352 3.361   1.487   1.00 14.89 ? 135 VAL A CG2 1 
ATOM   969  N  N   . VAL A 1 136 ? -9.542  4.725   0.548   1.00 12.65 ? 136 VAL A N   1 
ATOM   970  C  CA  . VAL A 1 136 ? -8.168  4.229   0.634   1.00 12.03 ? 136 VAL A CA  1 
ATOM   971  C  C   . VAL A 1 136 ? -8.131  3.156   1.726   1.00 14.23 ? 136 VAL A C   1 
ATOM   972  O  O   . VAL A 1 136 ? -8.458  3.440   2.888   1.00 13.18 ? 136 VAL A O   1 
ATOM   973  C  CB  . VAL A 1 136 ? -7.183  5.357   0.976   1.00 13.09 ? 136 VAL A CB  1 
ATOM   974  C  CG1 . VAL A 1 136 ? -5.781  4.818   1.097   1.00 10.60 ? 136 VAL A CG1 1 
ATOM   975  C  CG2 . VAL A 1 136 ? -7.262  6.521   -0.039  1.00 11.69 ? 136 VAL A CG2 1 
ATOM   976  N  N   . VAL A 1 137 ? -7.742  1.933   1.361   1.00 11.71 ? 137 VAL A N   1 
ATOM   977  C  CA  . VAL A 1 137 ? -7.541  0.853   2.328   1.00 12.56 ? 137 VAL A CA  1 
ATOM   978  C  C   . VAL A 1 137 ? -6.064  0.837   2.703   1.00 13.53 ? 137 VAL A C   1 
ATOM   979  O  O   . VAL A 1 137 ? -5.192  0.720   1.831   1.00 13.10 ? 137 VAL A O   1 
ATOM   980  C  CB  . VAL A 1 137 ? -7.974  -0.517  1.761   1.00 13.47 ? 137 VAL A CB  1 
ATOM   981  C  CG1 . VAL A 1 137 ? -7.792  -1.595  2.788   1.00 12.70 ? 137 VAL A CG1 1 
ATOM   982  C  CG2 . VAL A 1 137 ? -9.437  -0.507  1.270   1.00 12.63 ? 137 VAL A CG2 1 
ATOM   983  N  N   . LEU A 1 138 ? -5.778  0.954   3.993   1.00 11.50 ? 138 LEU A N   1 
ATOM   984  C  CA  . LEU A 1 138 ? -4.404  0.950   4.491   1.00 12.76 ? 138 LEU A CA  1 
ATOM   985  C  C   . LEU A 1 138 ? -4.128  -0.443  5.059   1.00 12.14 ? 138 LEU A C   1 
ATOM   986  O  O   . LEU A 1 138 ? -4.728  -0.841  6.058   1.00 10.57 ? 138 LEU A O   1 
ATOM   987  C  CB  . LEU A 1 138 ? -4.209  2.061   5.530   1.00 12.04 ? 138 LEU A CB  1 
ATOM   988  C  CG  . LEU A 1 138 ? -4.575  3.459   5.001   1.00 14.00 ? 138 LEU A CG  1 
ATOM   989  C  CD1 . LEU A 1 138 ? -4.903  4.456   6.126   1.00 12.06 ? 138 LEU A CD1 1 
ATOM   990  C  CD2 . LEU A 1 138 ? -3.465  3.994   4.083   1.00 11.11 ? 138 LEU A CD2 1 
ATOM   991  N  N   . LEU A 1 139 ? -3.243  -1.188  4.398   1.00 11.94 ? 139 LEU A N   1 
ATOM   992  C  CA  . LEU A 1 139 ? -2.956  -2.590  4.732   1.00 12.48 ? 139 LEU A CA  1 
ATOM   993  C  C   . LEU A 1 139 ? -1.769  -2.646  5.684   1.00 12.95 ? 139 LEU A C   1 
ATOM   994  O  O   . LEU A 1 139 ? -0.620  -2.746  5.253   1.00 13.03 ? 139 LEU A O   1 
ATOM   995  C  CB  . LEU A 1 139 ? -2.660  -3.395  3.466   1.00 11.65 ? 139 LEU A CB  1 
ATOM   996  C  CG  . LEU A 1 139 ? -3.785  -3.498  2.436   1.00 12.06 ? 139 LEU A CG  1 
ATOM   997  C  CD1 . LEU A 1 139 ? -3.263  -3.944  1.057   1.00 11.75 ? 139 LEU A CD1 1 
ATOM   998  C  CD2 . LEU A 1 139 ? -4.882  -4.428  2.948   1.00 9.37  ? 139 LEU A CD2 1 
ATOM   999  N  N   . GLY A 1 140 ? -2.043  -2.595  6.984   1.00 12.34 ? 140 GLY A N   1 
ATOM   1000 C  CA  . GLY A 1 140 ? -1.011  -2.774  7.990   1.00 11.89 ? 140 GLY A CA  1 
ATOM   1001 C  C   . GLY A 1 140 ? -0.463  -1.455  8.521   1.00 12.68 ? 140 GLY A C   1 
ATOM   1002 O  O   . GLY A 1 140 ? -0.752  -0.367  8.015   1.00 11.95 ? 140 GLY A O   1 
ATOM   1003 N  N   . ALA A 1 141 ? 0.369   -1.577  9.562   1.00 11.33 ? 141 ALA A N   1 
ATOM   1004 C  CA  . ALA A 1 141 ? 0.750   -0.413  10.368  1.00 15.21 ? 141 ALA A CA  1 
ATOM   1005 C  C   . ALA A 1 141 ? 1.536   0.611   9.555   1.00 13.23 ? 141 ALA A C   1 
ATOM   1006 O  O   . ALA A 1 141 ? 1.284   1.813   9.660   1.00 13.21 ? 141 ALA A O   1 
ATOM   1007 C  CB  . ALA A 1 141 ? 1.567   -0.851  11.586  1.00 12.20 ? 141 ALA A CB  1 
ATOM   1008 N  N   . THR A 1 142 ? 2.505   0.156   8.753   1.00 14.24 ? 142 THR A N   1 
ATOM   1009 C  CA  . THR A 1 142 ? 3.389   1.087   8.039   1.00 14.13 ? 142 THR A CA  1 
ATOM   1010 C  C   . THR A 1 142 ? 2.600   1.956   7.071   1.00 14.55 ? 142 THR A C   1 
ATOM   1011 O  O   . THR A 1 142 ? 2.791   3.183   7.011   1.00 13.51 ? 142 THR A O   1 
ATOM   1012 C  CB  . THR A 1 142 ? 4.478   0.304   7.288   1.00 15.26 ? 142 THR A CB  1 
ATOM   1013 O  OG1 . THR A 1 142 ? 5.353   -0.319  8.230   1.00 19.29 ? 142 THR A OG1 1 
ATOM   1014 C  CG2 . THR A 1 142 ? 5.304   1.223   6.342   1.00 15.07 ? 142 THR A CG2 1 
ATOM   1015 N  N   . ALA A 1 143 ? 1.716   1.322   6.290   1.00 13.50 ? 143 ALA A N   1 
ATOM   1016 C  CA  . ALA A 1 143 ? 0.831   2.048   5.386   1.00 13.48 ? 143 ALA A CA  1 
ATOM   1017 C  C   . ALA A 1 143 ? -0.059  3.022   6.139   1.00 13.26 ? 143 ALA A C   1 
ATOM   1018 O  O   . ALA A 1 143 ? -0.177  4.184   5.752   1.00 10.51 ? 143 ALA A O   1 
ATOM   1019 C  CB  . ALA A 1 143 ? -0.047  1.065   4.610   1.00 12.14 ? 143 ALA A CB  1 
ATOM   1020 N  N   . ALA A 1 144 ? -0.725  2.537   7.193   1.00 12.90 ? 144 ALA A N   1 
ATOM   1021 C  CA  . ALA A 1 144 ? -1.640  3.373   7.962   1.00 14.30 ? 144 ALA A CA  1 
ATOM   1022 C  C   . ALA A 1 144 ? -0.924  4.591   8.521   1.00 14.26 ? 144 ALA A C   1 
ATOM   1023 O  O   . ALA A 1 144 ? -1.391  5.723   8.361   1.00 14.56 ? 144 ALA A O   1 
ATOM   1024 C  CB  . ALA A 1 144 ? -2.273  2.549   9.093   1.00 14.44 ? 144 ALA A CB  1 
ATOM   1025 N  N   . LYS A 1 145 ? 0.246   4.381   9.139   1.00 12.59 ? 145 LYS A N   1 
ATOM   1026 C  CA  . LYS A 1 145 ? 0.950   5.498   9.764   1.00 16.07 ? 145 LYS A CA  1 
ATOM   1027 C  C   . LYS A 1 145 ? 1.420   6.523   8.731   1.00 15.87 ? 145 LYS A C   1 
ATOM   1028 O  O   . LYS A 1 145 ? 1.486   7.716   9.042   1.00 16.24 ? 145 LYS A O   1 
ATOM   1029 C  CB  . LYS A 1 145 ? 2.129   4.987   10.603  1.00 14.72 ? 145 LYS A CB  1 
ATOM   1030 C  CG  . LYS A 1 145 ? 1.738   4.072   11.782  1.00 18.40 ? 145 LYS A CG  1 
ATOM   1031 C  CD  . LYS A 1 145 ? 2.978   3.347   12.352  1.00 17.87 ? 145 LYS A CD  1 
ATOM   1032 C  CE  . LYS A 1 145 ? 2.627   2.422   13.520  1.00 20.94 ? 145 LYS A CE  1 
ATOM   1033 N  NZ  . LYS A 1 145 ? 1.957   3.147   14.659  1.00 21.69 ? 145 LYS A NZ  1 
ATOM   1034 N  N   . ALA A 1 146 ? 1.751   6.086   7.503   1.00 13.33 ? 146 ALA A N   1 
ATOM   1035 C  CA  . ALA A 1 146 ? 2.090   7.029   6.437   1.00 12.76 ? 146 ALA A CA  1 
ATOM   1036 C  C   . ALA A 1 146 ? 1.044   8.130   6.306   1.00 15.85 ? 146 ALA A C   1 
ATOM   1037 O  O   . ALA A 1 146 ? 1.387   9.310   6.144   1.00 17.00 ? 146 ALA A O   1 
ATOM   1038 C  CB  . ALA A 1 146 ? 2.240   6.297   5.102   1.00 11.47 ? 146 ALA A CB  1 
ATOM   1039 N  N   . LEU A 1 147 ? -0.237  7.770   6.399   1.00 15.44 ? 147 LEU A N   1 
ATOM   1040 C  CA  . LEU A 1 147 ? -1.333  8.707   6.180   1.00 16.03 ? 147 LEU A CA  1 
ATOM   1041 C  C   . LEU A 1 147 ? -1.988  9.208   7.466   1.00 17.46 ? 147 LEU A C   1 
ATOM   1042 O  O   . LEU A 1 147 ? -2.513  10.328  7.478   1.00 18.84 ? 147 LEU A O   1 
ATOM   1043 C  CB  . LEU A 1 147 ? -2.408  8.053   5.303   1.00 16.08 ? 147 LEU A CB  1 
ATOM   1044 C  CG  . LEU A 1 147 ? -2.129  7.970   3.798   1.00 14.71 ? 147 LEU A CG  1 
ATOM   1045 C  CD1 . LEU A 1 147 ? -3.440  7.745   3.056   1.00 15.25 ? 147 LEU A CD1 1 
ATOM   1046 C  CD2 . LEU A 1 147 ? -1.434  9.217   3.309   1.00 14.83 ? 147 LEU A CD2 1 
ATOM   1047 N  N   . LEU A 1 148 ? -1.972  8.417   8.541   1.00 15.72 ? 148 LEU A N   1 
ATOM   1048 C  CA  . LEU A 1 148 ? -2.711  8.719   9.760   1.00 17.82 ? 148 LEU A CA  1 
ATOM   1049 C  C   . LEU A 1 148 ? -1.825  9.155   10.912  1.00 20.15 ? 148 LEU A C   1 
ATOM   1050 O  O   . LEU A 1 148 ? -2.342  9.366   12.012  1.00 21.63 ? 148 LEU A O   1 
ATOM   1051 C  CB  . LEU A 1 148 ? -3.535  7.498   10.207  1.00 15.39 ? 148 LEU A CB  1 
ATOM   1052 C  CG  . LEU A 1 148 ? -4.635  7.141   9.212   1.00 16.78 ? 148 LEU A CG  1 
ATOM   1053 C  CD1 . LEU A 1 148 ? -5.382  5.864   9.578   1.00 14.10 ? 148 LEU A CD1 1 
ATOM   1054 C  CD2 . LEU A 1 148 ? -5.579  8.308   9.083   1.00 15.71 ? 148 LEU A CD2 1 
ATOM   1055 N  N   . GLY A 1 149 ? -0.521  9.282   10.707  1.00 19.65 ? 149 GLY A N   1 
ATOM   1056 C  CA  . GLY A 1 149 ? 0.345   9.707   11.792  1.00 20.80 ? 149 GLY A CA  1 
ATOM   1057 C  C   . GLY A 1 149 ? 1.019   8.534   12.481  1.00 22.28 ? 149 GLY A C   1 
ATOM   1058 O  O   . GLY A 1 149 ? 0.460   7.434   12.593  1.00 19.55 ? 149 GLY A O   1 
ATOM   1059 N  N   . ASN A 1 150 ? 2.240   8.780   12.977  1.00 22.21 ? 150 ASN A N   1 
ATOM   1060 C  CA  . ASN A 1 150 ? 3.143   7.719   13.426  1.00 23.01 ? 150 ASN A CA  1 
ATOM   1061 C  C   . ASN A 1 150 ? 2.711   7.069   14.740  1.00 23.29 ? 150 ASN A C   1 
ATOM   1062 O  O   . ASN A 1 150 ? 3.248   6.016   15.098  1.00 24.42 ? 150 ASN A O   1 
ATOM   1063 C  CB  . ASN A 1 150 ? 4.569   8.284   13.551  1.00 24.27 ? 150 ASN A CB  1 
ATOM   1064 C  CG  . ASN A 1 150 ? 5.621   7.200   13.665  1.00 28.11 ? 150 ASN A CG  1 
ATOM   1065 O  OD1 . ASN A 1 150 ? 5.560   6.171   12.980  1.00 30.50 ? 150 ASN A OD1 1 
ATOM   1066 N  ND2 . ASN A 1 150 ? 6.594   7.415   14.555  1.00 28.88 ? 150 ASN A ND2 1 
ATOM   1067 N  N   . ASP A 1 151 ? 1.736   7.633   15.437  1.00 24.37 ? 151 ASP A N   1 
ATOM   1068 C  CA  . ASP A 1 151 ? 1.220   7.072   16.710  1.00 23.71 ? 151 ASP A CA  1 
ATOM   1069 C  C   . ASP A 1 151 ? 0.005   6.173   16.438  1.00 24.15 ? 151 ASP A C   1 
ATOM   1070 O  O   . ASP A 1 151 ? -0.376  5.438   17.337  1.00 24.13 ? 151 ASP A O   1 
ATOM   1071 C  CB  . ASP A 1 151 ? 0.843   8.207   17.662  1.00 26.18 ? 151 ASP A CB  1 
ATOM   1072 C  CG  . ASP A 1 151 ? 0.537   7.779   19.084  1.00 31.41 ? 151 ASP A CG  1 
ATOM   1073 O  OD1 . ASP A 1 151 ? 1.175   6.827   19.549  1.00 33.26 ? 151 ASP A OD1 1 
ATOM   1074 O  OD2 . ASP A 1 151 ? -0.338  8.406   19.711  1.00 30.96 ? 151 ASP A OD2 1 
ATOM   1075 N  N   . PHE A 1 152 ? -0.562  6.221   15.236  1.00 21.22 ? 152 PHE A N   1 
ATOM   1076 C  CA  . PHE A 1 152 ? -1.791  5.484   14.941  1.00 19.41 ? 152 PHE A CA  1 
ATOM   1077 C  C   . PHE A 1 152 ? -1.603  3.975   15.124  1.00 19.99 ? 152 PHE A C   1 
ATOM   1078 O  O   . PHE A 1 152 ? -0.571  3.408   14.742  1.00 15.82 ? 152 PHE A O   1 
ATOM   1079 C  CB  . PHE A 1 152 ? -2.242  5.799   13.505  1.00 17.50 ? 152 PHE A CB  1 
ATOM   1080 C  CG  . PHE A 1 152 ? -3.440  5.016   13.054  1.00 18.32 ? 152 PHE A CG  1 
ATOM   1081 C  CD1 . PHE A 1 152 ? -4.721  5.430   13.390  1.00 17.27 ? 152 PHE A CD1 1 
ATOM   1082 C  CD2 . PHE A 1 152 ? -3.290  3.853   12.294  1.00 17.21 ? 152 PHE A CD2 1 
ATOM   1083 C  CE1 . PHE A 1 152 ? -5.842  4.705   12.973  1.00 17.71 ? 152 PHE A CE1 1 
ATOM   1084 C  CE2 . PHE A 1 152 ? -4.401  3.123   11.883  1.00 16.56 ? 152 PHE A CE2 1 
ATOM   1085 C  CZ  . PHE A 1 152 ? -5.682  3.555   12.227  1.00 18.21 ? 152 PHE A CZ  1 
ATOM   1086 N  N   . ARG A 1 153 ? -2.626  3.322   15.697  1.00 17.37 ? 153 ARG A N   1 
ATOM   1087 C  CA  . ARG A 1 153 ? -2.652  1.870   15.905  1.00 18.99 ? 153 ARG A CA  1 
ATOM   1088 C  C   . ARG A 1 153 ? -3.758  1.256   15.054  1.00 18.11 ? 153 ARG A C   1 
ATOM   1089 O  O   . ARG A 1 153 ? -4.945  1.486   15.316  1.00 16.44 ? 153 ARG A O   1 
ATOM   1090 C  CB  . ARG A 1 153 ? -2.900  1.484   17.369  1.00 20.90 ? 153 ARG A CB  1 
ATOM   1091 C  CG  . ARG A 1 153 ? -2.111  2.233   18.390  1.00 22.34 ? 153 ARG A CG  1 
ATOM   1092 C  CD  . ARG A 1 153 ? -0.635  1.998   18.188  1.00 23.12 ? 153 ARG A CD  1 
ATOM   1093 N  NE  . ARG A 1 153 ? 0.120   3.115   18.733  1.00 24.87 ? 153 ARG A NE  1 
ATOM   1094 C  CZ  . ARG A 1 153 ? 0.611   3.145   19.962  1.00 26.56 ? 153 ARG A CZ  1 
ATOM   1095 N  NH1 . ARG A 1 153 ? 0.488   2.107   20.781  1.00 22.29 ? 153 ARG A NH1 1 
ATOM   1096 N  NH2 . ARG A 1 153 ? 1.243   4.239   20.378  1.00 27.18 ? 153 ARG A NH2 1 
ATOM   1097 N  N   . VAL A 1 154 ? -3.365  0.428   14.087  1.00 16.23 ? 154 VAL A N   1 
ATOM   1098 C  CA  . VAL A 1 154 ? -4.333  -0.302  13.273  1.00 19.36 ? 154 VAL A CA  1 
ATOM   1099 C  C   . VAL A 1 154 ? -5.231  -1.177  14.147  1.00 19.56 ? 154 VAL A C   1 
ATOM   1100 O  O   . VAL A 1 154 ? -6.426  -1.334  13.868  1.00 20.91 ? 154 VAL A O   1 
ATOM   1101 C  CB  . VAL A 1 154 ? -3.594  -1.135  12.204  1.00 17.05 ? 154 VAL A CB  1 
ATOM   1102 C  CG1 . VAL A 1 154 ? -4.527  -2.181  11.576  1.00 18.52 ? 154 VAL A CG1 1 
ATOM   1103 C  CG2 . VAL A 1 154 ? -3.015  -0.229  11.149  1.00 13.10 ? 154 VAL A CG2 1 
ATOM   1104 N  N   . THR A 1 155 ? -4.686  -1.748  15.214  1.00 20.24 ? 155 THR A N   1 
ATOM   1105 C  CA  . THR A 1 155 ? -5.408  -2.732  16.076  1.00 22.49 ? 155 THR A CA  1 
ATOM   1106 C  C   . THR A 1 155 ? -6.611  -2.106  16.801  1.00 22.09 ? 155 THR A C   1 
ATOM   1107 O  O   . THR A 1 155 ? -7.571  -2.823  17.057  1.00 23.79 ? 155 THR A O   1 
ATOM   1108 C  CB  . THR A 1 155 ? -4.402  -3.392  17.028  1.00 21.34 ? 155 THR A CB  1 
ATOM   1109 O  OG1 . THR A 1 155 ? -3.944  -2.395  17.939  1.00 25.03 ? 155 THR A OG1 1 
ATOM   1110 C  CG2 . THR A 1 155 ? -3.232  -4.019  16.303  1.00 20.84 ? 155 THR A CG2 1 
ATOM   1111 N  N   . GLN A 1 156 ? -6.539  -0.824  17.106  1.00 19.61 ? 156 GLN A N   1 
ATOM   1112 C  CA  . GLN A 1 156 ? -7.611  -0.118  17.843  1.00 21.53 ? 156 GLN A CA  1 
ATOM   1113 C  C   . GLN A 1 156 ? -8.633  0.502   16.875  1.00 21.86 ? 156 GLN A C   1 
ATOM   1114 O  O   . GLN A 1 156 ? -9.701  0.881   17.343  1.00 20.69 ? 156 GLN A O   1 
ATOM   1115 C  CB  . GLN A 1 156 ? -6.968  0.955   18.718  1.00 20.84 ? 156 GLN A CB  1 
ATOM   1116 C  CG  . GLN A 1 156 ? -6.162  0.393   19.880  1.00 26.57 ? 156 GLN A CG  1 
ATOM   1117 C  CD  . GLN A 1 156 ? -5.152  1.363   20.442  1.00 30.69 ? 156 GLN A CD  1 
ATOM   1118 O  OE1 . GLN A 1 156 ? -4.349  1.021   21.305  1.00 37.34 ? 156 GLN A OE1 1 
ATOM   1119 N  NE2 . GLN A 1 156 ? -5.185  2.589   19.953  1.00 33.09 ? 156 GLN A NE2 1 
ATOM   1120 N  N   . HIS A 1 157 ? -8.313  0.600   15.586  1.00 20.07 ? 157 HIS A N   1 
ATOM   1121 C  CA  . HIS A 1 157 ? -9.222  1.340   14.671  1.00 21.19 ? 157 HIS A CA  1 
ATOM   1122 C  C   . HIS A 1 157 ? -9.525  0.615   13.358  1.00 20.27 ? 157 HIS A C   1 
ATOM   1123 O  O   . HIS A 1 157 ? -10.164 1.236   12.531  1.00 21.26 ? 157 HIS A O   1 
ATOM   1124 C  CB  . HIS A 1 157 ? -8.639  2.733   14.401  1.00 18.64 ? 157 HIS A CB  1 
ATOM   1125 C  CG  . HIS A 1 157 ? -8.481  3.577   15.617  1.00 21.15 ? 157 HIS A CG  1 
ATOM   1126 N  ND1 . HIS A 1 157 ? -9.556  4.027   16.345  1.00 19.25 ? 157 HIS A ND1 1 
ATOM   1127 C  CD2 . HIS A 1 157 ? -7.380  4.032   16.246  1.00 21.07 ? 157 HIS A CD2 1 
ATOM   1128 C  CE1 . HIS A 1 157 ? -9.129  4.734   17.363  1.00 21.02 ? 157 HIS A CE1 1 
ATOM   1129 N  NE2 . HIS A 1 157 ? -7.801  4.752   17.328  1.00 23.51 ? 157 HIS A NE2 1 
ATOM   1130 N  N   . ARG A 1 158 ? -9.160  -0.660  13.211  1.00 21.15 ? 158 ARG A N   1 
ATOM   1131 C  CA  . ARG A 1 158 ? -9.311  -1.308  11.918  1.00 20.41 ? 158 ARG A CA  1 
ATOM   1132 C  C   . ARG A 1 158 ? -10.787 -1.469  11.583  1.00 21.41 ? 158 ARG A C   1 
ATOM   1133 O  O   . ARG A 1 158 ? -11.626 -1.658  12.464  1.00 23.09 ? 158 ARG A O   1 
ATOM   1134 C  CB  . ARG A 1 158 ? -8.588  -2.655  11.892  1.00 22.47 ? 158 ARG A CB  1 
ATOM   1135 C  CG  . ARG A 1 158 ? -8.793  -3.496  13.127  1.00 25.42 ? 158 ARG A CG  1 
ATOM   1136 C  CD  . ARG A 1 158 ? -8.160  -4.850  12.936  1.00 26.99 ? 158 ARG A CD  1 
ATOM   1137 N  NE  . ARG A 1 158 ? -8.650  -5.492  11.722  1.00 26.61 ? 158 ARG A NE  1 
ATOM   1138 C  CZ  . ARG A 1 158 ? -8.415  -6.757  11.416  1.00 25.51 ? 158 ARG A CZ  1 
ATOM   1139 N  NH1 . ARG A 1 158 ? -7.696  -7.535  12.214  1.00 27.97 ? 158 ARG A NH1 1 
ATOM   1140 N  NH2 . ARG A 1 158 ? -8.930  -7.262  10.298  1.00 24.10 ? 158 ARG A NH2 1 
ATOM   1141 N  N   . GLY A 1 159 ? -11.111 -1.309  10.304  1.00 20.70 ? 159 GLY A N   1 
ATOM   1142 C  CA  . GLY A 1 159 ? -12.499 -1.374  9.894   1.00 22.84 ? 159 GLY A CA  1 
ATOM   1143 C  C   . GLY A 1 159 ? -13.373 -0.188  10.245  1.00 20.10 ? 159 GLY A C   1 
ATOM   1144 O  O   . GLY A 1 159 ? -14.598 -0.306  10.135  1.00 21.39 ? 159 GLY A O   1 
ATOM   1145 N  N   . GLU A 1 160 ? -12.797 0.949   10.659  1.00 19.11 ? 160 GLU A N   1 
ATOM   1146 C  CA  . GLU A 1 160 ? -13.541 2.192   10.860  1.00 18.47 ? 160 GLU A CA  1 
ATOM   1147 C  C   . GLU A 1 160 ? -13.379 3.071   9.623   1.00 18.38 ? 160 GLU A C   1 
ATOM   1148 O  O   . GLU A 1 160 ? -12.266 3.218   9.105   1.00 19.49 ? 160 GLU A O   1 
ATOM   1149 C  CB  . GLU A 1 160 ? -13.034 2.964   12.090  1.00 16.28 ? 160 GLU A CB  1 
ATOM   1150 C  CG  . GLU A 1 160 ? -13.553 2.469   13.435  1.00 18.73 ? 160 GLU A CG  1 
ATOM   1151 C  CD  . GLU A 1 160 ? -12.581 2.715   14.603  1.00 17.66 ? 160 GLU A CD  1 
ATOM   1152 O  OE1 . GLU A 1 160 ? -11.928 3.783   14.702  1.00 17.13 ? 160 GLU A OE1 1 
ATOM   1153 O  OE2 . GLU A 1 160 ? -12.464 1.812   15.439  1.00 19.26 ? 160 GLU A OE2 1 
ATOM   1154 N  N   . VAL A 1 161 ? -14.476 3.675   9.173   1.00 17.34 ? 161 VAL A N   1 
ATOM   1155 C  CA  . VAL A 1 161 ? -14.412 4.676   8.105   1.00 17.79 ? 161 VAL A CA  1 
ATOM   1156 C  C   . VAL A 1 161 ? -13.850 5.964   8.695   1.00 15.90 ? 161 VAL A C   1 
ATOM   1157 O  O   . VAL A 1 161 ? -14.500 6.612   9.518   1.00 17.16 ? 161 VAL A O   1 
ATOM   1158 C  CB  . VAL A 1 161 ? -15.789 4.916   7.471   1.00 15.57 ? 161 VAL A CB  1 
ATOM   1159 C  CG1 . VAL A 1 161 ? -15.706 6.030   6.423   1.00 16.04 ? 161 VAL A CG1 1 
ATOM   1160 C  CG2 . VAL A 1 161 ? -16.305 3.647   6.867   1.00 14.89 ? 161 VAL A CG2 1 
ATOM   1161 N  N   . LEU A 1 162 ? -12.649 6.345   8.269   1.00 15.14 ? 162 LEU A N   1 
ATOM   1162 C  CA  . LEU A 1 162 ? -11.974 7.534   8.770   1.00 14.35 ? 162 LEU A CA  1 
ATOM   1163 C  C   . LEU A 1 162 ? -11.900 8.606   7.681   1.00 14.39 ? 162 LEU A C   1 
ATOM   1164 O  O   . LEU A 1 162 ? -12.005 8.320   6.490   1.00 15.97 ? 162 LEU A O   1 
ATOM   1165 C  CB  . LEU A 1 162 ? -10.564 7.173   9.277   1.00 14.80 ? 162 LEU A CB  1 
ATOM   1166 C  CG  . LEU A 1 162 ? -10.485 5.919   10.175  1.00 15.71 ? 162 LEU A CG  1 
ATOM   1167 C  CD1 . LEU A 1 162 ? -9.031  5.574   10.571  1.00 15.16 ? 162 LEU A CD1 1 
ATOM   1168 C  CD2 . LEU A 1 162 ? -11.338 6.048   11.438  1.00 13.66 ? 162 LEU A CD2 1 
ATOM   1169 N  N   . HIS A 1 163 ? -11.771 9.859   8.110   1.00 17.55 ? 163 HIS A N   1 
ATOM   1170 C  CA  . HIS A 1 163 ? -11.541 10.999  7.220   1.00 17.96 ? 163 HIS A CA  1 
ATOM   1171 C  C   . HIS A 1 163 ? -10.646 11.946  7.992   1.00 18.23 ? 163 HIS A C   1 
ATOM   1172 O  O   . HIS A 1 163 ? -11.027 12.376  9.080   1.00 18.03 ? 163 HIS A O   1 
ATOM   1173 C  CB  . HIS A 1 163 ? -12.834 11.745  6.854   1.00 17.98 ? 163 HIS A CB  1 
ATOM   1174 C  CG  . HIS A 1 163 ? -13.657 11.118  5.773   1.00 19.82 ? 163 HIS A CG  1 
ATOM   1175 N  ND1 . HIS A 1 163 ? -14.669 10.219  6.035   1.00 20.02 ? 163 HIS A ND1 1 
ATOM   1176 C  CD2 . HIS A 1 163 ? -13.687 11.335  4.437   1.00 18.25 ? 163 HIS A CD2 1 
ATOM   1177 C  CE1 . HIS A 1 163 ? -15.259 9.878   4.905   1.00 16.61 ? 163 HIS A CE1 1 
ATOM   1178 N  NE2 . HIS A 1 163 ? -14.680 10.538  3.920   1.00 19.60 ? 163 HIS A NE2 1 
ATOM   1179 N  N   . VAL A 1 164 ? -9.476  12.276  7.457   1.00 19.13 ? 164 VAL A N   1 
ATOM   1180 C  CA  . VAL A 1 164 ? -8.610  13.262  8.090   1.00 20.56 ? 164 VAL A CA  1 
ATOM   1181 C  C   . VAL A 1 164 ? -8.394  14.395  7.100   1.00 23.55 ? 164 VAL A C   1 
ATOM   1182 O  O   . VAL A 1 164 ? -8.298  14.163  5.891   1.00 21.18 ? 164 VAL A O   1 
ATOM   1183 C  CB  . VAL A 1 164 ? -7.272  12.659  8.573   1.00 21.75 ? 164 VAL A CB  1 
ATOM   1184 C  CG1 . VAL A 1 164 ? -7.495  11.298  9.230   1.00 18.84 ? 164 VAL A CG1 1 
ATOM   1185 C  CG2 . VAL A 1 164 ? -6.301  12.539  7.444   1.00 23.85 ? 164 VAL A CG2 1 
ATOM   1186 N  N   . ASP A 1 165 ? -8.353  15.630  7.608   1.00 25.05 ? 165 ASP A N   1 
ATOM   1187 C  CA  . ASP A 1 165 ? -8.613  16.747  6.714   1.00 27.17 ? 165 ASP A CA  1 
ATOM   1188 C  C   . ASP A 1 165 ? -7.390  17.193  5.927   1.00 29.83 ? 165 ASP A C   1 
ATOM   1189 O  O   . ASP A 1 165 ? -7.545  17.966  4.975   1.00 33.09 ? 165 ASP A O   1 
ATOM   1190 C  CB  . ASP A 1 165 ? -9.242  17.933  7.475   1.00 25.26 ? 165 ASP A CB  1 
ATOM   1191 C  CG  . ASP A 1 165 ? -8.413  18.412  8.661   1.00 25.43 ? 165 ASP A CG  1 
ATOM   1192 O  OD1 . ASP A 1 165 ? -7.189  18.152  8.729   1.00 25.27 ? 165 ASP A OD1 1 
ATOM   1193 O  OD2 . ASP A 1 165 ? -9.015  19.086  9.533   1.00 28.85 ? 165 ASP A OD2 1 
ATOM   1194 N  N   . ASP A 1 166 ? -6.224  16.636  6.262   1.00 29.83 ? 166 ASP A N   1 
ATOM   1195 C  CA  . ASP A 1 166 ? -4.952  17.042  5.610   1.00 30.59 ? 166 ASP A CA  1 
ATOM   1196 C  C   . ASP A 1 166 ? -4.574  16.078  4.470   1.00 31.50 ? 166 ASP A C   1 
ATOM   1197 O  O   . ASP A 1 166 ? -3.523  16.283  3.858   1.00 33.69 ? 166 ASP A O   1 
ATOM   1198 C  CB  . ASP A 1 166 ? -3.862  17.299  6.656   1.00 33.74 ? 166 ASP A CB  1 
ATOM   1199 C  CG  . ASP A 1 166 ? -3.340  16.067  7.373   1.00 40.05 ? 166 ASP A CG  1 
ATOM   1200 O  OD1 . ASP A 1 166 ? -4.057  15.056  7.412   1.00 41.51 ? 166 ASP A OD1 1 
ATOM   1201 O  OD2 . ASP A 1 166 ? -2.215  16.139  7.901   1.00 45.17 ? 166 ASP A OD2 1 
ATOM   1202 N  N   . VAL A 1 167 ? -5.407  15.075  4.193   1.00 28.72 ? 167 VAL A N   1 
ATOM   1203 C  CA  . VAL A 1 167 ? -5.141  14.117  3.121   1.00 26.24 ? 167 VAL A CA  1 
ATOM   1204 C  C   . VAL A 1 167 ? -5.808  14.611  1.835   1.00 26.54 ? 167 VAL A C   1 
ATOM   1205 O  O   . VAL A 1 167 ? -6.999  14.950  1.853   1.00 24.12 ? 167 VAL A O   1 
ATOM   1206 C  CB  . VAL A 1 167 ? -5.622  12.710  3.517   1.00 25.03 ? 167 VAL A CB  1 
ATOM   1207 C  CG1 . VAL A 1 167 ? -5.777  11.812  2.297   1.00 22.52 ? 167 VAL A CG1 1 
ATOM   1208 C  CG2 . VAL A 1 167 ? -4.645  12.078  4.499   1.00 25.52 ? 167 VAL A CG2 1 
ATOM   1209 N  N   . PRO A 1 168 ? -5.094  14.671  0.705   1.00 23.92 ? 168 PRO A N   1 
ATOM   1210 C  CA  . PRO A 1 168 ? -5.671  15.281  -0.505  1.00 25.82 ? 168 PRO A CA  1 
ATOM   1211 C  C   . PRO A 1 168 ? -6.917  14.553  -0.986  1.00 24.05 ? 168 PRO A C   1 
ATOM   1212 O  O   . PRO A 1 168 ? -6.978  13.324  -0.992  1.00 24.92 ? 168 PRO A O   1 
ATOM   1213 C  CB  . PRO A 1 168 ? -4.542  15.189  -1.544  1.00 25.71 ? 168 PRO A CB  1 
ATOM   1214 C  CG  . PRO A 1 168 ? -3.432  14.448  -0.915  1.00 24.62 ? 168 PRO A CG  1 
ATOM   1215 C  CD  . PRO A 1 168 ? -3.717  14.190  0.523   1.00 23.00 ? 168 PRO A CD  1 
ATOM   1216 N  N   . GLY A 1 169 ? -7.919  15.337  -1.389  1.00 24.40 ? 169 GLY A N   1 
ATOM   1217 C  CA  . GLY A 1 169 ? -9.187  14.812  -1.843  1.00 23.92 ? 169 GLY A CA  1 
ATOM   1218 C  C   . GLY A 1 169 ? -10.119 14.344  -0.747  1.00 23.10 ? 169 GLY A C   1 
ATOM   1219 O  O   . GLY A 1 169 ? -11.278 14.034  -1.038  1.00 23.62 ? 169 GLY A O   1 
ATOM   1220 N  N   . ASP A 1 170 ? -9.656  14.290  0.498   1.00 22.88 ? 170 ASP A N   1 
ATOM   1221 C  CA  . ASP A 1 170 ? -10.458 13.838  1.628   1.00 21.39 ? 170 ASP A CA  1 
ATOM   1222 C  C   . ASP A 1 170 ? -11.197 12.529  1.325   1.00 22.94 ? 170 ASP A C   1 
ATOM   1223 O  O   . ASP A 1 170 ? -12.420 12.454  1.464   1.00 21.58 ? 170 ASP A O   1 
ATOM   1224 C  CB  . ASP A 1 170 ? -11.439 14.926  2.047   1.00 23.21 ? 170 ASP A CB  1 
ATOM   1225 C  CG  . ASP A 1 170 ? -12.195 14.584  3.326   1.00 24.88 ? 170 ASP A CG  1 
ATOM   1226 O  OD1 . ASP A 1 170 ? -11.586 14.019  4.263   1.00 25.78 ? 170 ASP A OD1 1 
ATOM   1227 O  OD2 . ASP A 1 170 ? -13.415 14.873  3.377   1.00 28.61 ? 170 ASP A OD2 1 
ATOM   1228 N  N   . PRO A 1 171 ? -10.489 11.485  0.889   1.00 19.93 ? 171 PRO A N   1 
ATOM   1229 C  CA  . PRO A 1 171 ? -11.150 10.198  0.704   1.00 16.90 ? 171 PRO A CA  1 
ATOM   1230 C  C   . PRO A 1 171 ? -11.461 9.576   2.057   1.00 18.23 ? 171 PRO A C   1 
ATOM   1231 O  O   . PRO A 1 171 ? -10.840 9.886   3.079   1.00 18.60 ? 171 PRO A O   1 
ATOM   1232 C  CB  . PRO A 1 171 ? -10.106 9.369   -0.046  1.00 16.11 ? 171 PRO A CB  1 
ATOM   1233 C  CG  . PRO A 1 171 ? -8.822  9.854   0.534   1.00 19.36 ? 171 PRO A CG  1 
ATOM   1234 C  CD  . PRO A 1 171 ? -9.027  11.358  0.715   1.00 20.51 ? 171 PRO A CD  1 
ATOM   1235 N  N   . ALA A 1 172 ? -12.440 8.682   2.042   1.00 15.16 ? 172 ALA A N   1 
ATOM   1236 C  CA  . ALA A 1 172 ? -12.632 7.775   3.165   1.00 17.34 ? 172 ALA A CA  1 
ATOM   1237 C  C   . ALA A 1 172 ? -11.392 6.895   3.339   1.00 17.43 ? 172 ALA A C   1 
ATOM   1238 O  O   . ALA A 1 172 ? -10.773 6.465   2.359   1.00 17.70 ? 172 ALA A O   1 
ATOM   1239 C  CB  . ALA A 1 172 ? -13.875 6.908   2.925   1.00 14.88 ? 172 ALA A CB  1 
ATOM   1240 N  N   . LEU A 1 173 ? -11.042 6.606   4.590   1.00 16.02 ? 173 LEU A N   1 
ATOM   1241 C  CA  . LEU A 1 173 ? -9.871  5.799   4.911   1.00 17.18 ? 173 LEU A CA  1 
ATOM   1242 C  C   . LEU A 1 173 ? -10.291 4.649   5.816   1.00 16.18 ? 173 LEU A C   1 
ATOM   1243 O  O   . LEU A 1 173 ? -11.005 4.866   6.803   1.00 16.42 ? 173 LEU A O   1 
ATOM   1244 C  CB  . LEU A 1 173 ? -8.789  6.644   5.600   1.00 16.25 ? 173 LEU A CB  1 
ATOM   1245 C  CG  . LEU A 1 173 ? -8.281  7.847   4.798   1.00 17.53 ? 173 LEU A CG  1 
ATOM   1246 C  CD1 . LEU A 1 173 ? -7.894  8.985   5.729   1.00 17.01 ? 173 LEU A CD1 1 
ATOM   1247 C  CD2 . LEU A 1 173 ? -7.094  7.453   3.956   1.00 19.73 ? 173 LEU A CD2 1 
ATOM   1248 N  N   . VAL A 1 174 ? -9.865  3.432   5.473   1.00 15.11 ? 174 VAL A N   1 
ATOM   1249 C  CA  . VAL A 1 174 ? -10.137 2.232   6.267   1.00 12.81 ? 174 VAL A CA  1 
ATOM   1250 C  C   . VAL A 1 174 ? -8.802  1.518   6.470   1.00 15.57 ? 174 VAL A C   1 
ATOM   1251 O  O   . VAL A 1 174 ? -8.174  1.074   5.496   1.00 12.06 ? 174 VAL A O   1 
ATOM   1252 C  CB  . VAL A 1 174 ? -11.168 1.301   5.603   1.00 14.43 ? 174 VAL A CB  1 
ATOM   1253 C  CG1 . VAL A 1 174 ? -11.476 0.085   6.493   1.00 12.79 ? 174 VAL A CG1 1 
ATOM   1254 C  CG2 . VAL A 1 174 ? -12.464 2.070   5.263   1.00 15.80 ? 174 VAL A CG2 1 
ATOM   1255 N  N   . ALA A 1 175 ? -8.350  1.451   7.720   1.00 13.84 ? 175 ALA A N   1 
ATOM   1256 C  CA  . ALA A 1 175 ? -7.144  0.723   8.094   1.00 14.27 ? 175 ALA A CA  1 
ATOM   1257 C  C   . ALA A 1 175 ? -7.485  -0.731  8.377   1.00 15.94 ? 175 ALA A C   1 
ATOM   1258 O  O   . ALA A 1 175 ? -8.528  -1.048  8.961   1.00 15.52 ? 175 ALA A O   1 
ATOM   1259 C  CB  . ALA A 1 175 ? -6.497  1.349   9.335   1.00 13.81 ? 175 ALA A CB  1 
ATOM   1260 N  N   . THR A 1 176 ? -6.608  -1.626  7.953   1.00 13.91 ? 176 THR A N   1 
ATOM   1261 C  CA  . THR A 1 176 ? -6.810  -3.028  8.277   1.00 15.58 ? 176 THR A CA  1 
ATOM   1262 C  C   . THR A 1 176 ? -5.451  -3.678  8.458   1.00 14.57 ? 176 THR A C   1 
ATOM   1263 O  O   . THR A 1 176 ? -4.408  -3.020  8.412   1.00 14.11 ? 176 THR A O   1 
ATOM   1264 C  CB  . THR A 1 176 ? -7.640  -3.741  7.196   1.00 15.78 ? 176 THR A CB  1 
ATOM   1265 O  OG1 . THR A 1 176 ? -8.000  -5.049  7.659   1.00 16.94 ? 176 THR A OG1 1 
ATOM   1266 C  CG2 . THR A 1 176 ? -6.828  -3.866  5.900   1.00 13.00 ? 176 THR A CG2 1 
ATOM   1267 N  N   . VAL A 1 177 ? -5.476  -4.990  8.660   1.00 15.15 ? 177 VAL A N   1 
ATOM   1268 C  CA  . VAL A 1 177 ? -4.251  -5.764  8.799   1.00 15.96 ? 177 VAL A CA  1 
ATOM   1269 C  C   . VAL A 1 177 ? -3.572  -5.923  7.432   1.00 15.74 ? 177 VAL A C   1 
ATOM   1270 O  O   . VAL A 1 177 ? -4.212  -5.837  6.376   1.00 13.61 ? 177 VAL A O   1 
ATOM   1271 C  CB  . VAL A 1 177 ? -4.632  -7.117  9.429   1.00 22.00 ? 177 VAL A CB  1 
ATOM   1272 C  CG1 . VAL A 1 177 ? -5.354  -8.003  8.401   1.00 18.67 ? 177 VAL A CG1 1 
ATOM   1273 C  CG2 . VAL A 1 177 ? -3.445  -7.801  10.069  1.00 24.16 ? 177 VAL A CG2 1 
ATOM   1274 N  N   . HIS A 1 178 ? -2.220  -6.135  7.446   1.00 15.06 ? 178 HIS A N   1 
ATOM   1275 C  CA  . HIS A 1 178 ? -1.540  -6.493  6.197   1.00 18.11 ? 178 HIS A CA  1 
ATOM   1276 C  C   . HIS A 1 178 ? -1.699  -7.992  5.926   1.00 15.48 ? 178 HIS A C   1 
ATOM   1277 O  O   . HIS A 1 178 ? -1.590  -8.797  6.847   1.00 15.51 ? 178 HIS A O   1 
ATOM   1278 C  CB  . HIS A 1 178 ? -0.047  -6.145  6.246   1.00 15.11 ? 178 HIS A CB  1 
ATOM   1279 C  CG  . HIS A 1 178 ? 0.614   -6.210  4.904   1.00 18.01 ? 178 HIS A CG  1 
ATOM   1280 N  ND1 . HIS A 1 178 ? 0.984   -7.399  4.309   1.00 16.13 ? 178 HIS A ND1 1 
ATOM   1281 C  CD2 . HIS A 1 178 ? 0.927   -5.230  4.015   1.00 15.23 ? 178 HIS A CD2 1 
ATOM   1282 C  CE1 . HIS A 1 178 ? 1.509   -7.146  3.122   1.00 16.11 ? 178 HIS A CE1 1 
ATOM   1283 N  NE2 . HIS A 1 178 ? 1.479   -5.840  2.919   1.00 13.96 ? 178 HIS A NE2 1 
ATOM   1284 N  N   . PRO A 1 179 ? -1.970  -8.387  4.677   1.00 17.43 ? 179 PRO A N   1 
ATOM   1285 C  CA  . PRO A 1 179 ? -2.223  -9.812  4.399   1.00 17.83 ? 179 PRO A CA  1 
ATOM   1286 C  C   . PRO A 1 179 ? -1.102  -10.751 4.822   1.00 20.48 ? 179 PRO A C   1 
ATOM   1287 O  O   . PRO A 1 179 ? -1.385  -11.911 5.131   1.00 23.68 ? 179 PRO A O   1 
ATOM   1288 C  CB  . PRO A 1 179 ? -2.430  -9.847  2.875   1.00 18.54 ? 179 PRO A CB  1 
ATOM   1289 C  CG  . PRO A 1 179 ? -1.952  -8.520  2.370   1.00 15.64 ? 179 PRO A CG  1 
ATOM   1290 C  CD  . PRO A 1 179 ? -2.186  -7.554  3.483   1.00 14.56 ? 179 PRO A CD  1 
ATOM   1291 N  N   . SER A 1 180 ? 0.142   -10.285 4.826   1.00 19.34 ? 180 SER A N   1 
ATOM   1292 C  CA  . SER A 1 180 ? 1.301   -11.122 5.243   1.00 21.51 ? 180 SER A CA  1 
ATOM   1293 C  C   . SER A 1 180 ? 1.127   -11.653 6.684   1.00 25.43 ? 180 SER A C   1 
ATOM   1294 O  O   . SER A 1 180 ? 1.671   -12.718 7.003   1.00 21.12 ? 180 SER A O   1 
ATOM   1295 C  CB  . SER A 1 180 ? 2.603   -10.382 5.064   1.00 20.59 ? 180 SER A CB  1 
ATOM   1296 O  OG  . SER A 1 180 ? 2.694   -9.283  5.945   1.00 21.99 ? 180 SER A OG  1 
ATOM   1297 N  N   . SER A 1 181 ? 0.372   -10.943 7.514   1.00 25.27 ? 181 SER A N   1 
ATOM   1298 C  CA  . SER A 1 181 ? 0.151   -11.332 8.935   1.00 27.39 ? 181 SER A CA  1 
ATOM   1299 C  C   . SER A 1 181 ? -0.755  -12.562 9.024   1.00 26.90 ? 181 SER A C   1 
ATOM   1300 O  O   . SER A 1 181 ? -0.743  -13.223 10.048  1.00 32.49 ? 181 SER A O   1 
ATOM   1301 C  CB  . SER A 1 181 ? -0.403  -10.139 9.713   1.00 28.42 ? 181 SER A CB  1 
ATOM   1302 O  OG  . SER A 1 181 ? 0.381   -8.984  9.493   1.00 32.89 ? 181 SER A OG  1 
ATOM   1303 N  N   . LEU A 1 182 ? -1.493  -12.853 7.966   1.00 28.60 ? 182 LEU A N   1 
ATOM   1304 C  CA  . LEU A 1 182 ? -2.485  -13.948 7.974   1.00 32.52 ? 182 LEU A CA  1 
ATOM   1305 C  C   . LEU A 1 182 ? -1.864  -15.220 7.388   1.00 34.84 ? 182 LEU A C   1 
ATOM   1306 O  O   . LEU A 1 182 ? -2.627  -16.150 7.117   1.00 30.97 ? 182 LEU A O   1 
ATOM   1307 C  CB  . LEU A 1 182 ? -3.688  -13.504 7.136   1.00 27.24 ? 182 LEU A CB  1 
ATOM   1308 C  CG  . LEU A 1 182 ? -4.783  -12.730 7.868   1.00 29.84 ? 182 LEU A CG  1 
ATOM   1309 N  N   . LEU A 1 183 ? -0.544  -15.227 7.171   1.00 35.06 ? 183 LEU A N   1 
ATOM   1310 C  CA  . LEU A 1 183 ? 0.142   -16.391 6.564   1.00 37.81 ? 183 LEU A CA  1 
ATOM   1311 C  C   . LEU A 1 183 ? 0.775   -17.235 7.674   1.00 45.27 ? 183 LEU A C   1 
ATOM   1312 O  O   . LEU A 1 183 ? 0.740   -18.468 7.533   1.00 48.66 ? 183 LEU A O   1 
ATOM   1313 C  CB  . LEU A 1 183 ? 1.202   -15.872 5.594   1.00 33.49 ? 183 LEU A CB  1 
ATOM   1314 C  CG  . LEU A 1 183 ? 0.691   -15.236 4.304   1.00 30.72 ? 183 LEU A CG  1 
ATOM   1315 C  CD1 . LEU A 1 183 ? 1.842   -14.643 3.519   1.00 23.92 ? 183 LEU A CD1 1 
ATOM   1316 C  CD2 . LEU A 1 183 ? -0.056  -16.251 3.456   1.00 28.95 ? 183 LEU A CD2 1 
ATOM   1317 N  N   . ARG A 1 184 ? 1.288   -16.605 8.736   1.00 49.05 ? 184 ARG A N   1 
ATOM   1318 C  CA  . ARG A 1 184 ? 1.987   -17.274 9.830   1.00 55.54 ? 184 ARG A CA  1 
ATOM   1319 C  C   . ARG A 1 184 ? 1.166   -17.124 11.107  1.00 52.67 ? 184 ARG A C   1 
ATOM   1320 O  O   . ARG A 1 184 ? 1.094   -16.030 11.680  1.00 50.54 ? 184 ARG A O   1 
ATOM   1321 C  CB  . ARG A 1 184 ? 3.391   -16.693 10.007  1.00 57.14 ? 184 ARG A CB  1 
ATOM   1322 C  CG  . ARG A 1 184 ? 4.351   -17.024 8.863   1.00 60.46 ? 184 ARG A CG  1 
ATOM   1323 C  CD  . ARG A 1 184 ? 5.653   -17.636 9.370   1.00 64.19 ? 184 ARG A CD  1 
ATOM   1324 N  NE  . ARG A 1 184 ? 6.521   -18.068 8.277   1.00 70.69 ? 184 ARG A NE  1 
ATOM   1325 C  CZ  . ARG A 1 184 ? 7.620   -18.798 8.431   1.00 70.90 ? 184 ARG A CZ  1 
ATOM   1326 N  NH1 . ARG A 1 184 ? 8.027   -19.194 9.627   1.00 64.06 ? 184 ARG A NH1 1 
ATOM   1327 N  NH2 . ARG A 1 184 ? 8.326   -19.142 7.357   1.00 70.96 ? 184 ARG A NH2 1 
ATOM   1328 N  N   . GLY A 1 185 ? 0.562   -18.227 11.554  1.00 53.73 ? 185 GLY A N   1 
ATOM   1329 C  CA  . GLY A 1 185 ? -0.209  -18.258 12.775  1.00 51.79 ? 185 GLY A CA  1 
ATOM   1330 C  C   . GLY A 1 185 ? -1.052  -19.516 12.880  1.00 51.78 ? 185 GLY A C   1 
ATOM   1331 O  O   . GLY A 1 185 ? -1.085  -20.344 11.965  1.00 49.74 ? 185 GLY A O   1 
ATOM   1332 N  N   . PRO A 1 186 ? -1.753  -19.684 14.000  1.00 52.89 ? 186 PRO A N   1 
ATOM   1333 C  CA  . PRO A 1 186 ? -2.620  -20.861 14.151  1.00 51.08 ? 186 PRO A CA  1 
ATOM   1334 C  C   . PRO A 1 186 ? -3.858  -20.762 13.271  1.00 50.58 ? 186 PRO A C   1 
ATOM   1335 O  O   . PRO A 1 186 ? -4.341  -19.670 12.952  1.00 48.77 ? 186 PRO A O   1 
ATOM   1336 C  CB  . PRO A 1 186 ? -2.994  -20.858 15.641  1.00 51.03 ? 186 PRO A CB  1 
ATOM   1337 C  CG  . PRO A 1 186 ? -2.595  -19.525 16.179  1.00 54.04 ? 186 PRO A CG  1 
ATOM   1338 C  CD  . PRO A 1 186 ? -1.785  -18.781 15.165  1.00 53.81 ? 186 PRO A CD  1 
ATOM   1339 N  N   . LYS A 1 187 ? -4.380  -21.935 12.894  1.00 49.98 ? 187 LYS A N   1 
ATOM   1340 C  CA  . LYS A 1 187 ? -5.452  -22.011 11.902  1.00 48.39 ? 187 LYS A CA  1 
ATOM   1341 C  C   . LYS A 1 187 ? -6.688  -21.234 12.346  1.00 46.94 ? 187 LYS A C   1 
ATOM   1342 O  O   . LYS A 1 187 ? -7.188  -20.373 11.608  1.00 45.13 ? 187 LYS A O   1 
ATOM   1343 C  CB  . LYS A 1 187 ? -5.807  -23.472 11.626  1.00 50.87 ? 187 LYS A CB  1 
ATOM   1344 N  N   . GLU A 1 188 ? -7.152  -21.482 13.564  1.00 45.98 ? 188 GLU A N   1 
ATOM   1345 C  CA  . GLU A 1 188 ? -8.371  -20.795 14.042  1.00 46.18 ? 188 GLU A CA  1 
ATOM   1346 C  C   . GLU A 1 188 ? -8.092  -19.287 14.030  1.00 45.46 ? 188 GLU A C   1 
ATOM   1347 O  O   . GLU A 1 188 ? -8.978  -18.545 13.614  1.00 39.70 ? 188 GLU A O   1 
ATOM   1348 C  CB  . GLU A 1 188 ? -8.841  -21.378 15.382  1.00 47.16 ? 188 GLU A CB  1 
ATOM   1349 N  N   . GLU A 1 189 ? -6.884  -18.881 14.453  1.00 48.73 ? 189 GLU A N   1 
ATOM   1350 C  CA  . GLU A 1 189 ? -6.533  -17.436 14.420  1.00 49.34 ? 189 GLU A CA  1 
ATOM   1351 C  C   . GLU A 1 189 ? -6.424  -16.938 12.974  1.00 42.18 ? 189 GLU A C   1 
ATOM   1352 O  O   . GLU A 1 189 ? -6.890  -15.835 12.725  1.00 38.51 ? 189 GLU A O   1 
ATOM   1353 C  CB  . GLU A 1 189 ? -5.244  -17.106 15.167  1.00 52.82 ? 189 GLU A CB  1 
ATOM   1354 N  N   . ARG A 1 190 ? -5.801  -17.720 12.084  1.00 41.21 ? 190 ARG A N   1 
ATOM   1355 C  CA  . ARG A 1 190 ? -5.741  -17.262 10.702  1.00 39.92 ? 190 ARG A CA  1 
ATOM   1356 C  C   . ARG A 1 190 ? -7.135  -17.169 10.102  1.00 35.84 ? 190 ARG A C   1 
ATOM   1357 O  O   . ARG A 1 190 ? -7.425  -16.241 9.340   1.00 30.87 ? 190 ARG A O   1 
ATOM   1358 C  CB  . ARG A 1 190 ? -4.858  -18.192 9.873   1.00 39.99 ? 190 ARG A CB  1 
ATOM   1359 C  CG  . ARG A 1 190 ? -3.372  -17.921 10.043  1.00 43.16 ? 190 ARG A CG  1 
ATOM   1360 C  CD  . ARG A 1 190 ? -2.552  -18.727 9.062   1.00 43.27 ? 190 ARG A CD  1 
ATOM   1361 N  NE  . ARG A 1 190 ? -2.557  -20.148 9.392   1.00 48.71 ? 190 ARG A NE  1 
ATOM   1362 C  CZ  . ARG A 1 190 ? -3.314  -21.060 8.793   1.00 51.04 ? 190 ARG A CZ  1 
ATOM   1363 N  NH1 . ARG A 1 190 ? -4.163  -20.733 7.831   1.00 45.19 ? 190 ARG A NH1 1 
ATOM   1364 N  NH2 . ARG A 1 190 ? -3.214  -22.333 9.168   1.00 53.16 ? 190 ARG A NH2 1 
ATOM   1365 N  N   . GLU A 1 191 ? -8.017  -18.113 10.445  1.00 35.92 ? 191 GLU A N   1 
ATOM   1366 C  CA  . GLU A 1 191 ? -9.367  -18.076 9.899   1.00 32.33 ? 191 GLU A CA  1 
ATOM   1367 C  C   . GLU A 1 191 ? -10.143 -16.906 10.472  1.00 29.27 ? 191 GLU A C   1 
ATOM   1368 O  O   . GLU A 1 191 ? -10.883 -16.227 9.750   1.00 30.54 ? 191 GLU A O   1 
ATOM   1369 C  CB  . GLU A 1 191 ? -10.089 -19.398 10.173  1.00 33.57 ? 191 GLU A CB  1 
ATOM   1370 C  CG  . GLU A 1 191 ? -9.647  -20.543 9.263   1.00 33.22 ? 191 GLU A CG  1 
ATOM   1371 C  CD  . GLU A 1 191 ? -10.017 -21.919 9.811   1.00 35.80 ? 191 GLU A CD  1 
ATOM   1372 O  OE1 . GLU A 1 191 ? -10.626 -22.006 10.906  1.00 33.43 ? 191 GLU A OE1 1 
ATOM   1373 O  OE2 . GLU A 1 191 ? -9.681  -22.921 9.138   1.00 39.75 ? 191 GLU A OE2 1 
ATOM   1374 N  N   . SER A 1 192 ? -9.982  -16.647 11.768  1.00 31.79 ? 192 SER A N   1 
ATOM   1375 C  CA  . SER A 1 192 ? -10.651 -15.501 12.370  1.00 28.68 ? 192 SER A CA  1 
ATOM   1376 C  C   . SER A 1 192 ? -10.159 -14.203 11.752  1.00 25.65 ? 192 SER A C   1 
ATOM   1377 O  O   . SER A 1 192 ? -10.963 -13.327 11.414  1.00 26.95 ? 192 SER A O   1 
ATOM   1378 C  CB  . SER A 1 192 ? -10.427 -15.501 13.878  1.00 31.15 ? 192 SER A CB  1 
ATOM   1379 O  OG  . SER A 1 192 ? -11.452 -14.782 14.532  1.00 35.89 ? 192 SER A OG  1 
ATOM   1380 N  N   . ALA A 1 193 ? -8.844  -14.076 11.567  1.00 24.60 ? 193 ALA A N   1 
ATOM   1381 C  CA  . ALA A 1 193 ? -8.274  -12.857 10.993  1.00 25.50 ? 193 ALA A CA  1 
ATOM   1382 C  C   . ALA A 1 193 ? -8.694  -12.672 9.540   1.00 22.02 ? 193 ALA A C   1 
ATOM   1383 O  O   . ALA A 1 193 ? -8.983  -11.547 9.106   1.00 19.43 ? 193 ALA A O   1 
ATOM   1384 C  CB  . ALA A 1 193 ? -6.752  -12.896 11.101  1.00 23.85 ? 193 ALA A CB  1 
ATOM   1385 N  N   . PHE A 1 194 ? -8.725  -13.762 8.773   1.00 21.11 ? 194 PHE A N   1 
ATOM   1386 C  CA  . PHE A 1 194 ? -9.220  -13.675 7.405   1.00 20.66 ? 194 PHE A CA  1 
ATOM   1387 C  C   . PHE A 1 194 ? -10.623 -13.082 7.361   1.00 18.23 ? 194 PHE A C   1 
ATOM   1388 O  O   . PHE A 1 194 ? -10.925 -12.241 6.504   1.00 16.32 ? 194 PHE A O   1 
ATOM   1389 C  CB  . PHE A 1 194 ? -9.209  -15.050 6.739   1.00 18.83 ? 194 PHE A CB  1 
ATOM   1390 C  CG  . PHE A 1 194 ? -9.550  -14.993 5.283   1.00 19.48 ? 194 PHE A CG  1 
ATOM   1391 C  CD1 . PHE A 1 194 ? -8.599  -14.577 4.358   1.00 17.19 ? 194 PHE A CD1 1 
ATOM   1392 C  CD2 . PHE A 1 194 ? -10.820 -15.297 4.843   1.00 18.29 ? 194 PHE A CD2 1 
ATOM   1393 C  CE1 . PHE A 1 194 ? -8.909  -14.486 3.018   1.00 18.72 ? 194 PHE A CE1 1 
ATOM   1394 C  CE2 . PHE A 1 194 ? -11.144 -15.209 3.497   1.00 19.14 ? 194 PHE A CE2 1 
ATOM   1395 C  CZ  . PHE A 1 194 ? -10.181 -14.805 2.579   1.00 17.95 ? 194 PHE A CZ  1 
ATOM   1396 N  N   . ALA A 1 195 ? -11.497 -13.499 8.277   1.00 17.86 ? 195 ALA A N   1 
ATOM   1397 C  CA  . ALA A 1 195 ? -12.867 -12.995 8.238   1.00 18.08 ? 195 ALA A CA  1 
ATOM   1398 C  C   . ALA A 1 195 ? -12.905 -11.507 8.571   1.00 18.04 ? 195 ALA A C   1 
ATOM   1399 O  O   . ALA A 1 195 ? -13.699 -10.751 7.991   1.00 15.62 ? 195 ALA A O   1 
ATOM   1400 C  CB  . ALA A 1 195 ? -13.757 -13.799 9.193   1.00 16.70 ? 195 ALA A CB  1 
ATOM   1401 N  N   . GLY A 1 196 ? -12.038 -11.070 9.488   1.00 16.98 ? 196 GLY A N   1 
ATOM   1402 C  CA  . GLY A 1 196 ? -11.943 -9.649  9.794   1.00 19.26 ? 196 GLY A CA  1 
ATOM   1403 C  C   . GLY A 1 196 ? -11.421 -8.818  8.635   1.00 17.08 ? 196 GLY A C   1 
ATOM   1404 O  O   . GLY A 1 196 ? -11.899 -7.707  8.394   1.00 18.77 ? 196 GLY A O   1 
ATOM   1405 N  N   . LEU A 1 197 ? -10.431 -9.339  7.904   1.00 16.47 ? 197 LEU A N   1 
ATOM   1406 C  CA  . LEU A 1 197 ? -9.979  -8.662  6.690   1.00 16.42 ? 197 LEU A CA  1 
ATOM   1407 C  C   . LEU A 1 197 ? -11.106 -8.540  5.671   1.00 15.78 ? 197 LEU A C   1 
ATOM   1408 O  O   . LEU A 1 197 ? -11.305 -7.469  5.081   1.00 15.95 ? 197 LEU A O   1 
ATOM   1409 C  CB  . LEU A 1 197 ? -8.790  -9.409  6.079   1.00 17.24 ? 197 LEU A CB  1 
ATOM   1410 C  CG  . LEU A 1 197 ? -8.206  -8.883  4.760   1.00 16.00 ? 197 LEU A CG  1 
ATOM   1411 C  CD1 . LEU A 1 197 ? -7.786  -7.414  4.899   1.00 14.51 ? 197 LEU A CD1 1 
ATOM   1412 C  CD2 . LEU A 1 197 ? -7.024  -9.751  4.296   1.00 16.83 ? 197 LEU A CD2 1 
ATOM   1413 N  N   . VAL A 1 198 ? -11.859 -9.622  5.445   1.00 15.39 ? 198 VAL A N   1 
ATOM   1414 C  CA  . VAL A 1 198 ? -13.002 -9.528  4.537   1.00 15.46 ? 198 VAL A CA  1 
ATOM   1415 C  C   . VAL A 1 198 ? -13.958 -8.435  5.008   1.00 17.56 ? 198 VAL A C   1 
ATOM   1416 O  O   . VAL A 1 198 ? -14.378 -7.578  4.222   1.00 18.93 ? 198 VAL A O   1 
ATOM   1417 C  CB  . VAL A 1 198 ? -13.711 -10.885 4.399   1.00 16.24 ? 198 VAL A CB  1 
ATOM   1418 C  CG1 . VAL A 1 198 ? -14.994 -10.731 3.594   1.00 18.55 ? 198 VAL A CG1 1 
ATOM   1419 C  CG2 . VAL A 1 198 ? -12.780 -11.884 3.722   1.00 18.93 ? 198 VAL A CG2 1 
ATOM   1420 N  N   . ASP A 1 199 ? -14.282 -8.432  6.307   1.00 17.88 ? 199 ASP A N   1 
ATOM   1421 C  CA  . ASP A 1 199 ? -15.130 -7.385  6.876   1.00 18.97 ? 199 ASP A CA  1 
ATOM   1422 C  C   . ASP A 1 199 ? -14.607 -5.993  6.537   1.00 17.85 ? 199 ASP A C   1 
ATOM   1423 O  O   . ASP A 1 199 ? -15.348 -5.147  6.027   1.00 18.46 ? 199 ASP A O   1 
ATOM   1424 C  CB  . ASP A 1 199 ? -15.215 -7.533  8.393   1.00 18.92 ? 199 ASP A CB  1 
ATOM   1425 C  CG  . ASP A 1 199 ? -16.147 -8.642  8.834   1.00 19.29 ? 199 ASP A CG  1 
ATOM   1426 O  OD1 . ASP A 1 199 ? -16.935 -9.143  8.004   1.00 20.27 ? 199 ASP A OD1 1 
ATOM   1427 O  OD2 . ASP A 1 199 ? -16.082 -9.007  10.029  1.00 21.51 ? 199 ASP A OD2 1 
ATOM   1428 N  N   . ASP A 1 200 ? -13.327 -5.731  6.844   1.00 18.53 ? 200 ASP A N   1 
ATOM   1429 C  CA  . ASP A 1 200 ? -12.770 -4.397  6.617   1.00 17.49 ? 200 ASP A CA  1 
ATOM   1430 C  C   . ASP A 1 200 ? -12.827 -4.023  5.137   1.00 18.49 ? 200 ASP A C   1 
ATOM   1431 O  O   . ASP A 1 200 ? -13.155 -2.880  4.789   1.00 17.95 ? 200 ASP A O   1 
ATOM   1432 C  CB  . ASP A 1 200 ? -11.332 -4.322  7.149   1.00 16.63 ? 200 ASP A CB  1 
ATOM   1433 C  CG  . ASP A 1 200 ? -11.243 -4.539  8.666   1.00 17.79 ? 200 ASP A CG  1 
ATOM   1434 O  OD1 . ASP A 1 200 ? -12.247 -4.310  9.378   1.00 17.59 ? 200 ASP A OD1 1 
ATOM   1435 O  OD2 . ASP A 1 200 ? -10.173 -4.961  9.146   1.00 17.83 ? 200 ASP A OD2 1 
ATOM   1436 N  N   . LEU A 1 201 ? -12.533 -4.980  4.247   1.00 18.35 ? 201 LEU A N   1 
ATOM   1437 C  CA  . LEU A 1 201 ? -12.643 -4.710  2.815   1.00 17.17 ? 201 LEU A CA  1 
ATOM   1438 C  C   . LEU A 1 201 ? -14.080 -4.354  2.434   1.00 19.99 ? 201 LEU A C   1 
ATOM   1439 O  O   . LEU A 1 201 ? -14.307 -3.465  1.611   1.00 19.00 ? 201 LEU A O   1 
ATOM   1440 C  CB  . LEU A 1 201 ? -12.141 -5.916  2.007   1.00 18.28 ? 201 LEU A CB  1 
ATOM   1441 C  CG  . LEU A 1 201 ? -10.650 -6.297  2.152   1.00 18.92 ? 201 LEU A CG  1 
ATOM   1442 C  CD1 . LEU A 1 201 ? -10.234 -7.471  1.235   1.00 17.17 ? 201 LEU A CD1 1 
ATOM   1443 C  CD2 . LEU A 1 201 ? -9.739  -5.104  1.898   1.00 16.18 ? 201 LEU A CD2 1 
ATOM   1444 N  N   . ARG A 1 202 ? -15.070 -5.034  3.017   1.00 20.58 ? 202 ARG A N   1 
ATOM   1445 C  CA  . ARG A 1 202 ? -16.507 -4.750  2.743   1.00 21.30 ? 202 ARG A CA  1 
ATOM   1446 C  C   . ARG A 1 202 ? -16.884 -3.348  3.231   1.00 21.48 ? 202 ARG A C   1 
ATOM   1447 O  O   . ARG A 1 202 ? -17.586 -2.666  2.506   1.00 22.28 ? 202 ARG A O   1 
ATOM   1448 C  CB  . ARG A 1 202 ? -17.405 -5.827  3.352   1.00 21.70 ? 202 ARG A CB  1 
ATOM   1449 C  CG  . ARG A 1 202 ? -17.318 -7.158  2.629   1.00 24.98 ? 202 ARG A CG  1 
ATOM   1450 C  CD  . ARG A 1 202 ? -18.619 -7.908  2.762   1.00 32.03 ? 202 ARG A CD  1 
ATOM   1451 N  NE  . ARG A 1 202 ? -18.445 -9.101  3.567   1.00 34.09 ? 202 ARG A NE  1 
ATOM   1452 C  CZ  . ARG A 1 202 ? -18.708 -10.325 3.136   1.00 34.43 ? 202 ARG A CZ  1 
ATOM   1453 N  NH1 . ARG A 1 202 ? -19.154 -10.505 1.905   1.00 33.94 ? 202 ARG A NH1 1 
ATOM   1454 N  NH2 . ARG A 1 202 ? -18.526 -11.360 3.934   1.00 30.29 ? 202 ARG A NH2 1 
ATOM   1455 N  N   . VAL A 1 203 ? -16.404 -2.960  4.406   1.00 19.83 ? 203 VAL A N   1 
ATOM   1456 C  CA  . VAL A 1 203 ? -16.632 -1.590  4.863   1.00 21.11 ? 203 VAL A CA  1 
ATOM   1457 C  C   . VAL A 1 203 ? -16.173 -0.611  3.795   1.00 23.39 ? 203 VAL A C   1 
ATOM   1458 O  O   . VAL A 1 203 ? -16.940 0.240   3.325   1.00 23.58 ? 203 VAL A O   1 
ATOM   1459 C  CB  . VAL A 1 203 ? -15.906 -1.333  6.197   1.00 20.82 ? 203 VAL A CB  1 
ATOM   1460 C  CG1 . VAL A 1 203 ? -15.734 0.157   6.425   1.00 23.07 ? 203 VAL A CG1 1 
ATOM   1461 C  CG2 . VAL A 1 203 ? -16.645 -1.993  7.371   1.00 23.94 ? 203 VAL A CG2 1 
ATOM   1462 N  N   . ALA A 1 204 ? -14.916 -0.756  3.364   1.00 23.27 ? 204 ALA A N   1 
ATOM   1463 C  CA  . ALA A 1 204 ? -14.343 0.154   2.380   1.00 22.21 ? 204 ALA A CA  1 
ATOM   1464 C  C   . ALA A 1 204 ? -15.148 0.144   1.090   1.00 22.68 ? 204 ALA A C   1 
ATOM   1465 O  O   . ALA A 1 204 ? -15.470 1.204   0.543   1.00 27.19 ? 204 ALA A O   1 
ATOM   1466 C  CB  . ALA A 1 204 ? -12.887 -0.236  2.118   1.00 20.86 ? 204 ALA A CB  1 
ATOM   1467 N  N   . ALA A 1 205 ? -15.490 -1.050  0.599   1.00 22.65 ? 205 ALA A N   1 
ATOM   1468 C  CA  . ALA A 1 205 ? -16.251 -1.194  -0.633  1.00 23.50 ? 205 ALA A CA  1 
ATOM   1469 C  C   . ALA A 1 205 ? -17.652 -0.584  -0.561  1.00 28.89 ? 205 ALA A C   1 
ATOM   1470 O  O   . ALA A 1 205 ? -18.224 -0.271  -1.608  1.00 30.53 ? 205 ALA A O   1 
ATOM   1471 C  CB  . ALA A 1 205 ? -16.365 -2.670  -0.997  1.00 23.83 ? 205 ALA A CB  1 
ATOM   1472 N  N   . ASP A 1 206 ? -18.230 -0.442  0.635   1.00 29.37 ? 206 ASP A N   1 
ATOM   1473 C  CA  . ASP A 1 206 ? -19.580 0.102   0.782   1.00 31.53 ? 206 ASP A CA  1 
ATOM   1474 C  C   . ASP A 1 206 ? -19.605 1.616   0.925   1.00 33.47 ? 206 ASP A C   1 
ATOM   1475 O  O   . ASP A 1 206 ? -20.696 2.197   0.951   1.00 37.91 ? 206 ASP A O   1 
ATOM   1476 C  CB  . ASP A 1 206 ? -20.286 -0.517  1.997   1.00 34.04 ? 206 ASP A CB  1 
ATOM   1477 C  CG  . ASP A 1 206 ? -21.086 -1.771  1.644   1.00 42.76 ? 206 ASP A CG  1 
ATOM   1478 O  OD1 . ASP A 1 206 ? -21.990 -1.692  0.775   1.00 47.62 ? 206 ASP A OD1 1 
ATOM   1479 O  OD2 . ASP A 1 206 ? -20.816 -2.832  2.248   1.00 38.79 ? 206 ASP A OD2 1 
ATOM   1480 N  N   . VAL A 1 207 ? -18.440 2.258   1.056   1.00 31.53 ? 207 VAL A N   1 
ATOM   1481 C  CA  . VAL A 1 207 ? -18.373 3.711   1.085   1.00 32.12 ? 207 VAL A CA  1 
ATOM   1482 C  C   . VAL A 1 207 ? -19.040 4.261   -0.166  1.00 34.91 ? 207 VAL A C   1 
ATOM   1483 O  O   . VAL A 1 207 ? -18.715 3.853   -1.288  1.00 34.46 ? 207 VAL A O   1 
ATOM   1484 C  CB  . VAL A 1 207 ? -16.909 4.171   1.200   1.00 29.67 ? 207 VAL A CB  1 
ATOM   1485 C  CG1 . VAL A 1 207 ? -16.792 5.671   0.973   1.00 26.73 ? 207 VAL A CG1 1 
ATOM   1486 C  CG2 . VAL A 1 207 ? -16.334 3.777   2.549   1.00 24.21 ? 207 VAL A CG2 1 
ATOM   1487 N  N   . ARG A 1 208 ? -19.921 5.263   0.000   1.00 39.47 ? 208 ARG A N   1 
ATOM   1488 C  CA  . ARG A 1 208 ? -20.734 5.881   -1.108  1.00 44.30 ? 208 ARG A CA  1 
ATOM   1489 C  C   . ARG A 1 208 ? -21.758 4.866   -1.624  1.00 47.89 ? 208 ARG A C   1 
ATOM   1490 O  O   . ARG A 1 208 ? -22.926 4.970   -1.228  1.00 51.52 ? 208 ARG A O   1 
ATOM   1491 C  CB  . ARG A 1 208 ? -19.956 6.572   -2.241  1.00 45.62 ? 208 ARG A CB  1 
ATOM   1492 C  CG  . ARG A 1 208 ? -18.648 7.220   -1.816  1.00 50.14 ? 208 ARG A CG  1 
ATOM   1493 C  CD  . ARG A 1 208 ? -18.271 8.540   -2.451  1.00 46.74 ? 208 ARG A CD  1 
ATOM   1494 N  NE  . ARG A 1 208 ? -16.918 8.878   -2.035  1.00 46.42 ? 208 ARG A NE  1 
ATOM   1495 C  CZ  . ARG A 1 208 ? -16.600 9.440   -0.873  1.00 48.29 ? 208 ARG A CZ  1 
ATOM   1496 N  NH1 . ARG A 1 208 ? -17.553 9.772   -0.016  1.00 51.31 ? 208 ARG A NH1 1 
ATOM   1497 N  NH2 . ARG A 1 208 ? -15.335 9.687   -0.581  1.00 43.37 ? 208 ARG A NH2 1 
HETATM 1498 FE FE1 . SF4 B 2 .   ? 10.590  5.724   -2.474  1.00 11.99 ? 301 SF4 A FE1 1 
HETATM 1499 FE FE2 . SF4 B 2 .   ? 13.156  5.899   -1.519  1.00 11.86 ? 301 SF4 A FE2 1 
HETATM 1500 FE FE3 . SF4 B 2 .   ? 12.532  6.964   -3.972  1.00 12.58 ? 301 SF4 A FE3 1 
HETATM 1501 FE FE4 . SF4 B 2 .   ? 12.556  4.243   -3.628  1.00 12.91 ? 301 SF4 A FE4 1 
HETATM 1502 S  S1  . SF4 B 2 .   ? 14.350  5.669   -3.447  1.00 14.15 ? 301 SF4 A S1  1 
HETATM 1503 S  S2  . SF4 B 2 .   ? 10.961  5.451   -4.708  1.00 12.13 ? 301 SF4 A S2  1 
HETATM 1504 S  S3  . SF4 B 2 .   ? 11.761  4.048   -1.482  1.00 12.99 ? 301 SF4 A S3  1 
HETATM 1505 S  S4  . SF4 B 2 .   ? 11.776  7.621   -1.935  1.00 11.83 ? 301 SF4 A S4  1 
HETATM 1506 O  O   . HOH C 3 .   ? 6.925   4.242   13.174  1.00 30.19 ? 401 HOH A O   1 
HETATM 1507 O  O   . HOH C 3 .   ? -5.884  4.848   19.720  1.00 30.00 ? 402 HOH A O   1 
HETATM 1508 O  O   . HOH C 3 .   ? 11.112  20.303  -3.641  1.00 21.20 ? 403 HOH A O   1 
HETATM 1509 O  O   . HOH C 3 .   ? -11.068 7.410   -9.312  1.00 16.43 ? 404 HOH A O   1 
HETATM 1510 O  O   . HOH C 3 .   ? -12.237 -17.424 8.110   1.00 18.17 ? 405 HOH A O   1 
HETATM 1511 O  O   . HOH C 3 .   ? -5.523  17.888  10.537  1.00 27.32 ? 406 HOH A O   1 
HETATM 1512 O  O   . HOH C 3 .   ? -18.672 -8.218  6.472   1.00 30.00 ? 407 HOH A O   1 
HETATM 1513 O  O   . HOH C 3 .   ? -13.566 7.294   -7.086  1.00 23.78 ? 408 HOH A O   1 
HETATM 1514 O  O   . HOH C 3 .   ? 15.856  13.963  -1.254  1.00 14.59 ? 409 HOH A O   1 
HETATM 1515 O  O   . HOH C 3 .   ? 12.921  -8.796  10.732  1.00 19.48 ? 410 HOH A O   1 
HETATM 1516 O  O   . HOH C 3 .   ? 6.394   -2.584  7.391   1.00 14.57 ? 411 HOH A O   1 
HETATM 1517 O  O   . HOH C 3 .   ? -15.992 5.828   11.541  1.00 23.76 ? 412 HOH A O   1 
HETATM 1518 O  O   . HOH C 3 .   ? -0.844  13.015  -9.562  1.00 17.44 ? 413 HOH A O   1 
HETATM 1519 O  O   . HOH C 3 .   ? 2.585   -4.893  0.508   1.00 13.48 ? 414 HOH A O   1 
HETATM 1520 O  O   . HOH C 3 .   ? 2.835   -10.375 -1.722  1.00 20.50 ? 415 HOH A O   1 
HETATM 1521 O  O   . HOH C 3 .   ? -15.606 -11.437 10.964  1.00 19.47 ? 416 HOH A O   1 
HETATM 1522 O  O   . HOH C 3 .   ? 4.014   -0.052  -5.124  1.00 10.74 ? 417 HOH A O   1 
HETATM 1523 O  O   . HOH C 3 .   ? 18.334  9.013   -10.816 1.00 24.30 ? 418 HOH A O   1 
HETATM 1524 O  O   . HOH C 3 .   ? -14.744 -7.739  11.952  1.00 23.64 ? 419 HOH A O   1 
HETATM 1525 O  O   . HOH C 3 .   ? -9.901  2.182   10.050  1.00 16.52 ? 420 HOH A O   1 
HETATM 1526 O  O   . HOH C 3 .   ? -11.270 -18.398 1.982   1.00 23.55 ? 421 HOH A O   1 
HETATM 1527 O  O   . HOH C 3 .   ? 13.710  14.959  -4.473  1.00 17.47 ? 422 HOH A O   1 
HETATM 1528 O  O   . HOH C 3 .   ? 11.925  -3.128  -5.121  1.00 10.56 ? 423 HOH A O   1 
HETATM 1529 O  O   . HOH C 3 .   ? -10.073 11.171  -3.688  1.00 18.58 ? 424 HOH A O   1 
HETATM 1530 O  O   . HOH C 3 .   ? 9.637   -0.622  -12.242 1.00 22.11 ? 425 HOH A O   1 
HETATM 1531 O  O   . HOH C 3 .   ? 16.753  16.197  -1.512  1.00 17.87 ? 426 HOH A O   1 
HETATM 1532 O  O   . HOH C 3 .   ? -12.366 -9.295  -9.849  1.00 31.79 ? 427 HOH A O   1 
HETATM 1533 O  O   . HOH C 3 .   ? -8.935  16.069  3.597   1.00 25.51 ? 428 HOH A O   1 
HETATM 1534 O  O   . HOH C 3 .   ? 5.063   6.048   -1.980  1.00 8.15  ? 429 HOH A O   1 
HETATM 1535 O  O   . HOH C 3 .   ? 16.120  6.255   7.729   1.00 26.07 ? 430 HOH A O   1 
HETATM 1536 O  O   . HOH C 3 .   ? 19.834  -4.574  1.476   1.00 22.15 ? 431 HOH A O   1 
HETATM 1537 O  O   . HOH C 3 .   ? 17.035  -1.661  -0.761  1.00 16.00 ? 432 HOH A O   1 
HETATM 1538 O  O   . HOH C 3 .   ? -6.732  13.287  -11.258 1.00 18.60 ? 433 HOH A O   1 
HETATM 1539 O  O   . HOH C 3 .   ? 19.441  8.809   -1.620  1.00 19.66 ? 434 HOH A O   1 
HETATM 1540 O  O   . HOH C 3 .   ? -9.641  11.991  4.386   1.00 22.65 ? 435 HOH A O   1 
HETATM 1541 O  O   . HOH C 3 .   ? 18.107  -8.726  -8.243  1.00 19.51 ? 436 HOH A O   1 
HETATM 1542 O  O   . HOH C 3 .   ? 1.744   -1.586  6.118   1.00 12.85 ? 437 HOH A O   1 
HETATM 1543 O  O   . HOH C 3 .   ? 16.831  -11.175 9.679   1.00 24.23 ? 438 HOH A O   1 
HETATM 1544 O  O   . HOH C 3 .   ? 17.226  5.465   3.206   1.00 21.13 ? 439 HOH A O   1 
HETATM 1545 O  O   . HOH C 3 .   ? 12.269  11.838  5.108   1.00 18.45 ? 440 HOH A O   1 
HETATM 1546 O  O   . HOH C 3 .   ? 3.004   -5.476  -2.890  1.00 8.85  ? 441 HOH A O   1 
HETATM 1547 O  O   . HOH C 3 .   ? 14.866  2.298   -9.216  1.00 27.68 ? 442 HOH A O   1 
HETATM 1548 O  O   . HOH C 3 .   ? 12.281  10.807  -11.534 1.00 16.48 ? 443 HOH A O   1 
HETATM 1549 O  O   . HOH C 3 .   ? 4.751   6.919   2.013   1.00 10.88 ? 444 HOH A O   1 
HETATM 1550 O  O   . HOH C 3 .   ? 5.037   -6.557  1.573   1.00 23.60 ? 445 HOH A O   1 
HETATM 1551 O  O   . HOH C 3 .   ? 16.393  0.103   -7.599  1.00 20.02 ? 446 HOH A O   1 
HETATM 1552 O  O   . HOH C 3 .   ? -0.683  -6.183  9.824   1.00 16.28 ? 447 HOH A O   1 
HETATM 1553 O  O   . HOH C 3 .   ? 8.382   9.941   -16.643 1.00 29.13 ? 448 HOH A O   1 
HETATM 1554 O  O   . HOH C 3 .   ? 3.750   14.564  -4.835  1.00 22.52 ? 449 HOH A O   1 
HETATM 1555 O  O   . HOH C 3 .   ? -18.693 -7.344  -7.662  1.00 32.82 ? 450 HOH A O   1 
HETATM 1556 O  O   . HOH C 3 .   ? -0.869  -5.989  -8.798  1.00 17.76 ? 451 HOH A O   1 
HETATM 1557 O  O   . HOH C 3 .   ? -15.703 9.182   8.908   1.00 17.28 ? 452 HOH A O   1 
HETATM 1558 O  O   . HOH C 3 .   ? 19.348  0.110   -0.562  1.00 17.84 ? 453 HOH A O   1 
HETATM 1559 O  O   . HOH C 3 .   ? 9.114   5.955   14.332  1.00 23.78 ? 454 HOH A O   1 
HETATM 1560 O  O   . HOH C 3 .   ? -1.794  -5.690  -11.427 1.00 26.43 ? 455 HOH A O   1 
HETATM 1561 O  O   . HOH C 3 .   ? 4.042   -12.224 0.110   1.00 18.88 ? 456 HOH A O   1 
HETATM 1562 O  O   . HOH C 3 .   ? -13.516 -12.115 12.306  1.00 21.36 ? 457 HOH A O   1 
HETATM 1563 O  O   . HOH C 3 .   ? 3.230   11.794  12.565  1.00 29.12 ? 458 HOH A O   1 
HETATM 1564 O  O   . HOH C 3 .   ? 16.635  2.214   8.970   1.00 21.36 ? 459 HOH A O   1 
HETATM 1565 O  O   . HOH C 3 .   ? -1.869  14.335  -16.313 1.00 24.87 ? 460 HOH A O   1 
HETATM 1566 O  O   . HOH C 3 .   ? 11.213  -10.374 7.749   1.00 30.00 ? 461 HOH A O   1 
HETATM 1567 O  O   . HOH C 3 .   ? 1.668   8.167   -21.038 1.00 23.45 ? 462 HOH A O   1 
HETATM 1568 O  O   . HOH C 3 .   ? 6.921   -0.708  -11.454 1.00 19.26 ? 463 HOH A O   1 
HETATM 1569 O  O   . HOH C 3 .   ? 5.263   -7.480  5.414   1.00 34.25 ? 464 HOH A O   1 
HETATM 1570 O  O   . HOH C 3 .   ? -4.969  5.288   -15.742 1.00 13.29 ? 465 HOH A O   1 
HETATM 1571 O  O   . HOH C 3 .   ? 17.757  -2.904  1.589   1.00 14.06 ? 466 HOH A O   1 
HETATM 1572 O  O   . HOH C 3 .   ? -13.800 2.051   -15.782 1.00 33.26 ? 467 HOH A O   1 
HETATM 1573 O  O   . HOH C 3 .   ? -4.500  5.171   17.329  1.00 18.14 ? 468 HOH A O   1 
HETATM 1574 O  O   . HOH C 3 .   ? -16.524 -3.846  -6.720  1.00 31.24 ? 469 HOH A O   1 
HETATM 1575 O  O   . HOH C 3 .   ? 10.376  -11.395 5.210   1.00 29.09 ? 470 HOH A O   1 
HETATM 1576 O  O   . HOH C 3 .   ? 8.719   1.949   11.299  1.00 31.96 ? 471 HOH A O   1 
HETATM 1577 O  O   . HOH C 3 .   ? -17.030 3.291   11.039  1.00 21.31 ? 472 HOH A O   1 
HETATM 1578 O  O   . HOH C 3 .   ? -12.243 -6.596  11.618  1.00 26.64 ? 473 HOH A O   1 
HETATM 1579 O  O   . HOH C 3 .   ? -18.775 -5.410  -1.520  1.00 28.81 ? 474 HOH A O   1 
HETATM 1580 O  O   . HOH C 3 .   ? 3.059   -2.967  8.140   1.00 11.29 ? 475 HOH A O   1 
HETATM 1581 O  O   . HOH C 3 .   ? -11.293 -0.166  -14.745 1.00 34.85 ? 476 HOH A O   1 
HETATM 1582 O  O   . HOH C 3 .   ? 18.148  12.748  -11.867 1.00 27.47 ? 477 HOH A O   1 
HETATM 1583 O  O   . HOH C 3 .   ? -4.318  -17.989 0.169   1.00 32.86 ? 478 HOH A O   1 
HETATM 1584 O  O   . HOH C 3 .   ? 22.470  -5.700  -0.565  1.00 26.18 ? 479 HOH A O   1 
HETATM 1585 O  O   . HOH C 3 .   ? 8.047   17.540  -14.708 1.00 32.80 ? 480 HOH A O   1 
HETATM 1586 O  O   . HOH C 3 .   ? -3.586  7.907   16.248  1.00 17.37 ? 481 HOH A O   1 
HETATM 1587 O  O   . HOH C 3 .   ? -7.833  -18.437 6.404   1.00 31.78 ? 482 HOH A O   1 
HETATM 1588 O  O   . HOH C 3 .   ? 2.625   -8.124  -0.384  1.00 22.09 ? 483 HOH A O   1 
HETATM 1589 O  O   . HOH C 3 .   ? 2.719   10.590  -24.463 1.00 25.06 ? 484 HOH A O   1 
HETATM 1590 O  O   . HOH C 3 .   ? 18.847  -6.293  10.363  1.00 30.61 ? 485 HOH A O   1 
HETATM 1591 O  O   . HOH C 3 .   ? 12.123  11.520  -14.433 1.00 31.79 ? 486 HOH A O   1 
HETATM 1592 O  O   . HOH C 3 .   ? 19.682  -15.675 9.621   1.00 30.61 ? 487 HOH A O   1 
HETATM 1593 O  O   . HOH C 3 .   ? -1.217  -4.582  -14.372 1.00 26.97 ? 488 HOH A O   1 
# 
